data_3NO5
#
_entry.id   3NO5
#
_cell.length_a   83.181
_cell.length_b   81.221
_cell.length_c   140.429
_cell.angle_alpha   90.000
_cell.angle_beta   103.680
_cell.angle_gamma   90.000
#
_symmetry.space_group_name_H-M   'P 1 21 1'
#
loop_
_entity.id
_entity.type
_entity.pdbx_description
1 polymer 'Uncharacterized protein'
2 non-polymer 'ZINC ION'
3 non-polymer 1,2-ETHANEDIOL
4 non-polymer 'ACETATE ION'
5 water water
#
_entity_poly.entity_id   1
_entity_poly.type   'polypeptide(L)'
_entity_poly.pdbx_seq_one_letter_code
;G(MSE)NKPCIISVAITGSLPRKKDNPAVPITVSEQVESTQAAFEAGATLVHLHVRNDDETPTSNPDRFALVLEGIRKHA
PG(MSE)ITQVSTGGRSGAGNERGA(MSE)LSLRPD(MSE)ASLATGSVNFPTRVYDNPPELVDWLAAE(MSE)KTYGIK
PEVEAFDLS(MSE)IFQAAA(MSE)QAAGAIVGPLHIQFV(MSE)GIKNA(MSE)PVDREVLEFYVQTLKRLSPDATWTG
AGIGRHQLT(MSE)ARWSLELGGHCRTGLEDNVRLDKNTLAPSNAALVRQVAELCEEYGRPVATAAQAREI(MSE)SLG
;
_entity_poly.pdbx_strand_id   A,B,C,D,E,F
#
loop_
_chem_comp.id
_chem_comp.type
_chem_comp.name
_chem_comp.formula
ACT non-polymer 'ACETATE ION' 'C2 H3 O2 -1'
EDO non-polymer 1,2-ETHANEDIOL 'C2 H6 O2'
ZN non-polymer 'ZINC ION' 'Zn 2'
#
# COMPACT_ATOMS: atom_id res chain seq x y z
N ASN A 3 -1.27 31.64 -33.96
CA ASN A 3 -1.61 32.69 -33.01
C ASN A 3 -0.49 32.93 -32.00
N LYS A 4 0.26 31.86 -31.64
CA LYS A 4 1.36 31.94 -30.67
C LYS A 4 2.57 32.69 -31.28
N PRO A 5 3.19 33.67 -30.56
CA PRO A 5 4.32 34.41 -31.14
C PRO A 5 5.53 33.52 -31.46
N CYS A 6 6.31 33.90 -32.50
CA CYS A 6 7.49 33.15 -32.92
C CYS A 6 8.76 33.98 -32.75
N ILE A 7 9.75 33.41 -32.04
CA ILE A 7 11.04 34.06 -31.83
C ILE A 7 11.93 33.82 -33.04
N ILE A 8 12.54 34.88 -33.58
CA ILE A 8 13.49 34.73 -34.68
C ILE A 8 14.92 34.91 -34.16
N SER A 9 15.70 33.82 -34.19
CA SER A 9 17.11 33.87 -33.81
C SER A 9 17.94 34.16 -35.04
N VAL A 10 18.98 35.00 -34.90
CA VAL A 10 19.85 35.31 -36.02
C VAL A 10 21.33 34.96 -35.71
N ALA A 11 21.86 33.95 -36.42
CA ALA A 11 23.26 33.54 -36.30
C ALA A 11 24.05 34.31 -37.35
N ILE A 12 24.65 35.44 -36.92
CA ILE A 12 25.24 36.43 -37.82
C ILE A 12 26.52 36.04 -38.56
N THR A 13 27.45 35.33 -37.89
CA THR A 13 28.79 35.11 -38.46
C THR A 13 29.20 33.64 -38.55
N GLY A 14 29.19 32.94 -37.43
CA GLY A 14 29.69 31.57 -37.36
C GLY A 14 31.20 31.51 -37.35
N SER A 15 31.76 30.32 -37.58
CA SER A 15 33.22 30.15 -37.58
C SER A 15 33.77 29.85 -38.99
N LEU A 16 32.90 29.40 -39.92
CA LEU A 16 33.33 29.00 -41.27
CA LEU A 16 33.33 29.00 -41.27
C LEU A 16 33.12 30.10 -42.35
N PRO A 17 31.92 30.78 -42.44
CA PRO A 17 31.71 31.76 -43.53
C PRO A 17 32.78 32.86 -43.62
N ARG A 18 33.24 33.14 -44.85
CA ARG A 18 34.26 34.16 -45.11
C ARG A 18 33.69 35.25 -46.04
N LYS A 19 34.45 36.36 -46.23
CA LYS A 19 34.06 37.44 -47.16
C LYS A 19 34.00 36.92 -48.60
N LYS A 20 34.88 35.94 -48.94
CA LYS A 20 34.92 35.33 -50.27
C LYS A 20 33.64 34.53 -50.58
N ASP A 21 32.99 33.98 -49.53
CA ASP A 21 31.72 33.25 -49.68
C ASP A 21 30.57 34.24 -49.91
N ASN A 22 30.58 35.35 -49.13
CA ASN A 22 29.57 36.42 -49.22
C ASN A 22 30.11 37.67 -48.50
N PRO A 23 30.25 38.83 -49.20
CA PRO A 23 30.78 40.03 -48.52
C PRO A 23 29.87 40.59 -47.41
N ALA A 24 28.62 40.08 -47.33
CA ALA A 24 27.66 40.50 -46.29
C ALA A 24 28.03 39.93 -44.91
N VAL A 25 28.89 38.88 -44.88
CA VAL A 25 29.31 38.24 -43.63
C VAL A 25 30.07 39.24 -42.72
N PRO A 26 29.51 39.57 -41.53
CA PRO A 26 30.19 40.56 -40.67
C PRO A 26 31.40 39.96 -39.92
N ILE A 27 32.57 40.60 -40.06
CA ILE A 27 33.82 40.13 -39.45
C ILE A 27 34.29 41.06 -38.33
N THR A 28 34.37 42.38 -38.61
CA THR A 28 34.81 43.36 -37.62
C THR A 28 33.74 43.62 -36.57
N VAL A 29 34.12 44.29 -35.45
CA VAL A 29 33.18 44.65 -34.38
C VAL A 29 32.05 45.55 -34.92
N SER A 30 32.41 46.60 -35.70
CA SER A 30 31.45 47.53 -36.29
C SER A 30 30.49 46.82 -37.24
N GLU A 31 31.02 45.88 -38.07
CA GLU A 31 30.20 45.10 -39.02
C GLU A 31 29.19 44.23 -38.29
N GLN A 32 29.63 43.54 -37.20
CA GLN A 32 28.75 42.65 -36.42
C GLN A 32 27.66 43.41 -35.68
N VAL A 33 27.99 44.60 -35.13
CA VAL A 33 27.01 45.44 -34.42
C VAL A 33 25.95 45.98 -35.40
N GLU A 34 26.40 46.49 -36.58
CA GLU A 34 25.51 47.03 -37.61
C GLU A 34 24.62 45.94 -38.23
N SER A 35 25.20 44.74 -38.49
CA SER A 35 24.45 43.62 -39.06
C SER A 35 23.38 43.12 -38.07
N THR A 36 23.72 43.09 -36.75
CA THR A 36 22.80 42.67 -35.69
C THR A 36 21.65 43.67 -35.54
N GLN A 37 21.97 44.99 -35.55
CA GLN A 37 20.97 46.05 -35.43
C GLN A 37 19.95 45.98 -36.58
N ALA A 38 20.44 45.79 -37.82
CA ALA A 38 19.57 45.66 -39.01
C ALA A 38 18.67 44.42 -38.89
N ALA A 39 19.23 43.28 -38.41
CA ALA A 39 18.47 42.05 -38.20
C ALA A 39 17.42 42.25 -37.09
N PHE A 40 17.80 43.01 -36.03
CA PHE A 40 16.91 43.33 -34.91
C PHE A 40 15.71 44.18 -35.39
N GLU A 41 15.97 45.15 -36.28
CA GLU A 41 14.92 46.00 -36.85
C GLU A 41 14.04 45.20 -37.84
N ALA A 42 14.58 44.08 -38.37
CA ALA A 42 13.86 43.21 -39.30
C ALA A 42 12.95 42.19 -38.56
N GLY A 43 13.13 42.05 -37.24
CA GLY A 43 12.27 41.18 -36.43
C GLY A 43 13.01 40.17 -35.56
N ALA A 44 14.34 40.09 -35.66
CA ALA A 44 15.11 39.15 -34.86
C ALA A 44 15.22 39.64 -33.41
N THR A 45 14.98 38.74 -32.43
CA THR A 45 15.02 39.11 -31.00
C THR A 45 16.11 38.37 -30.22
N LEU A 46 16.81 37.42 -30.89
CA LEU A 46 17.91 36.68 -30.27
C LEU A 46 19.08 36.63 -31.24
N VAL A 47 20.26 37.04 -30.78
CA VAL A 47 21.46 37.02 -31.63
C VAL A 47 22.42 35.93 -31.18
N HIS A 48 22.69 34.96 -32.08
CA HIS A 48 23.67 33.92 -31.84
C HIS A 48 25.02 34.42 -32.32
N LEU A 49 25.94 34.67 -31.38
CA LEU A 49 27.18 35.38 -31.67
C LEU A 49 28.44 34.52 -31.65
N HIS A 50 29.16 34.52 -32.79
CA HIS A 50 30.53 34.04 -32.94
C HIS A 50 31.38 35.26 -33.23
N VAL A 51 32.62 35.32 -32.72
CA VAL A 51 33.52 36.44 -33.05
C VAL A 51 34.69 35.98 -33.91
N ARG A 52 35.33 36.91 -34.63
CA ARG A 52 36.43 36.58 -35.53
C ARG A 52 37.60 37.51 -35.31
N ASN A 53 38.80 37.07 -35.71
CA ASN A 53 39.98 37.93 -35.76
C ASN A 53 39.89 38.79 -37.02
N ASP A 54 40.74 39.83 -37.12
CA ASP A 54 40.73 40.73 -38.28
C ASP A 54 40.99 39.99 -39.61
N ASP A 55 41.79 38.89 -39.57
CA ASP A 55 42.09 38.09 -40.77
C ASP A 55 40.97 37.05 -41.06
N GLU A 56 39.80 37.19 -40.39
CA GLU A 56 38.60 36.33 -40.57
C GLU A 56 38.68 34.95 -39.88
N THR A 57 39.82 34.64 -39.22
CA THR A 57 39.98 33.36 -38.52
C THR A 57 39.09 33.30 -37.26
N PRO A 58 38.51 32.13 -36.92
CA PRO A 58 37.66 32.06 -35.72
C PRO A 58 38.44 32.25 -34.42
N THR A 59 37.79 32.83 -33.40
CA THR A 59 38.40 33.05 -32.08
C THR A 59 37.34 33.04 -30.98
N SER A 60 37.76 32.75 -29.74
CA SER A 60 36.88 32.79 -28.57
C SER A 60 37.26 33.99 -27.70
N ASN A 61 38.16 34.87 -28.22
CA ASN A 61 38.67 36.09 -27.55
C ASN A 61 37.58 36.83 -26.76
N PRO A 62 37.68 36.85 -25.40
CA PRO A 62 36.65 37.53 -24.60
C PRO A 62 36.61 39.04 -24.80
N ASP A 63 37.77 39.66 -25.12
CA ASP A 63 37.85 41.11 -25.38
C ASP A 63 37.07 41.48 -26.64
N ARG A 64 37.15 40.63 -27.69
CA ARG A 64 36.39 40.83 -28.93
C ARG A 64 34.89 40.65 -28.64
N PHE A 65 34.53 39.62 -27.85
CA PHE A 65 33.14 39.39 -27.43
C PHE A 65 32.58 40.58 -26.65
N ALA A 66 33.38 41.14 -25.71
CA ALA A 66 32.97 42.27 -24.87
C ALA A 66 32.59 43.50 -25.71
N LEU A 67 33.40 43.82 -26.75
CA LEU A 67 33.16 44.97 -27.63
C LEU A 67 31.87 44.82 -28.44
N VAL A 68 31.62 43.62 -28.99
CA VAL A 68 30.43 43.34 -29.79
C VAL A 68 29.17 43.34 -28.92
N LEU A 69 29.23 42.66 -27.73
CA LEU A 69 28.09 42.60 -26.80
C LEU A 69 27.67 43.99 -26.33
N GLU A 70 28.67 44.89 -26.08
CA GLU A 70 28.41 46.27 -25.65
CA GLU A 70 28.41 46.27 -25.65
C GLU A 70 27.66 47.04 -26.75
N GLY A 71 28.10 46.88 -28.00
CA GLY A 71 27.48 47.52 -29.16
C GLY A 71 26.07 47.04 -29.41
N ILE A 72 25.82 45.72 -29.20
CA ILE A 72 24.50 45.12 -29.38
C ILE A 72 23.51 45.64 -28.31
N ARG A 73 23.96 45.74 -27.05
CA ARG A 73 23.11 46.26 -25.96
C ARG A 73 22.69 47.71 -26.20
N LYS A 74 23.58 48.51 -26.82
CA LYS A 74 23.29 49.93 -27.10
C LYS A 74 22.43 50.12 -28.36
N HIS A 75 22.78 49.40 -29.47
CA HIS A 75 22.10 49.58 -30.76
C HIS A 75 20.87 48.68 -30.96
N ALA A 76 20.78 47.58 -30.20
CA ALA A 76 19.61 46.69 -30.24
C ALA A 76 19.11 46.44 -28.80
N PRO A 77 18.49 47.46 -28.14
CA PRO A 77 18.09 47.29 -26.73
C PRO A 77 16.98 46.26 -26.54
N GLY A 78 17.16 45.38 -25.56
CA GLY A 78 16.20 44.32 -25.26
C GLY A 78 16.48 43.02 -25.96
N MSE A 79 17.34 43.05 -27.02
CA MSE A 79 17.68 41.85 -27.79
C MSE A 79 18.44 40.84 -26.93
O MSE A 79 19.35 41.22 -26.19
CB MSE A 79 18.48 42.21 -29.04
CG MSE A 79 18.47 41.12 -30.10
SE MSE A 79 19.75 41.44 -31.52
CE MSE A 79 18.96 40.31 -32.91
N ILE A 80 18.06 39.57 -27.01
CA ILE A 80 18.71 38.50 -26.25
C ILE A 80 20.07 38.17 -26.86
N THR A 81 21.13 38.25 -26.03
CA THR A 81 22.48 37.93 -26.48
C THR A 81 22.79 36.47 -26.20
N GLN A 82 23.29 35.75 -27.22
CA GLN A 82 23.63 34.34 -27.07
C GLN A 82 25.02 34.07 -27.64
N VAL A 83 26.02 33.89 -26.76
CA VAL A 83 27.39 33.62 -27.20
C VAL A 83 27.56 32.16 -27.58
N SER A 84 28.43 31.90 -28.56
CA SER A 84 28.74 30.54 -28.96
C SER A 84 29.88 29.99 -28.13
N THR A 85 29.77 28.72 -27.70
CA THR A 85 30.85 28.05 -26.97
C THR A 85 31.48 26.96 -27.86
N GLY A 86 31.29 27.09 -29.18
CA GLY A 86 31.87 26.17 -30.15
C GLY A 86 33.37 26.34 -30.28
N GLY A 87 34.02 25.35 -30.88
CA GLY A 87 35.47 25.38 -31.05
C GLY A 87 36.03 24.16 -31.73
N ARG A 88 37.33 24.21 -32.03
CA ARG A 88 38.07 23.13 -32.69
C ARG A 88 38.26 21.92 -31.75
N SER A 89 38.61 20.76 -32.31
CA SER A 89 38.89 19.55 -31.53
C SER A 89 40.20 19.74 -30.74
N GLY A 90 40.16 19.40 -29.46
CA GLY A 90 41.31 19.56 -28.59
C GLY A 90 41.21 20.77 -27.68
N ALA A 91 40.41 21.79 -28.10
CA ALA A 91 40.19 23.00 -27.30
C ALA A 91 39.35 22.68 -26.06
N GLY A 92 39.81 23.15 -24.92
CA GLY A 92 39.15 22.88 -23.65
C GLY A 92 38.37 24.06 -23.11
N ASN A 93 38.76 24.53 -21.91
CA ASN A 93 38.12 25.65 -21.19
C ASN A 93 38.10 26.97 -21.97
N GLU A 94 39.03 27.12 -22.96
CA GLU A 94 39.13 28.30 -23.81
CA GLU A 94 39.12 28.32 -23.80
CA GLU A 94 39.12 28.32 -23.80
C GLU A 94 37.77 28.60 -24.48
N ARG A 95 36.99 27.54 -24.76
CA ARG A 95 35.68 27.65 -25.42
C ARG A 95 34.62 28.39 -24.58
N GLY A 96 34.86 28.51 -23.28
CA GLY A 96 33.95 29.20 -22.37
C GLY A 96 34.59 30.36 -21.64
N ALA A 97 35.65 30.95 -22.24
CA ALA A 97 36.39 32.06 -21.61
C ALA A 97 35.61 33.40 -21.64
N MSE A 98 34.56 33.49 -22.48
CA MSE A 98 33.76 34.72 -22.62
C MSE A 98 32.51 34.74 -21.71
O MSE A 98 31.81 35.76 -21.65
CB MSE A 98 33.36 34.93 -24.09
CG MSE A 98 32.10 34.11 -24.54
SE MSE A 98 32.36 32.16 -24.49
CE MSE A 98 33.73 32.00 -25.88
N LEU A 99 32.22 33.62 -21.05
CA LEU A 99 31.02 33.47 -20.24
C LEU A 99 30.93 34.45 -19.05
N SER A 100 32.09 34.89 -18.51
CA SER A 100 32.11 35.84 -17.38
C SER A 100 31.60 37.25 -17.77
N LEU A 101 31.41 37.49 -19.10
CA LEU A 101 30.85 38.76 -19.61
C LEU A 101 29.35 38.83 -19.33
N ARG A 102 28.78 37.71 -18.84
CA ARG A 102 27.37 37.58 -18.49
C ARG A 102 26.38 37.92 -19.63
N PRO A 103 26.46 37.22 -20.79
CA PRO A 103 25.41 37.39 -21.80
C PRO A 103 24.10 36.75 -21.31
N ASP A 104 22.98 36.98 -22.02
CA ASP A 104 21.70 36.39 -21.63
C ASP A 104 21.74 34.89 -21.73
N MSE A 105 22.34 34.37 -22.83
CA MSE A 105 22.37 32.95 -23.13
C MSE A 105 23.73 32.52 -23.70
O MSE A 105 24.55 33.37 -24.05
CB MSE A 105 21.27 32.59 -24.14
CG MSE A 105 19.86 32.77 -23.61
SE MSE A 105 18.54 32.27 -24.92
CE MSE A 105 18.64 30.36 -24.71
N ALA A 106 23.93 31.20 -23.81
CA ALA A 106 25.13 30.61 -24.40
C ALA A 106 24.80 29.25 -24.97
N SER A 107 25.33 28.95 -26.18
CA SER A 107 25.10 27.65 -26.82
CA SER A 107 25.09 27.66 -26.82
C SER A 107 25.79 26.54 -26.05
N LEU A 108 25.18 25.37 -26.00
CA LEU A 108 25.74 24.23 -25.28
C LEU A 108 25.49 22.92 -26.02
N ALA A 109 26.51 22.41 -26.72
CA ALA A 109 26.42 21.11 -27.37
C ALA A 109 26.60 20.03 -26.30
N THR A 110 25.57 19.21 -26.07
CA THR A 110 25.58 18.22 -24.97
C THR A 110 26.13 16.84 -25.40
N GLY A 111 26.68 16.78 -26.61
CA GLY A 111 27.26 15.56 -27.13
C GLY A 111 28.20 15.82 -28.28
N SER A 112 28.84 14.75 -28.79
CA SER A 112 29.72 14.85 -29.94
C SER A 112 29.02 14.30 -31.18
N VAL A 113 29.36 14.85 -32.35
CA VAL A 113 28.76 14.46 -33.63
C VAL A 113 29.77 14.68 -34.76
N ASN A 114 29.63 13.93 -35.86
CA ASN A 114 30.50 14.13 -37.02
C ASN A 114 30.06 15.33 -37.83
N PHE A 115 31.03 16.15 -38.23
CA PHE A 115 30.80 17.32 -39.06
C PHE A 115 31.30 17.04 -40.50
N PRO A 116 31.13 17.97 -41.49
CA PRO A 116 31.51 17.65 -42.87
C PRO A 116 32.95 17.18 -43.07
N THR A 117 33.92 17.76 -42.35
CA THR A 117 35.36 17.43 -42.54
C THR A 117 36.05 16.90 -41.28
N ARG A 118 35.39 17.00 -40.12
CA ARG A 118 36.00 16.58 -38.84
C ARG A 118 34.95 16.12 -37.84
N VAL A 119 35.39 15.76 -36.62
CA VAL A 119 34.47 15.42 -35.54
C VAL A 119 34.23 16.69 -34.72
N TYR A 120 32.96 17.02 -34.46
CA TYR A 120 32.65 18.12 -33.56
C TYR A 120 32.74 17.61 -32.13
N ASP A 121 33.95 17.67 -31.55
CA ASP A 121 34.23 17.11 -30.23
C ASP A 121 33.69 17.95 -29.10
N ASN A 122 32.93 17.31 -28.21
CA ASN A 122 32.41 17.93 -27.00
C ASN A 122 32.56 16.95 -25.84
N PRO A 123 33.80 16.78 -25.31
CA PRO A 123 34.01 15.79 -24.23
C PRO A 123 33.05 15.97 -23.06
N PRO A 124 32.62 14.86 -22.41
CA PRO A 124 31.67 14.99 -21.27
C PRO A 124 32.16 15.96 -20.19
N GLU A 125 33.49 15.98 -19.92
CA GLU A 125 34.07 16.88 -18.92
CA GLU A 125 34.09 16.88 -18.92
C GLU A 125 33.91 18.34 -19.34
N LEU A 126 34.01 18.63 -20.66
CA LEU A 126 33.83 19.97 -21.19
C LEU A 126 32.36 20.40 -21.12
N VAL A 127 31.42 19.49 -21.48
CA VAL A 127 29.97 19.74 -21.41
C VAL A 127 29.58 20.12 -19.96
N ASP A 128 30.07 19.34 -18.96
CA ASP A 128 29.81 19.60 -17.54
C ASP A 128 30.36 20.96 -17.11
N TRP A 129 31.63 21.27 -17.50
CA TRP A 129 32.28 22.52 -17.13
C TRP A 129 31.56 23.73 -17.71
N LEU A 130 31.23 23.69 -19.03
CA LEU A 130 30.52 24.79 -19.70
C LEU A 130 29.16 25.07 -19.05
N ALA A 131 28.41 24.00 -18.72
CA ALA A 131 27.09 24.12 -18.06
C ALA A 131 27.23 24.74 -16.68
N ALA A 132 28.26 24.32 -15.91
CA ALA A 132 28.51 24.86 -14.57
C ALA A 132 28.90 26.35 -14.62
N GLU A 133 29.69 26.74 -15.64
CA GLU A 133 30.09 28.15 -15.82
C GLU A 133 28.89 29.03 -16.15
N MSE A 134 27.99 28.54 -17.04
CA MSE A 134 26.77 29.27 -17.40
C MSE A 134 25.89 29.49 -16.18
O MSE A 134 25.42 30.60 -15.97
CB MSE A 134 25.98 28.51 -18.49
CG MSE A 134 26.65 28.51 -19.83
SE MSE A 134 25.82 27.25 -21.05
CE MSE A 134 27.33 26.96 -22.21
N LYS A 135 25.73 28.44 -15.33
CA LYS A 135 24.97 28.54 -14.07
C LYS A 135 25.58 29.58 -13.16
N THR A 136 26.92 29.54 -13.00
CA THR A 136 27.65 30.48 -12.16
C THR A 136 27.37 31.94 -12.57
N TYR A 137 27.39 32.23 -13.90
CA TYR A 137 27.21 33.60 -14.38
C TYR A 137 25.76 33.94 -14.77
N GLY A 138 24.80 33.14 -14.29
CA GLY A 138 23.38 33.36 -14.53
C GLY A 138 22.99 33.33 -15.99
N ILE A 139 23.67 32.50 -16.78
CA ILE A 139 23.43 32.36 -18.23
C ILE A 139 22.47 31.19 -18.50
N LYS A 140 21.43 31.43 -19.32
CA LYS A 140 20.51 30.37 -19.71
C LYS A 140 21.10 29.61 -20.91
N PRO A 141 21.32 28.28 -20.79
CA PRO A 141 21.90 27.55 -21.93
C PRO A 141 20.91 27.31 -23.05
N GLU A 142 21.40 27.31 -24.30
CA GLU A 142 20.63 26.83 -25.42
C GLU A 142 21.27 25.54 -25.86
N VAL A 143 20.61 24.42 -25.55
CA VAL A 143 21.15 23.11 -25.90
C VAL A 143 21.17 22.94 -27.42
N GLU A 144 22.34 22.66 -27.99
CA GLU A 144 22.47 22.40 -29.41
C GLU A 144 22.37 20.91 -29.64
N ALA A 145 21.22 20.44 -30.12
CA ALA A 145 21.00 19.01 -30.36
C ALA A 145 21.29 18.66 -31.80
N PHE A 146 22.50 18.15 -32.07
CA PHE A 146 22.93 17.76 -33.42
C PHE A 146 22.56 16.29 -33.68
N ASP A 147 22.10 15.57 -32.64
CA ASP A 147 21.71 14.17 -32.74
C ASP A 147 20.74 13.84 -31.60
N LEU A 148 20.00 12.72 -31.72
CA LEU A 148 18.96 12.32 -30.76
C LEU A 148 19.43 12.21 -29.29
N SER A 149 20.60 11.57 -29.05
CA SER A 149 21.11 11.36 -27.68
C SER A 149 21.33 12.66 -26.90
N MSE A 150 21.57 13.78 -27.63
CA MSE A 150 21.81 15.08 -27.01
C MSE A 150 20.56 15.63 -26.32
O MSE A 150 20.69 16.40 -25.36
CB MSE A 150 22.37 16.07 -28.03
CG MSE A 150 23.68 15.61 -28.62
SE MSE A 150 24.64 17.01 -29.56
CE MSE A 150 25.73 15.89 -30.65
N ILE A 151 19.35 15.21 -26.76
CA ILE A 151 18.10 15.58 -26.11
C ILE A 151 18.02 14.86 -24.76
N PHE A 152 18.35 13.55 -24.76
CA PHE A 152 18.36 12.75 -23.53
C PHE A 152 19.39 13.27 -22.54
N GLN A 153 20.57 13.68 -23.03
CA GLN A 153 21.63 14.24 -22.18
C GLN A 153 21.16 15.56 -21.54
N ALA A 154 20.52 16.44 -22.34
CA ALA A 154 20.00 17.72 -21.85
C ALA A 154 18.96 17.50 -20.74
N ALA A 155 18.03 16.54 -20.94
CA ALA A 155 17.00 16.22 -19.96
C ALA A 155 17.58 15.63 -18.68
N ALA A 156 18.62 14.76 -18.81
CA ALA A 156 19.29 14.15 -17.65
C ALA A 156 20.06 15.22 -16.85
N MSE A 157 20.64 16.22 -17.54
CA MSE A 157 21.35 17.32 -16.89
C MSE A 157 20.38 18.26 -16.16
O MSE A 157 20.68 18.70 -15.05
CB MSE A 157 22.18 18.10 -17.91
CG MSE A 157 23.39 17.33 -18.41
SE MSE A 157 24.25 18.19 -19.92
CE MSE A 157 24.99 19.68 -19.05
N GLN A 158 19.21 18.53 -16.77
CA GLN A 158 18.18 19.36 -16.14
C GLN A 158 17.63 18.66 -14.87
N ALA A 159 17.43 17.33 -14.95
CA ALA A 159 16.93 16.53 -13.83
C ALA A 159 17.91 16.52 -12.65
N ALA A 160 19.23 16.52 -12.95
CA ALA A 160 20.28 16.50 -11.93
C ALA A 160 20.54 17.91 -11.36
N GLY A 161 20.02 18.94 -12.01
CA GLY A 161 20.21 20.32 -11.59
C GLY A 161 21.38 21.01 -12.26
N ALA A 162 22.03 20.31 -13.24
CA ALA A 162 23.16 20.87 -14.00
C ALA A 162 22.69 22.00 -14.93
N ILE A 163 21.43 21.93 -15.40
CA ILE A 163 20.80 23.01 -16.17
C ILE A 163 19.58 23.49 -15.37
N VAL A 164 19.49 24.79 -15.07
CA VAL A 164 18.42 25.35 -14.24
CA VAL A 164 18.38 25.32 -14.26
C VAL A 164 17.29 25.96 -15.10
N GLY A 165 16.04 25.79 -14.64
CA GLY A 165 14.85 26.32 -15.30
C GLY A 165 14.42 25.53 -16.52
N PRO A 166 13.37 26.00 -17.25
CA PRO A 166 12.92 25.26 -18.45
C PRO A 166 13.99 25.21 -19.53
N LEU A 167 14.10 24.08 -20.23
CA LEU A 167 15.10 23.90 -21.29
C LEU A 167 14.72 24.63 -22.55
N HIS A 168 15.72 25.23 -23.22
CA HIS A 168 15.54 25.68 -24.59
C HIS A 168 16.51 24.94 -25.46
N ILE A 169 16.00 24.11 -26.35
CA ILE A 169 16.81 23.25 -27.17
C ILE A 169 16.69 23.61 -28.64
N GLN A 170 17.80 23.52 -29.36
CA GLN A 170 17.80 23.79 -30.78
C GLN A 170 18.08 22.52 -31.56
N PHE A 171 17.14 22.10 -32.40
CA PHE A 171 17.31 20.91 -33.24
C PHE A 171 18.00 21.30 -34.54
N VAL A 172 19.25 20.88 -34.71
CA VAL A 172 20.07 21.27 -35.87
C VAL A 172 20.04 20.20 -36.96
N MSE A 173 19.63 20.57 -38.18
CA MSE A 173 19.55 19.63 -39.29
C MSE A 173 20.14 20.23 -40.58
O MSE A 173 20.10 21.43 -40.79
CB MSE A 173 18.09 19.20 -39.54
CG MSE A 173 17.55 18.30 -38.44
SE MSE A 173 15.68 17.86 -38.71
CE MSE A 173 15.56 16.42 -37.53
N GLY A 174 20.70 19.36 -41.43
CA GLY A 174 21.25 19.76 -42.72
C GLY A 174 22.77 19.75 -42.80
N ILE A 175 23.44 19.41 -41.70
CA ILE A 175 24.91 19.34 -41.69
C ILE A 175 25.39 17.98 -42.21
N LYS A 176 26.29 17.99 -43.21
CA LYS A 176 26.85 16.76 -43.79
C LYS A 176 27.53 15.92 -42.70
N ASN A 177 27.21 14.60 -42.66
CA ASN A 177 27.75 13.63 -41.67
C ASN A 177 27.06 13.68 -40.31
N ALA A 178 26.21 14.70 -40.08
CA ALA A 178 25.44 14.81 -38.84
C ALA A 178 23.99 14.36 -39.11
N MSE A 179 22.99 15.10 -38.59
CA MSE A 179 21.59 14.76 -38.82
C MSE A 179 21.06 15.46 -40.08
O MSE A 179 21.04 16.70 -40.14
CB MSE A 179 20.73 15.12 -37.61
CG MSE A 179 19.26 14.69 -37.74
SE MSE A 179 19.03 12.77 -37.87
CE MSE A 179 19.56 12.29 -36.13
N PRO A 180 20.59 14.69 -41.11
CA PRO A 180 20.02 15.35 -42.28
C PRO A 180 18.65 15.93 -41.98
N VAL A 181 18.17 16.84 -42.85
CA VAL A 181 16.83 17.42 -42.68
C VAL A 181 15.77 16.33 -42.95
N ASP A 182 14.99 15.99 -41.91
CA ASP A 182 13.99 14.93 -41.99
C ASP A 182 12.78 15.29 -41.14
N ARG A 183 11.58 15.32 -41.74
CA ARG A 183 10.34 15.70 -41.05
C ARG A 183 9.99 14.74 -39.91
N GLU A 184 10.06 13.42 -40.17
CA GLU A 184 9.71 12.40 -39.18
C GLU A 184 10.63 12.45 -37.95
N VAL A 185 11.93 12.69 -38.17
CA VAL A 185 12.89 12.81 -37.06
C VAL A 185 12.61 14.07 -36.23
N LEU A 186 12.30 15.21 -36.89
CA LEU A 186 11.96 16.45 -36.18
C LEU A 186 10.71 16.26 -35.32
N GLU A 187 9.69 15.57 -35.87
CA GLU A 187 8.46 15.26 -35.13
C GLU A 187 8.78 14.37 -33.93
N PHE A 188 9.69 13.38 -34.11
CA PHE A 188 10.10 12.50 -33.02
C PHE A 188 10.91 13.29 -31.97
N TYR A 189 11.75 14.26 -32.43
CA TYR A 189 12.52 15.15 -31.56
C TYR A 189 11.55 15.89 -30.60
N VAL A 190 10.48 16.50 -31.17
CA VAL A 190 9.48 17.27 -30.41
C VAL A 190 8.72 16.37 -29.43
N GLN A 191 8.28 15.18 -29.90
CA GLN A 191 7.58 14.20 -29.06
C GLN A 191 8.47 13.72 -27.90
N THR A 192 9.77 13.47 -28.19
CA THR A 192 10.74 13.03 -27.18
C THR A 192 10.99 14.15 -26.15
N LEU A 193 11.18 15.40 -26.62
CA LEU A 193 11.39 16.55 -25.74
C LEU A 193 10.17 16.75 -24.82
N LYS A 194 8.96 16.61 -25.36
CA LYS A 194 7.71 16.74 -24.60
C LYS A 194 7.60 15.66 -23.52
N ARG A 195 8.05 14.44 -23.83
CA ARG A 195 8.01 13.31 -22.89
C ARG A 195 9.03 13.51 -21.73
N LEU A 196 10.25 13.96 -22.06
CA LEU A 196 11.33 14.13 -21.07
C LEU A 196 11.24 15.46 -20.31
N SER A 197 10.90 16.56 -21.02
CA SER A 197 10.88 17.91 -20.44
C SER A 197 9.62 18.66 -20.94
N PRO A 198 8.45 18.47 -20.27
CA PRO A 198 7.18 19.00 -20.83
C PRO A 198 7.10 20.52 -20.97
N ASP A 199 7.83 21.28 -20.14
CA ASP A 199 7.78 22.75 -20.17
C ASP A 199 8.88 23.37 -21.06
N ALA A 200 9.64 22.52 -21.77
CA ALA A 200 10.74 22.99 -22.61
C ALA A 200 10.26 23.73 -23.86
N THR A 201 11.05 24.70 -24.32
CA THR A 201 10.81 25.41 -25.59
C THR A 201 11.86 24.96 -26.59
N TRP A 202 11.60 25.10 -27.91
CA TRP A 202 12.56 24.64 -28.90
C TRP A 202 12.62 25.49 -30.16
N THR A 203 13.77 25.43 -30.85
CA THR A 203 14.00 26.10 -32.13
C THR A 203 14.52 25.08 -33.15
N GLY A 204 13.97 25.12 -34.34
CA GLY A 204 14.44 24.30 -35.44
C GLY A 204 15.43 25.06 -36.29
N ALA A 205 16.61 24.47 -36.55
CA ALA A 205 17.65 25.15 -37.31
C ALA A 205 18.11 24.33 -38.51
N GLY A 206 18.10 24.96 -39.69
CA GLY A 206 18.51 24.31 -40.93
C GLY A 206 19.71 24.98 -41.58
N ILE A 207 20.67 24.16 -42.04
CA ILE A 207 21.88 24.66 -42.70
C ILE A 207 21.77 24.56 -44.23
N GLY A 208 22.27 25.59 -44.91
CA GLY A 208 22.28 25.66 -46.37
C GLY A 208 20.92 25.90 -46.99
N ARG A 209 20.61 25.12 -48.04
CA ARG A 209 19.35 25.25 -48.80
C ARG A 209 18.11 24.83 -47.98
N HIS A 210 18.32 24.19 -46.82
CA HIS A 210 17.21 23.72 -45.97
C HIS A 210 16.90 24.69 -44.83
N GLN A 211 17.50 25.91 -44.87
CA GLN A 211 17.30 26.94 -43.85
C GLN A 211 15.81 27.34 -43.71
N LEU A 212 15.14 27.61 -44.83
CA LEU A 212 13.73 28.00 -44.81
C LEU A 212 12.81 26.81 -44.55
N THR A 213 13.23 25.59 -44.99
CA THR A 213 12.45 24.36 -44.75
C THR A 213 12.29 24.13 -43.24
N MSE A 214 13.39 24.24 -42.48
CA MSE A 214 13.36 24.06 -41.04
C MSE A 214 12.56 25.15 -40.32
O MSE A 214 11.90 24.88 -39.34
CB MSE A 214 14.77 23.92 -40.47
CG MSE A 214 15.43 22.61 -40.84
SE MSE A 214 14.56 21.07 -40.02
CE MSE A 214 15.16 21.35 -38.18
N ALA A 215 12.58 26.40 -40.89
CA ALA A 215 11.79 27.51 -40.36
C ALA A 215 10.29 27.25 -40.53
N ARG A 216 9.89 26.73 -41.72
CA ARG A 216 8.49 26.39 -42.01
C ARG A 216 7.99 25.30 -41.06
N TRP A 217 8.79 24.22 -40.87
CA TRP A 217 8.43 23.10 -40.00
C TRP A 217 8.33 23.54 -38.53
N SER A 218 9.24 24.44 -38.08
CA SER A 218 9.23 24.96 -36.72
C SER A 218 7.94 25.74 -36.46
N LEU A 219 7.53 26.59 -37.41
CA LEU A 219 6.30 27.36 -37.31
C LEU A 219 5.08 26.43 -37.19
N GLU A 220 5.04 25.36 -38.02
CA GLU A 220 3.93 24.38 -38.04
C GLU A 220 3.84 23.58 -36.74
N LEU A 221 5.00 23.15 -36.20
CA LEU A 221 5.05 22.26 -35.03
C LEU A 221 5.04 23.00 -33.67
N GLY A 222 4.93 24.33 -33.70
CA GLY A 222 4.86 25.15 -32.50
C GLY A 222 6.20 25.50 -31.89
N GLY A 223 7.23 25.50 -32.72
CA GLY A 223 8.58 25.86 -32.30
C GLY A 223 8.98 27.26 -32.74
N HIS A 224 10.26 27.60 -32.56
CA HIS A 224 10.78 28.91 -32.93
C HIS A 224 11.80 28.80 -34.06
N CYS A 225 12.16 29.93 -34.69
CA CYS A 225 12.99 29.91 -35.89
C CYS A 225 14.39 30.44 -35.70
N ARG A 226 15.32 29.97 -36.57
CA ARG A 226 16.68 30.47 -36.63
C ARG A 226 17.10 30.66 -38.08
N THR A 227 17.76 31.79 -38.37
CA THR A 227 18.32 32.07 -39.69
C THR A 227 19.66 32.81 -39.51
N GLY A 228 20.26 33.23 -40.63
CA GLY A 228 21.52 33.96 -40.59
C GLY A 228 22.60 33.39 -41.49
N LEU A 229 23.62 34.22 -41.80
CA LEU A 229 24.72 33.87 -42.70
C LEU A 229 25.60 32.73 -42.17
N GLU A 230 25.61 32.51 -40.83
CA GLU A 230 26.35 31.41 -40.21
C GLU A 230 25.90 30.05 -40.78
N ASP A 231 24.58 29.89 -41.01
CA ASP A 231 24.00 28.64 -41.49
C ASP A 231 23.85 28.60 -43.00
N ASN A 232 23.64 29.78 -43.64
CA ASN A 232 23.40 29.86 -45.09
C ASN A 232 23.69 31.26 -45.63
N VAL A 233 24.54 31.34 -46.68
CA VAL A 233 24.92 32.63 -47.28
C VAL A 233 24.02 33.02 -48.47
N ARG A 234 23.16 32.09 -48.93
CA ARG A 234 22.31 32.31 -50.10
C ARG A 234 20.87 32.70 -49.71
N LEU A 235 20.31 33.71 -50.39
CA LEU A 235 18.91 34.12 -50.22
C LEU A 235 18.02 33.11 -50.96
N ASP A 236 18.53 32.60 -52.09
CA ASP A 236 17.92 31.54 -52.89
C ASP A 236 19.04 30.82 -53.67
N LYS A 237 18.70 29.85 -54.53
CA LYS A 237 19.71 29.08 -55.28
C LYS A 237 20.62 29.97 -56.14
N ASN A 238 20.07 31.04 -56.76
CA ASN A 238 20.81 31.91 -57.68
C ASN A 238 21.35 33.21 -57.04
N THR A 239 20.85 33.57 -55.84
CA THR A 239 21.21 34.87 -55.23
C THR A 239 21.85 34.73 -53.84
N LEU A 240 22.96 35.48 -53.61
CA LEU A 240 23.58 35.57 -52.29
C LEU A 240 22.78 36.54 -51.42
N ALA A 241 22.73 36.28 -50.10
CA ALA A 241 22.01 37.17 -49.19
C ALA A 241 22.77 38.50 -49.01
N PRO A 242 22.11 39.66 -49.26
CA PRO A 242 22.83 40.95 -49.13
C PRO A 242 23.12 41.33 -47.69
N SER A 243 22.43 40.68 -46.71
CA SER A 243 22.61 40.95 -45.28
C SER A 243 21.93 39.89 -44.44
N ASN A 244 22.18 39.89 -43.12
CA ASN A 244 21.49 39.01 -42.18
C ASN A 244 20.02 39.43 -42.05
N ALA A 245 19.75 40.77 -42.15
CA ALA A 245 18.39 41.33 -42.08
C ALA A 245 17.50 40.78 -43.20
N ALA A 246 18.09 40.56 -44.41
CA ALA A 246 17.35 40.01 -45.57
C ALA A 246 16.89 38.59 -45.29
N LEU A 247 17.72 37.80 -44.57
CA LEU A 247 17.36 36.42 -44.20
C LEU A 247 16.31 36.41 -43.09
N VAL A 248 16.39 37.39 -42.15
CA VAL A 248 15.39 37.54 -41.08
C VAL A 248 14.03 37.90 -41.68
N ARG A 249 14.02 38.76 -42.73
CA ARG A 249 12.79 39.16 -43.44
C ARG A 249 12.08 37.93 -44.04
N GLN A 250 12.87 36.98 -44.61
CA GLN A 250 12.32 35.74 -45.19
C GLN A 250 11.52 34.97 -44.12
N VAL A 251 12.11 34.83 -42.91
CA VAL A 251 11.47 34.13 -41.79
C VAL A 251 10.26 34.93 -41.27
N ALA A 252 10.39 36.27 -41.19
CA ALA A 252 9.30 37.16 -40.76
C ALA A 252 8.10 37.04 -41.71
N GLU A 253 8.36 36.86 -43.03
CA GLU A 253 7.32 36.66 -44.05
C GLU A 253 6.63 35.32 -43.84
N LEU A 254 7.41 34.27 -43.50
CA LEU A 254 6.86 32.94 -43.21
C LEU A 254 5.98 32.98 -41.95
N CYS A 255 6.32 33.85 -40.97
CA CYS A 255 5.54 34.01 -39.74
C CYS A 255 4.10 34.47 -40.05
N GLU A 256 3.95 35.51 -40.91
CA GLU A 256 2.64 36.03 -41.33
C GLU A 256 1.86 34.96 -42.11
N GLU A 257 2.58 34.15 -42.94
CA GLU A 257 1.97 33.08 -43.73
CA GLU A 257 1.99 33.07 -43.74
C GLU A 257 1.35 32.00 -42.84
N TYR A 258 2.02 31.66 -41.73
CA TYR A 258 1.52 30.63 -40.80
C TYR A 258 0.64 31.23 -39.66
N GLY A 259 0.36 32.53 -39.75
CA GLY A 259 -0.51 33.23 -38.79
C GLY A 259 0.11 33.48 -37.43
N ARG A 260 1.43 33.23 -37.31
CA ARG A 260 2.12 33.44 -36.04
C ARG A 260 2.84 34.79 -36.03
N PRO A 261 2.54 35.67 -35.05
CA PRO A 261 3.21 37.00 -35.05
C PRO A 261 4.68 36.91 -34.67
N VAL A 262 5.50 37.81 -35.23
CA VAL A 262 6.91 37.87 -34.88
C VAL A 262 7.05 38.40 -33.45
N ALA A 263 7.63 37.60 -32.54
CA ALA A 263 7.75 37.97 -31.13
C ALA A 263 8.60 39.22 -30.95
N THR A 264 8.19 40.10 -30.01
CA THR A 264 8.97 41.29 -29.65
C THR A 264 10.08 40.86 -28.68
N ALA A 265 11.00 41.80 -28.34
CA ALA A 265 12.09 41.50 -27.41
C ALA A 265 11.55 41.08 -26.02
N ALA A 266 10.49 41.79 -25.53
CA ALA A 266 9.84 41.49 -24.24
C ALA A 266 9.12 40.13 -24.26
N GLN A 267 8.46 39.80 -25.39
CA GLN A 267 7.76 38.52 -25.54
C GLN A 267 8.76 37.36 -25.60
N ALA A 268 9.88 37.55 -26.34
CA ALA A 268 10.92 36.52 -26.48
C ALA A 268 11.54 36.15 -25.13
N ARG A 269 11.80 37.16 -24.27
CA ARG A 269 12.35 36.93 -22.93
C ARG A 269 11.34 36.21 -22.03
N GLU A 270 10.04 36.50 -22.21
CA GLU A 270 8.96 35.84 -21.46
C GLU A 270 8.84 34.35 -21.86
N ILE A 271 8.84 34.06 -23.18
CA ILE A 271 8.73 32.69 -23.70
C ILE A 271 9.87 31.79 -23.17
N MSE A 272 11.12 32.31 -23.18
CA MSE A 272 12.25 31.52 -22.71
CA MSE A 272 12.31 31.58 -22.74
C MSE A 272 12.58 31.73 -21.22
O MSE A 272 13.63 31.31 -20.75
CB MSE A 272 13.48 31.74 -23.60
CB MSE A 272 13.54 32.03 -23.56
CG MSE A 272 13.41 30.96 -24.89
CG MSE A 272 13.51 31.55 -25.01
SE MSE A 272 14.89 31.29 -26.06
SE MSE A 272 14.76 32.53 -26.14
CE MSE A 272 14.51 33.11 -26.51
CE MSE A 272 14.56 31.51 -27.77
N SER A 273 11.62 32.32 -20.47
CA SER A 273 11.74 32.53 -19.01
C SER A 273 13.05 33.25 -18.60
N LEU A 274 13.36 34.37 -19.28
CA LEU A 274 14.57 35.15 -18.99
C LEU A 274 14.22 36.40 -18.17
N GLY A 275 15.25 37.02 -17.58
CA GLY A 275 15.09 38.25 -16.82
C GLY A 275 14.77 39.46 -17.68
N ASN B 3 7.13 -17.35 -36.18
CA ASN B 3 8.21 -18.20 -35.65
C ASN B 3 9.51 -18.01 -36.45
N LYS B 4 9.90 -16.74 -36.70
CA LYS B 4 11.12 -16.41 -37.45
C LYS B 4 12.38 -16.72 -36.61
N PRO B 5 13.41 -17.38 -37.20
CA PRO B 5 14.61 -17.71 -36.41
C PRO B 5 15.35 -16.48 -35.87
N CYS B 6 16.02 -16.63 -34.71
CA CYS B 6 16.75 -15.54 -34.09
C CYS B 6 18.25 -15.85 -34.01
N ILE B 7 19.08 -14.93 -34.54
CA ILE B 7 20.54 -15.06 -34.50
C ILE B 7 21.06 -14.58 -33.15
N ILE B 8 21.91 -15.39 -32.51
CA ILE B 8 22.53 -14.97 -31.25
C ILE B 8 24.00 -14.59 -31.50
N SER B 9 24.32 -13.30 -31.36
CA SER B 9 25.69 -12.83 -31.48
C SER B 9 26.34 -12.88 -30.11
N VAL B 10 27.62 -13.27 -30.05
CA VAL B 10 28.35 -13.32 -28.79
C VAL B 10 29.61 -12.43 -28.83
N ALA B 11 29.61 -11.35 -28.03
CA ALA B 11 30.76 -10.46 -27.90
C ALA B 11 31.59 -10.97 -26.72
N ILE B 12 32.61 -11.77 -27.02
CA ILE B 12 33.35 -12.55 -26.03
C ILE B 12 34.26 -11.77 -25.06
N THR B 13 34.96 -10.73 -25.54
CA THR B 13 36.00 -10.08 -24.71
C THR B 13 35.84 -8.57 -24.55
N GLY B 14 35.76 -7.85 -25.67
CA GLY B 14 35.73 -6.39 -25.64
C GLY B 14 37.09 -5.79 -25.38
N SER B 15 37.14 -4.50 -25.05
CA SER B 15 38.41 -3.81 -24.78
C SER B 15 38.57 -3.43 -23.30
N LEU B 16 37.43 -3.40 -22.54
CA LEU B 16 37.45 -2.97 -21.13
C LEU B 16 37.46 -4.14 -20.10
N PRO B 17 36.60 -5.21 -20.25
CA PRO B 17 36.55 -6.26 -19.21
C PRO B 17 37.91 -6.92 -18.91
N ARG B 18 38.21 -7.11 -17.62
CA ARG B 18 39.47 -7.73 -17.18
C ARG B 18 39.20 -8.96 -16.32
N LYS B 19 40.26 -9.77 -16.03
CA LYS B 19 40.14 -10.96 -15.19
C LYS B 19 39.66 -10.59 -13.77
N LYS B 20 40.02 -9.37 -13.30
CA LYS B 20 39.60 -8.86 -11.97
C LYS B 20 38.08 -8.64 -11.92
N ASP B 21 37.46 -8.28 -13.08
CA ASP B 21 36.01 -8.09 -13.18
C ASP B 21 35.30 -9.44 -13.17
N ASN B 22 35.84 -10.41 -13.92
CA ASN B 22 35.31 -11.77 -14.01
C ASN B 22 36.39 -12.68 -14.63
N PRO B 23 36.81 -13.77 -13.92
CA PRO B 23 37.87 -14.65 -14.48
C PRO B 23 37.44 -15.41 -15.74
N ALA B 24 36.13 -15.39 -16.05
CA ALA B 24 35.58 -16.05 -17.25
C ALA B 24 35.93 -15.28 -18.53
N VAL B 25 36.35 -14.00 -18.40
CA VAL B 25 36.71 -13.17 -19.55
C VAL B 25 37.93 -13.77 -20.29
N PRO B 26 37.75 -14.19 -21.56
CA PRO B 26 38.88 -14.80 -22.29
C PRO B 26 39.89 -13.76 -22.80
N ILE B 27 41.18 -13.95 -22.44
CA ILE B 27 42.25 -13.01 -22.81
C ILE B 27 43.22 -13.65 -23.83
N THR B 28 43.72 -14.86 -23.53
CA THR B 28 44.66 -15.55 -24.41
C THR B 28 43.95 -16.11 -25.65
N VAL B 29 44.74 -16.53 -26.67
CA VAL B 29 44.21 -17.12 -27.90
C VAL B 29 43.41 -18.41 -27.57
N SER B 30 44.00 -19.30 -26.74
N SER B 30 44.00 -19.30 -26.74
CA SER B 30 43.37 -20.55 -26.33
CA SER B 30 43.36 -20.56 -26.32
C SER B 30 42.06 -20.31 -25.57
C SER B 30 42.06 -20.31 -25.54
N GLU B 31 42.05 -19.29 -24.68
CA GLU B 31 40.84 -18.93 -23.90
C GLU B 31 39.72 -18.43 -24.80
N GLN B 32 40.06 -17.55 -25.79
CA GLN B 32 39.07 -16.99 -26.72
C GLN B 32 38.48 -18.04 -27.64
N VAL B 33 39.31 -19.00 -28.11
CA VAL B 33 38.85 -20.08 -28.99
C VAL B 33 37.90 -21.03 -28.22
N GLU B 34 38.29 -21.43 -26.98
CA GLU B 34 37.45 -22.33 -26.18
CA GLU B 34 37.47 -22.33 -26.13
C GLU B 34 36.16 -21.67 -25.69
N SER B 35 36.22 -20.35 -25.35
CA SER B 35 35.02 -19.60 -24.93
C SER B 35 34.05 -19.45 -26.10
N THR B 36 34.58 -19.23 -27.33
CA THR B 36 33.76 -19.10 -28.55
C THR B 36 33.10 -20.44 -28.89
N GLN B 37 33.87 -21.55 -28.83
CA GLN B 37 33.36 -22.89 -29.12
C GLN B 37 32.19 -23.26 -28.18
N ALA B 38 32.35 -22.98 -26.86
CA ALA B 38 31.31 -23.24 -25.86
C ALA B 38 30.06 -22.41 -26.14
N ALA B 39 30.24 -21.12 -26.52
CA ALA B 39 29.13 -20.24 -26.87
C ALA B 39 28.44 -20.73 -28.15
N PHE B 40 29.24 -21.23 -29.13
CA PHE B 40 28.73 -21.79 -30.38
C PHE B 40 27.86 -23.02 -30.12
N GLU B 41 28.31 -23.89 -29.19
CA GLU B 41 27.55 -25.09 -28.80
C GLU B 41 26.29 -24.72 -28.01
N ALA B 42 26.28 -23.52 -27.40
CA ALA B 42 25.14 -23.02 -26.61
C ALA B 42 24.06 -22.37 -27.51
N GLY B 43 24.40 -22.08 -28.77
CA GLY B 43 23.44 -21.52 -29.72
C GLY B 43 23.88 -20.26 -30.45
N ALA B 44 25.07 -19.72 -30.10
CA ALA B 44 25.58 -18.52 -30.77
C ALA B 44 26.10 -18.86 -32.17
N THR B 45 25.74 -18.06 -33.18
CA THR B 45 26.15 -18.30 -34.57
C THR B 45 26.99 -17.18 -35.14
N LEU B 46 27.20 -16.12 -34.35
CA LEU B 46 28.03 -14.99 -34.73
C LEU B 46 28.95 -14.62 -33.58
N VAL B 47 30.23 -14.46 -33.85
CA VAL B 47 31.19 -14.06 -32.81
C VAL B 47 31.75 -12.66 -33.07
N HIS B 48 31.49 -11.72 -32.15
CA HIS B 48 32.04 -10.37 -32.22
C HIS B 48 33.37 -10.39 -31.48
N LEU B 49 34.48 -10.25 -32.23
CA LEU B 49 35.81 -10.47 -31.70
C LEU B 49 36.65 -9.22 -31.48
N HIS B 50 37.10 -9.03 -30.23
CA HIS B 50 38.16 -8.09 -29.83
C HIS B 50 39.33 -8.95 -29.39
N VAL B 51 40.57 -8.52 -29.66
CA VAL B 51 41.75 -9.26 -29.17
C VAL B 51 42.50 -8.47 -28.11
N ARG B 52 43.29 -9.16 -27.26
CA ARG B 52 44.04 -8.50 -26.19
C ARG B 52 45.48 -8.94 -26.19
N ASN B 53 46.35 -8.12 -25.57
CA ASN B 53 47.72 -8.51 -25.31
C ASN B 53 47.73 -9.44 -24.09
N ASP B 54 48.87 -10.10 -23.82
CA ASP B 54 48.98 -11.02 -22.67
C ASP B 54 48.71 -10.33 -21.32
N ASP B 55 49.07 -9.02 -21.22
CA ASP B 55 48.84 -8.23 -19.99
C ASP B 55 47.39 -7.68 -19.91
N GLU B 56 46.49 -8.19 -20.80
CA GLU B 56 45.04 -7.84 -20.84
C GLU B 56 44.75 -6.47 -21.50
N THR B 57 45.79 -5.73 -21.95
CA THR B 57 45.59 -4.43 -22.61
C THR B 57 44.98 -4.62 -24.02
N PRO B 58 44.07 -3.70 -24.46
CA PRO B 58 43.48 -3.87 -25.80
C PRO B 58 44.49 -3.68 -26.94
N THR B 59 44.26 -4.39 -28.06
CA THR B 59 45.12 -4.29 -29.24
C THR B 59 44.34 -4.59 -30.53
N SER B 60 44.83 -4.08 -31.66
CA SER B 60 44.24 -4.35 -32.96
C SER B 60 45.17 -5.29 -33.77
N ASN B 61 46.22 -5.83 -33.08
CA ASN B 61 47.24 -6.72 -33.64
C ASN B 61 46.65 -7.76 -34.62
N PRO B 62 46.98 -7.66 -35.94
CA PRO B 62 46.41 -8.63 -36.91
C PRO B 62 46.90 -10.06 -36.71
N ASP B 63 48.13 -10.22 -36.18
CA ASP B 63 48.70 -11.55 -35.90
C ASP B 63 47.91 -12.26 -34.81
N ARG B 64 47.50 -11.51 -33.77
CA ARG B 64 46.67 -12.04 -32.69
C ARG B 64 45.28 -12.41 -33.23
N PHE B 65 44.70 -11.54 -34.08
CA PHE B 65 43.41 -11.79 -34.74
C PHE B 65 43.47 -13.06 -35.61
N ALA B 66 44.56 -13.23 -36.38
CA ALA B 66 44.75 -14.38 -37.28
C ALA B 66 44.71 -15.71 -36.52
N LEU B 67 45.40 -15.79 -35.35
CA LEU B 67 45.46 -16.99 -34.53
C LEU B 67 44.09 -17.37 -33.96
N VAL B 68 43.32 -16.38 -33.47
CA VAL B 68 42.00 -16.61 -32.89
C VAL B 68 40.99 -17.00 -33.98
N LEU B 69 40.99 -16.28 -35.13
CA LEU B 69 40.09 -16.58 -36.26
C LEU B 69 40.32 -17.98 -36.81
N GLU B 70 41.60 -18.45 -36.86
CA GLU B 70 41.95 -19.80 -37.32
C GLU B 70 41.36 -20.87 -36.38
N GLY B 71 41.47 -20.64 -35.07
CA GLY B 71 40.94 -21.53 -34.05
C GLY B 71 39.42 -21.60 -34.07
N ILE B 72 38.76 -20.45 -34.32
CA ILE B 72 37.29 -20.38 -34.41
C ILE B 72 36.77 -21.16 -35.63
N ARG B 73 37.45 -21.01 -36.79
CA ARG B 73 37.05 -21.71 -38.02
C ARG B 73 37.14 -23.24 -37.86
N LYS B 74 38.14 -23.71 -37.09
CA LYS B 74 38.35 -25.14 -36.84
C LYS B 74 37.41 -25.71 -35.76
N HIS B 75 37.27 -25.00 -34.63
CA HIS B 75 36.49 -25.49 -33.48
C HIS B 75 35.01 -25.11 -33.52
N ALA B 76 34.65 -24.07 -34.29
CA ALA B 76 33.25 -23.67 -34.46
C ALA B 76 32.95 -23.51 -35.97
N PRO B 77 32.88 -24.64 -36.73
CA PRO B 77 32.68 -24.52 -38.19
C PRO B 77 31.31 -23.97 -38.57
N GLY B 78 31.29 -23.04 -39.52
CA GLY B 78 30.07 -22.40 -39.99
C GLY B 78 29.71 -21.13 -39.24
N MSE B 79 30.34 -20.92 -38.05
CA MSE B 79 30.07 -19.72 -37.23
C MSE B 79 30.54 -18.47 -37.95
O MSE B 79 31.64 -18.44 -38.52
CB MSE B 79 30.76 -19.84 -35.86
CG MSE B 79 30.19 -18.87 -34.81
SE MSE B 79 31.22 -18.85 -33.18
CE MSE B 79 29.87 -18.12 -31.98
N ILE B 80 29.69 -17.42 -37.95
CA ILE B 80 30.02 -16.14 -38.58
C ILE B 80 31.06 -15.40 -37.74
N THR B 81 32.16 -15.00 -38.37
CA THR B 81 33.20 -14.27 -37.68
CA THR B 81 33.21 -14.27 -37.67
C THR B 81 33.09 -12.78 -37.91
N GLN B 82 33.15 -11.99 -36.85
CA GLN B 82 33.04 -10.53 -36.92
C GLN B 82 34.14 -9.90 -36.10
N VAL B 83 35.04 -9.15 -36.75
CA VAL B 83 36.14 -8.46 -36.05
C VAL B 83 35.71 -7.05 -35.64
N SER B 84 36.25 -6.55 -34.53
CA SER B 84 35.96 -5.19 -34.09
C SER B 84 36.96 -4.21 -34.70
N THR B 85 36.47 -3.05 -35.14
CA THR B 85 37.34 -1.99 -35.68
C THR B 85 37.37 -0.79 -34.71
N GLY B 86 37.02 -1.04 -33.44
CA GLY B 86 37.04 -0.03 -32.40
C GLY B 86 38.44 0.38 -32.01
N GLY B 87 38.57 1.52 -31.34
CA GLY B 87 39.87 2.02 -30.91
C GLY B 87 39.81 3.35 -30.18
N ARG B 88 40.99 3.81 -29.67
CA ARG B 88 41.08 5.06 -28.91
C ARG B 88 41.06 6.30 -29.83
N SER B 89 40.86 7.50 -29.23
CA SER B 89 40.82 8.77 -29.98
C SER B 89 42.20 9.13 -30.53
N GLY B 90 42.27 9.38 -31.83
CA GLY B 90 43.52 9.70 -32.50
C GLY B 90 44.04 8.55 -33.34
N ALA B 91 43.58 7.31 -33.05
CA ALA B 91 43.96 6.12 -33.81
C ALA B 91 43.30 6.16 -35.20
N GLY B 92 44.09 5.92 -36.23
CA GLY B 92 43.63 6.00 -37.60
C GLY B 92 43.39 4.66 -38.26
N ASN B 93 44.07 4.41 -39.40
CA ASN B 93 43.91 3.20 -40.21
C ASN B 93 44.30 1.89 -39.48
N GLU B 94 45.12 1.99 -38.40
CA GLU B 94 45.51 0.80 -37.61
C GLU B 94 44.29 0.10 -36.97
N ARG B 95 43.15 0.81 -36.86
CA ARG B 95 41.90 0.22 -36.36
C ARG B 95 41.32 -0.81 -37.35
N GLY B 96 41.76 -0.75 -38.60
CA GLY B 96 41.33 -1.68 -39.64
C GLY B 96 42.47 -2.44 -40.28
N ALA B 97 43.52 -2.74 -39.50
CA ALA B 97 44.71 -3.46 -40.01
C ALA B 97 44.47 -4.97 -40.11
N MSE B 98 43.39 -5.49 -39.49
CA MSE B 98 43.08 -6.91 -39.50
C MSE B 98 42.08 -7.29 -40.62
O MSE B 98 41.80 -8.48 -40.81
CB MSE B 98 42.55 -7.37 -38.12
CG MSE B 98 41.06 -7.06 -37.88
SE MSE B 98 40.62 -5.15 -37.87
CE MSE B 98 41.53 -4.63 -36.26
N LEU B 99 41.53 -6.29 -41.35
CA LEU B 99 40.52 -6.54 -42.39
C LEU B 99 41.01 -7.43 -43.55
N SER B 100 42.34 -7.47 -43.81
CA SER B 100 42.94 -8.30 -44.85
CA SER B 100 42.92 -8.30 -44.86
C SER B 100 42.78 -9.80 -44.55
N LEU B 101 42.51 -10.15 -43.27
CA LEU B 101 42.32 -11.55 -42.85
C LEU B 101 40.99 -12.12 -43.38
N ARG B 102 40.15 -11.25 -43.97
CA ARG B 102 38.88 -11.60 -44.59
C ARG B 102 37.92 -12.36 -43.64
N PRO B 103 37.53 -11.76 -42.49
CA PRO B 103 36.46 -12.37 -41.69
C PRO B 103 35.13 -12.22 -42.43
N ASP B 104 34.09 -12.96 -41.99
CA ASP B 104 32.77 -12.85 -42.61
C ASP B 104 32.26 -11.44 -42.47
N MSE B 105 32.45 -10.85 -41.28
CA MSE B 105 31.91 -9.53 -40.94
C MSE B 105 32.91 -8.68 -40.17
O MSE B 105 33.96 -9.17 -39.74
CB MSE B 105 30.62 -9.68 -40.13
CG MSE B 105 29.48 -10.32 -40.90
SE MSE B 105 27.84 -10.32 -39.90
CE MSE B 105 27.38 -8.45 -40.11
N ALA B 106 32.57 -7.37 -39.97
CA ALA B 106 33.37 -6.43 -39.19
C ALA B 106 32.49 -5.30 -38.68
N SER B 107 32.77 -4.81 -37.47
CA SER B 107 32.02 -3.72 -36.87
C SER B 107 32.36 -2.40 -37.54
N LEU B 108 31.37 -1.51 -37.69
CA LEU B 108 31.60 -0.22 -38.33
C LEU B 108 30.76 0.87 -37.68
N ALA B 109 31.38 1.68 -36.81
CA ALA B 109 30.70 2.84 -36.23
C ALA B 109 30.68 3.95 -37.28
N THR B 110 29.47 4.35 -37.70
CA THR B 110 29.31 5.32 -38.81
C THR B 110 29.23 6.78 -38.32
N GLY B 111 29.49 6.99 -37.04
CA GLY B 111 29.50 8.32 -36.46
C GLY B 111 30.24 8.39 -35.15
N SER B 112 30.33 9.60 -34.58
CA SER B 112 30.98 9.80 -33.28
C SER B 112 29.93 10.00 -32.20
N VAL B 113 30.22 9.56 -30.98
CA VAL B 113 29.30 9.64 -29.84
C VAL B 113 30.10 9.76 -28.54
N ASN B 114 29.51 10.38 -27.51
CA ASN B 114 30.17 10.46 -26.21
C ASN B 114 30.07 9.15 -25.46
N PHE B 115 31.17 8.72 -24.85
CA PHE B 115 31.24 7.51 -24.04
C PHE B 115 31.33 7.91 -22.54
N PRO B 116 31.33 6.95 -21.58
CA PRO B 116 31.30 7.34 -20.15
C PRO B 116 32.42 8.29 -19.70
N THR B 117 33.66 8.12 -20.24
CA THR B 117 34.81 8.92 -19.80
C THR B 117 35.48 9.71 -20.94
N ARG B 118 35.13 9.42 -22.20
CA ARG B 118 35.77 10.08 -23.34
C ARG B 118 34.81 10.18 -24.53
N VAL B 119 35.29 10.71 -25.67
CA VAL B 119 34.55 10.74 -26.91
C VAL B 119 34.92 9.51 -27.72
N TYR B 120 33.93 8.76 -28.20
CA TYR B 120 34.20 7.65 -29.10
C TYR B 120 34.35 8.22 -30.52
N ASP B 121 35.58 8.63 -30.86
CA ASP B 121 35.88 9.30 -32.12
C ASP B 121 35.88 8.37 -33.31
N ASN B 122 35.13 8.74 -34.34
CA ASN B 122 35.09 8.02 -35.60
C ASN B 122 35.07 9.04 -36.75
N PRO B 123 36.24 9.66 -37.06
CA PRO B 123 36.25 10.70 -38.10
C PRO B 123 35.64 10.24 -39.42
N PRO B 124 34.95 11.15 -40.16
CA PRO B 124 34.31 10.74 -41.43
C PRO B 124 35.29 10.05 -42.40
N GLU B 125 36.55 10.54 -42.46
CA GLU B 125 37.59 9.96 -43.32
C GLU B 125 37.91 8.51 -42.90
N LEU B 126 37.88 8.23 -41.57
CA LEU B 126 38.13 6.89 -41.05
C LEU B 126 36.95 5.95 -41.37
N VAL B 127 35.70 6.45 -41.19
CA VAL B 127 34.49 5.69 -41.52
C VAL B 127 34.52 5.25 -43.00
N ASP B 128 34.85 6.20 -43.92
CA ASP B 128 34.95 5.94 -45.35
C ASP B 128 36.03 4.91 -45.66
N TRP B 129 37.23 5.06 -45.04
CA TRP B 129 38.35 4.15 -45.28
C TRP B 129 38.03 2.73 -44.80
N LEU B 130 37.48 2.58 -43.57
CA LEU B 130 37.11 1.27 -43.02
C LEU B 130 36.09 0.56 -43.90
N ALA B 131 35.06 1.30 -44.37
CA ALA B 131 34.03 0.74 -45.24
C ALA B 131 34.59 0.31 -46.59
N ALA B 132 35.52 1.11 -47.17
CA ALA B 132 36.16 0.79 -48.45
C ALA B 132 37.04 -0.46 -48.33
N GLU B 133 37.73 -0.62 -47.17
CA GLU B 133 38.55 -1.81 -46.91
C GLU B 133 37.69 -3.06 -46.80
N MSE B 134 36.53 -2.96 -46.11
CA MSE B 134 35.58 -4.08 -45.97
C MSE B 134 35.01 -4.48 -47.34
O MSE B 134 34.88 -5.67 -47.63
CB MSE B 134 34.45 -3.72 -45.01
CG MSE B 134 34.91 -3.53 -43.59
SE MSE B 134 33.49 -2.85 -42.46
CE MSE B 134 34.57 -2.07 -41.07
N LYS B 135 34.69 -3.47 -48.19
CA LYS B 135 34.18 -3.71 -49.55
C LYS B 135 35.25 -4.39 -50.42
N THR B 136 36.54 -4.00 -50.22
CA THR B 136 37.67 -4.60 -50.94
C THR B 136 37.86 -6.09 -50.57
N TYR B 137 37.75 -6.43 -49.27
CA TYR B 137 37.99 -7.79 -48.80
C TYR B 137 36.72 -8.65 -48.68
N GLY B 138 35.62 -8.21 -49.32
CA GLY B 138 34.35 -8.93 -49.33
C GLY B 138 33.74 -9.12 -47.95
N ILE B 139 33.99 -8.15 -47.04
CA ILE B 139 33.52 -8.22 -45.66
C ILE B 139 32.16 -7.51 -45.53
N LYS B 140 31.18 -8.20 -44.94
CA LYS B 140 29.89 -7.57 -44.68
C LYS B 140 29.97 -6.74 -43.39
N PRO B 141 29.75 -5.41 -43.46
CA PRO B 141 29.86 -4.62 -42.24
C PRO B 141 28.68 -4.77 -41.32
N GLU B 142 28.91 -4.65 -40.01
CA GLU B 142 27.84 -4.52 -39.05
C GLU B 142 27.89 -3.10 -38.53
N VAL B 143 26.93 -2.27 -38.96
CA VAL B 143 26.90 -0.89 -38.55
C VAL B 143 26.57 -0.78 -37.07
N GLU B 144 27.45 -0.12 -36.30
CA GLU B 144 27.22 0.09 -34.88
C GLU B 144 26.55 1.45 -34.69
N ALA B 145 25.24 1.44 -34.45
CA ALA B 145 24.47 2.66 -34.30
C ALA B 145 24.34 3.04 -32.83
N PHE B 146 25.21 3.93 -32.36
CA PHE B 146 25.20 4.41 -30.97
C PHE B 146 24.30 5.63 -30.82
N ASP B 147 23.81 6.17 -31.97
CA ASP B 147 22.93 7.33 -31.99
C ASP B 147 22.12 7.33 -33.30
N LEU B 148 21.01 8.09 -33.35
CA LEU B 148 20.09 8.11 -34.48
C LEU B 148 20.74 8.44 -35.85
N SER B 149 21.61 9.49 -35.90
CA SER B 149 22.24 9.92 -37.18
C SER B 149 23.05 8.82 -37.85
N MSE B 150 23.56 7.85 -37.06
CA MSE B 150 24.36 6.74 -37.58
C MSE B 150 23.54 5.79 -38.47
O MSE B 150 24.10 5.16 -39.37
CB MSE B 150 25.06 5.98 -36.45
CG MSE B 150 25.98 6.87 -35.64
SE MSE B 150 27.19 5.90 -34.46
CE MSE B 150 27.59 7.31 -33.26
N ILE B 151 22.21 5.75 -38.26
CA ILE B 151 21.32 4.96 -39.12
C ILE B 151 21.22 5.65 -40.48
N PHE B 152 21.06 7.00 -40.48
CA PHE B 152 20.99 7.79 -41.70
C PHE B 152 22.29 7.72 -42.47
N GLN B 153 23.44 7.75 -41.77
CA GLN B 153 24.77 7.65 -42.39
C GLN B 153 24.93 6.29 -43.07
N ALA B 154 24.52 5.20 -42.37
CA ALA B 154 24.59 3.83 -42.91
C ALA B 154 23.76 3.69 -44.21
N ALA B 155 22.53 4.25 -44.20
CA ALA B 155 21.63 4.20 -45.36
C ALA B 155 22.19 5.02 -46.53
N ALA B 156 22.81 6.19 -46.24
CA ALA B 156 23.41 7.05 -47.27
C ALA B 156 24.63 6.37 -47.90
N MSE B 157 25.40 5.60 -47.08
CA MSE B 157 26.56 4.86 -47.57
C MSE B 157 26.14 3.68 -48.44
O MSE B 157 26.77 3.43 -49.47
CB MSE B 157 27.43 4.39 -46.39
CG MSE B 157 28.15 5.53 -45.70
SE MSE B 157 28.95 4.99 -44.01
CE MSE B 157 30.35 3.92 -44.70
N GLN B 158 25.06 2.97 -48.05
CA GLN B 158 24.52 1.86 -48.84
C GLN B 158 24.01 2.36 -50.20
N ALA B 159 23.32 3.53 -50.19
CA ALA B 159 22.78 4.15 -51.41
C ALA B 159 23.90 4.57 -52.38
N ALA B 160 25.04 5.02 -51.84
CA ALA B 160 26.18 5.48 -52.65
C ALA B 160 27.06 4.29 -53.13
N GLY B 161 26.80 3.10 -52.58
CA GLY B 161 27.54 1.89 -52.93
C GLY B 161 28.74 1.64 -52.04
N ALA B 162 28.92 2.47 -50.98
CA ALA B 162 30.00 2.33 -50.00
C ALA B 162 29.82 1.06 -49.16
N ILE B 163 28.56 0.67 -48.92
CA ILE B 163 28.23 -0.59 -48.25
C ILE B 163 27.44 -1.47 -49.23
N VAL B 164 27.92 -2.72 -49.45
CA VAL B 164 27.35 -3.65 -50.42
C VAL B 164 26.33 -4.61 -49.76
N GLY B 165 25.23 -4.87 -50.47
CA GLY B 165 24.21 -5.82 -50.04
C GLY B 165 23.30 -5.30 -48.95
N PRO B 166 22.39 -6.16 -48.44
CA PRO B 166 21.48 -5.70 -47.37
C PRO B 166 22.24 -5.28 -46.10
N LEU B 167 21.84 -4.15 -45.51
CA LEU B 167 22.49 -3.62 -44.31
C LEU B 167 22.20 -4.47 -43.10
N HIS B 168 23.18 -4.61 -42.20
CA HIS B 168 22.95 -5.14 -40.88
C HIS B 168 23.39 -4.12 -39.87
N ILE B 169 22.46 -3.65 -39.06
CA ILE B 169 22.75 -2.59 -38.12
C ILE B 169 22.50 -3.04 -36.68
N GLN B 170 23.38 -2.63 -35.76
CA GLN B 170 23.22 -2.96 -34.36
C GLN B 170 22.88 -1.71 -33.56
N PHE B 171 21.70 -1.71 -32.92
CA PHE B 171 21.27 -0.59 -32.09
C PHE B 171 21.80 -0.77 -30.68
N VAL B 172 22.75 0.09 -30.28
CA VAL B 172 23.42 -0.02 -28.98
C VAL B 172 22.79 0.91 -27.93
N MSE B 173 22.36 0.35 -26.76
CA MSE B 173 21.74 1.14 -25.68
C MSE B 173 22.33 0.81 -24.30
O MSE B 173 22.74 -0.32 -24.05
CB MSE B 173 20.21 0.95 -25.66
CG MSE B 173 19.52 1.58 -26.84
SE MSE B 173 17.60 1.33 -26.79
CE MSE B 173 17.20 2.35 -28.21
N GLY B 174 22.31 1.80 -23.40
CA GLY B 174 22.75 1.60 -22.02
C GLY B 174 24.11 2.18 -21.69
N ILE B 175 24.80 2.77 -22.68
CA ILE B 175 26.12 3.38 -22.43
C ILE B 175 25.96 4.80 -21.89
N LYS B 176 26.61 5.10 -20.75
CA LYS B 176 26.57 6.43 -20.14
C LYS B 176 27.09 7.49 -21.12
N ASN B 177 26.32 8.61 -21.28
CA ASN B 177 26.64 9.74 -22.18
C ASN B 177 26.28 9.48 -23.64
N ALA B 178 25.93 8.22 -23.98
CA ALA B 178 25.47 7.87 -25.33
C ALA B 178 23.94 7.74 -25.34
N MSE B 179 23.40 6.69 -25.97
CA MSE B 179 21.94 6.49 -26.01
C MSE B 179 21.48 5.62 -24.84
O MSE B 179 21.90 4.46 -24.73
CB MSE B 179 21.51 5.87 -27.35
CG MSE B 179 19.97 5.72 -27.50
SE MSE B 179 19.03 7.41 -27.47
CE MSE B 179 19.70 8.18 -29.08
N PRO B 180 20.60 6.14 -23.94
CA PRO B 180 20.11 5.30 -22.84
C PRO B 180 19.11 4.26 -23.32
N VAL B 181 18.84 3.26 -22.48
CA VAL B 181 17.84 2.24 -22.81
C VAL B 181 16.45 2.89 -22.86
N ASP B 182 15.80 2.82 -24.04
CA ASP B 182 14.49 3.42 -24.23
C ASP B 182 13.71 2.66 -25.30
N ARG B 183 12.54 2.13 -24.93
CA ARG B 183 11.68 1.36 -25.82
C ARG B 183 11.19 2.18 -27.03
N GLU B 184 10.73 3.42 -26.80
CA GLU B 184 10.20 4.28 -27.87
CA GLU B 184 10.20 4.29 -27.85
C GLU B 184 11.26 4.64 -28.90
N VAL B 185 12.52 4.88 -28.45
CA VAL B 185 13.64 5.17 -29.36
CA VAL B 185 13.57 5.18 -29.41
C VAL B 185 13.96 3.94 -30.22
N LEU B 186 13.97 2.74 -29.58
CA LEU B 186 14.26 1.49 -30.31
C LEU B 186 13.19 1.25 -31.37
N GLU B 187 11.91 1.49 -31.02
CA GLU B 187 10.80 1.37 -31.97
C GLU B 187 10.97 2.36 -33.13
N PHE B 188 11.41 3.60 -32.82
CA PHE B 188 11.66 4.61 -33.85
C PHE B 188 12.86 4.22 -34.71
N TYR B 189 13.91 3.61 -34.09
CA TYR B 189 15.09 3.09 -34.79
C TYR B 189 14.65 2.09 -35.88
N VAL B 190 13.80 1.11 -35.49
CA VAL B 190 13.30 0.06 -36.40
C VAL B 190 12.44 0.66 -37.53
N GLN B 191 11.52 1.60 -37.16
CA GLN B 191 10.66 2.29 -38.13
CA GLN B 191 10.66 2.30 -38.14
C GLN B 191 11.51 3.08 -39.14
N THR B 192 12.56 3.78 -38.65
CA THR B 192 13.46 4.57 -39.48
C THR B 192 14.27 3.67 -40.41
N LEU B 193 14.82 2.56 -39.88
CA LEU B 193 15.58 1.60 -40.68
C LEU B 193 14.70 1.00 -41.80
N LYS B 194 13.44 0.66 -41.48
CA LYS B 194 12.50 0.10 -42.44
C LYS B 194 12.19 1.12 -43.56
N ARG B 195 12.09 2.41 -43.21
CA ARG B 195 11.82 3.49 -44.17
C ARG B 195 13.02 3.71 -45.12
N LEU B 196 14.24 3.73 -44.56
CA LEU B 196 15.47 4.02 -45.33
C LEU B 196 16.02 2.78 -46.07
N SER B 197 15.98 1.61 -45.42
CA SER B 197 16.55 0.37 -45.95
C SER B 197 15.59 -0.82 -45.68
N PRO B 198 14.57 -1.03 -46.55
CA PRO B 198 13.52 -2.03 -46.23
C PRO B 198 13.99 -3.48 -46.05
N ASP B 199 15.08 -3.88 -46.72
CA ASP B 199 15.57 -5.26 -46.65
C ASP B 199 16.67 -5.44 -45.58
N ALA B 200 16.92 -4.41 -44.76
CA ALA B 200 17.94 -4.47 -43.72
C ALA B 200 17.56 -5.37 -42.57
N THR B 201 18.57 -5.99 -41.94
CA THR B 201 18.39 -6.79 -40.73
C THR B 201 19.00 -6.02 -39.56
N TRP B 202 18.57 -6.30 -38.32
CA TRP B 202 19.09 -5.57 -37.18
C TRP B 202 19.23 -6.39 -35.92
N THR B 203 20.14 -5.96 -35.02
CA THR B 203 20.38 -6.58 -33.72
C THR B 203 20.29 -5.49 -32.64
N GLY B 204 19.59 -5.80 -31.56
CA GLY B 204 19.53 -4.92 -30.40
C GLY B 204 20.56 -5.33 -29.38
N ALA B 205 21.38 -4.37 -28.91
CA ALA B 205 22.43 -4.67 -27.93
C ALA B 205 22.32 -3.80 -26.68
N GLY B 206 22.33 -4.44 -25.51
CA GLY B 206 22.26 -3.76 -24.22
C GLY B 206 23.50 -3.96 -23.38
N ILE B 207 23.92 -2.93 -22.65
CA ILE B 207 25.10 -2.99 -21.78
C ILE B 207 24.69 -3.23 -20.33
N GLY B 208 25.45 -4.08 -19.64
CA GLY B 208 25.22 -4.39 -18.23
C GLY B 208 23.89 -5.04 -17.94
N ARG B 209 23.10 -4.43 -17.04
CA ARG B 209 21.77 -4.90 -16.65
C ARG B 209 20.81 -4.90 -17.86
N HIS B 210 21.07 -4.01 -18.84
CA HIS B 210 20.19 -3.84 -19.99
C HIS B 210 20.44 -4.86 -21.10
N GLN B 211 21.38 -5.80 -20.89
CA GLN B 211 21.71 -6.85 -21.87
C GLN B 211 20.48 -7.73 -22.19
N LEU B 212 19.81 -8.26 -21.14
CA LEU B 212 18.63 -9.09 -21.33
C LEU B 212 17.40 -8.27 -21.74
N THR B 213 17.30 -7.00 -21.28
CA THR B 213 16.19 -6.09 -21.66
C THR B 213 16.17 -5.90 -23.18
N MSE B 214 17.35 -5.58 -23.76
CA MSE B 214 17.48 -5.38 -25.20
C MSE B 214 17.26 -6.68 -25.97
O MSE B 214 16.74 -6.65 -27.08
CB MSE B 214 18.84 -4.77 -25.55
CG MSE B 214 18.98 -3.32 -25.10
SE MSE B 214 17.76 -2.12 -26.01
CE MSE B 214 18.53 -2.22 -27.83
N ALA B 215 17.63 -7.83 -25.37
CA ALA B 215 17.38 -9.14 -25.98
C ALA B 215 15.89 -9.42 -26.10
N ARG B 216 15.11 -9.10 -25.00
CA ARG B 216 13.66 -9.28 -24.98
CA ARG B 216 13.66 -9.28 -24.98
C ARG B 216 12.99 -8.39 -26.03
N TRP B 217 13.40 -7.11 -26.10
CA TRP B 217 12.82 -6.15 -27.05
C TRP B 217 13.13 -6.53 -28.49
N SER B 218 14.37 -7.04 -28.78
CA SER B 218 14.76 -7.47 -30.13
CA SER B 218 14.74 -7.44 -30.13
C SER B 218 13.91 -8.64 -30.59
N LEU B 219 13.64 -9.60 -29.67
CA LEU B 219 12.81 -10.78 -29.97
C LEU B 219 11.37 -10.37 -30.28
N GLU B 220 10.85 -9.37 -29.57
CA GLU B 220 9.49 -8.87 -29.76
C GLU B 220 9.34 -8.10 -31.07
N LEU B 221 10.34 -7.27 -31.41
CA LEU B 221 10.28 -6.36 -32.57
C LEU B 221 10.76 -6.99 -33.89
N GLY B 222 11.14 -8.27 -33.86
CA GLY B 222 11.57 -8.99 -35.05
C GLY B 222 13.04 -8.81 -35.39
N GLY B 223 13.84 -8.49 -34.38
CA GLY B 223 15.28 -8.31 -34.55
C GLY B 223 16.08 -9.49 -34.04
N HIS B 224 17.40 -9.34 -33.99
CA HIS B 224 18.29 -10.40 -33.52
C HIS B 224 19.00 -10.00 -32.23
N CYS B 225 19.59 -10.97 -31.52
CA CYS B 225 20.13 -10.72 -30.18
C CYS B 225 21.64 -10.71 -30.12
N ARG B 226 22.17 -9.98 -29.11
CA ARG B 226 23.60 -9.96 -28.80
C ARG B 226 23.80 -10.09 -27.29
N THR B 227 24.75 -10.93 -26.88
CA THR B 227 25.14 -11.07 -25.48
C THR B 227 26.65 -11.28 -25.41
N GLY B 228 27.15 -11.56 -24.22
CA GLY B 228 28.58 -11.79 -24.04
C GLY B 228 29.21 -10.94 -22.96
N LEU B 229 30.40 -11.36 -22.48
CA LEU B 229 31.13 -10.72 -21.38
C LEU B 229 31.63 -9.29 -21.73
N GLU B 230 31.71 -8.96 -23.03
CA GLU B 230 32.12 -7.63 -23.49
C GLU B 230 31.12 -6.56 -23.01
N ASP B 231 29.83 -6.91 -22.95
CA ASP B 231 28.76 -5.99 -22.58
C ASP B 231 28.31 -6.14 -21.13
N ASN B 232 28.46 -7.37 -20.56
CA ASN B 232 28.00 -7.65 -19.19
C ASN B 232 28.71 -8.87 -18.61
N VAL B 233 29.27 -8.74 -17.38
CA VAL B 233 29.99 -9.83 -16.73
C VAL B 233 29.12 -10.61 -15.70
N ARG B 234 27.90 -10.12 -15.42
CA ARG B 234 27.05 -10.73 -14.39
C ARG B 234 25.87 -11.51 -14.97
N LEU B 235 25.61 -12.73 -14.44
CA LEU B 235 24.47 -13.56 -14.82
C LEU B 235 23.20 -12.95 -14.23
N ASP B 236 23.31 -12.46 -12.98
CA ASP B 236 22.25 -11.75 -12.27
C ASP B 236 22.88 -10.73 -11.30
N LYS B 237 22.05 -10.03 -10.50
CA LYS B 237 22.55 -9.01 -9.55
C LYS B 237 23.54 -9.56 -8.51
N ASN B 238 23.44 -10.87 -8.16
CA ASN B 238 24.29 -11.48 -7.13
C ASN B 238 25.39 -12.40 -7.69
N THR B 239 25.27 -12.82 -8.96
CA THR B 239 26.19 -13.83 -9.52
C THR B 239 26.93 -13.35 -10.78
N LEU B 240 28.23 -13.68 -10.86
CA LEU B 240 29.03 -13.41 -12.05
C LEU B 240 28.79 -14.51 -13.07
N ALA B 241 28.86 -14.18 -14.38
CA ALA B 241 28.68 -15.19 -15.43
C ALA B 241 29.89 -16.13 -15.48
N PRO B 242 29.67 -17.47 -15.37
CA PRO B 242 30.81 -18.41 -15.36
C PRO B 242 31.49 -18.56 -16.72
N SER B 243 30.80 -18.12 -17.80
CA SER B 243 31.31 -18.20 -19.18
C SER B 243 30.44 -17.38 -20.12
N ASN B 244 30.89 -17.22 -21.38
CA ASN B 244 30.10 -16.57 -22.43
C ASN B 244 28.94 -17.48 -22.83
N ALA B 245 29.15 -18.82 -22.77
CA ALA B 245 28.12 -19.82 -23.08
C ALA B 245 26.91 -19.70 -22.14
N ALA B 246 27.17 -19.37 -20.85
CA ALA B 246 26.09 -19.20 -19.85
C ALA B 246 25.20 -18.00 -20.21
N LEU B 247 25.80 -16.92 -20.76
CA LEU B 247 25.06 -15.74 -21.19
C LEU B 247 24.27 -16.04 -22.48
N VAL B 248 24.85 -16.86 -23.39
CA VAL B 248 24.17 -17.30 -24.62
C VAL B 248 22.94 -18.15 -24.25
N ARG B 249 23.08 -19.02 -23.22
CA ARG B 249 21.98 -19.86 -22.73
C ARG B 249 20.79 -19.02 -22.26
N GLN B 250 21.06 -17.88 -21.57
CA GLN B 250 20.00 -16.95 -21.13
C GLN B 250 19.19 -16.46 -22.33
N VAL B 251 19.89 -16.04 -23.41
CA VAL B 251 19.24 -15.55 -24.63
C VAL B 251 18.50 -16.68 -25.36
N ALA B 252 19.11 -17.89 -25.40
CA ALA B 252 18.50 -19.07 -26.03
C ALA B 252 17.18 -19.43 -25.32
N GLU B 253 17.13 -19.25 -23.96
CA GLU B 253 15.93 -19.49 -23.17
C GLU B 253 14.85 -18.46 -23.52
N LEU B 254 15.25 -17.19 -23.72
CA LEU B 254 14.32 -16.12 -24.12
C LEU B 254 13.74 -16.37 -25.51
N CYS B 255 14.57 -16.93 -26.43
CA CYS B 255 14.11 -17.25 -27.79
C CYS B 255 12.92 -18.23 -27.76
N GLU B 256 13.01 -19.29 -26.93
CA GLU B 256 11.91 -20.28 -26.78
C GLU B 256 10.69 -19.65 -26.11
N GLU B 257 10.92 -18.73 -25.16
CA GLU B 257 9.87 -18.01 -24.44
C GLU B 257 9.04 -17.12 -25.41
N TYR B 258 9.72 -16.50 -26.40
CA TYR B 258 9.05 -15.64 -27.39
C TYR B 258 8.63 -16.40 -28.67
N GLY B 259 8.78 -17.73 -28.65
CA GLY B 259 8.37 -18.59 -29.76
C GLY B 259 9.20 -18.47 -31.01
N ARG B 260 10.44 -17.99 -30.88
CA ARG B 260 11.36 -17.87 -32.02
C ARG B 260 12.53 -18.85 -31.88
N PRO B 261 12.74 -19.74 -32.88
CA PRO B 261 13.81 -20.74 -32.75
C PRO B 261 15.20 -20.12 -32.85
N VAL B 262 16.19 -20.70 -32.15
CA VAL B 262 17.57 -20.24 -32.23
C VAL B 262 18.13 -20.62 -33.60
N ALA B 263 18.54 -19.61 -34.39
CA ALA B 263 19.04 -19.84 -35.75
C ALA B 263 20.30 -20.68 -35.77
N THR B 264 20.39 -21.61 -36.74
CA THR B 264 21.59 -22.43 -36.94
C THR B 264 22.63 -21.60 -37.68
N ALA B 265 23.86 -22.12 -37.85
CA ALA B 265 24.92 -21.41 -38.57
C ALA B 265 24.50 -21.15 -40.03
N ALA B 266 23.87 -22.17 -40.68
CA ALA B 266 23.40 -22.05 -42.08
C ALA B 266 22.28 -21.03 -42.20
N GLN B 267 21.32 -21.03 -41.24
CA GLN B 267 20.19 -20.09 -41.24
C GLN B 267 20.69 -18.66 -41.00
N ALA B 268 21.65 -18.48 -40.06
CA ALA B 268 22.22 -17.16 -39.77
C ALA B 268 22.90 -16.57 -41.00
N ARG B 269 23.64 -17.39 -41.77
CA ARG B 269 24.31 -16.95 -42.99
C ARG B 269 23.31 -16.56 -44.08
N GLU B 270 22.18 -17.30 -44.18
CA GLU B 270 21.11 -17.01 -45.14
C GLU B 270 20.39 -15.69 -44.80
N ILE B 271 20.11 -15.47 -43.49
CA ILE B 271 19.45 -14.23 -43.01
C ILE B 271 20.36 -13.00 -43.26
N MSE B 272 21.69 -13.17 -43.08
CA MSE B 272 22.67 -12.10 -43.25
CA MSE B 272 22.67 -12.10 -43.25
C MSE B 272 23.04 -11.91 -44.73
O MSE B 272 23.78 -10.98 -45.06
CB MSE B 272 23.95 -12.39 -42.44
CB MSE B 272 23.93 -12.39 -42.43
CG MSE B 272 23.74 -12.28 -40.94
CG MSE B 272 23.70 -12.31 -40.94
SE MSE B 272 23.55 -10.46 -40.32
SE MSE B 272 23.20 -10.54 -40.37
CE MSE B 272 23.75 -10.78 -38.44
CE MSE B 272 24.37 -10.41 -38.87
N SER B 273 22.54 -12.82 -45.61
CA SER B 273 22.85 -12.80 -47.05
C SER B 273 24.37 -13.04 -47.29
N LEU B 274 24.98 -13.93 -46.47
CA LEU B 274 26.40 -14.27 -46.58
C LEU B 274 26.59 -15.52 -47.43
N ASN C 3 15.28 32.66 -0.52
CA ASN C 3 16.01 31.49 -0.03
C ASN C 3 15.19 30.74 1.05
N LYS C 4 13.90 30.47 0.76
CA LYS C 4 13.02 29.76 1.69
C LYS C 4 13.39 28.26 1.76
N PRO C 5 13.44 27.68 2.99
CA PRO C 5 13.83 26.26 3.09
C PRO C 5 12.87 25.30 2.38
N CYS C 6 13.39 24.15 1.92
CA CYS C 6 12.58 23.14 1.24
C CYS C 6 12.55 21.83 2.02
N ILE C 7 11.35 21.32 2.32
CA ILE C 7 11.18 20.05 3.00
C ILE C 7 11.29 18.91 2.01
N ILE C 8 12.11 17.89 2.33
CA ILE C 8 12.20 16.70 1.49
C ILE C 8 11.44 15.54 2.14
N SER C 9 10.34 15.11 1.51
CA SER C 9 9.58 13.96 1.97
C SER C 9 10.13 12.72 1.29
N VAL C 10 10.23 11.61 2.03
CA VAL C 10 10.71 10.36 1.45
C VAL C 10 9.67 9.23 1.60
N ALA C 11 9.10 8.78 0.47
CA ALA C 11 8.15 7.68 0.44
C ALA C 11 8.96 6.40 0.20
N ILE C 12 9.29 5.71 1.29
CA ILE C 12 10.27 4.61 1.29
C ILE C 12 9.86 3.31 0.58
N THR C 13 8.59 2.88 0.71
CA THR C 13 8.19 1.56 0.25
C THR C 13 6.99 1.55 -0.72
N GLY C 14 5.87 2.13 -0.28
CA GLY C 14 4.64 2.09 -1.06
C GLY C 14 3.95 0.73 -0.97
N SER C 15 2.99 0.47 -1.86
CA SER C 15 2.26 -0.79 -1.86
C SER C 15 2.59 -1.67 -3.07
N LEU C 16 3.16 -1.06 -4.16
CA LEU C 16 3.44 -1.80 -5.39
CA LEU C 16 3.44 -1.81 -5.41
C LEU C 16 4.92 -2.26 -5.56
N PRO C 17 5.94 -1.37 -5.29
CA PRO C 17 7.35 -1.80 -5.53
C PRO C 17 7.76 -3.08 -4.81
N ARG C 18 8.45 -3.98 -5.53
CA ARG C 18 8.91 -5.26 -4.98
C ARG C 18 10.44 -5.37 -5.08
N LYS C 19 11.03 -6.42 -4.47
CA LYS C 19 12.47 -6.68 -4.53
C LYS C 19 12.92 -6.96 -5.98
N LYS C 20 12.03 -7.57 -6.80
CA LYS C 20 12.31 -7.85 -8.21
C LYS C 20 12.45 -6.56 -9.04
N ASP C 21 11.73 -5.49 -8.62
CA ASP C 21 11.82 -4.17 -9.30
C ASP C 21 13.15 -3.49 -8.92
N ASN C 22 13.51 -3.56 -7.63
CA ASN C 22 14.75 -2.99 -7.10
C ASN C 22 15.02 -3.59 -5.70
N PRO C 23 16.19 -4.27 -5.49
CA PRO C 23 16.45 -4.88 -4.17
C PRO C 23 16.62 -3.86 -3.04
N ALA C 24 16.75 -2.57 -3.39
CA ALA C 24 16.88 -1.49 -2.41
C ALA C 24 15.55 -1.20 -1.68
N VAL C 25 14.42 -1.67 -2.26
CA VAL C 25 13.08 -1.45 -1.68
C VAL C 25 12.99 -2.12 -0.28
N PRO C 26 12.80 -1.32 0.80
CA PRO C 26 12.75 -1.92 2.14
C PRO C 26 11.41 -2.60 2.43
N ILE C 27 11.45 -3.89 2.84
CA ILE C 27 10.25 -4.69 3.10
C ILE C 27 10.11 -4.99 4.60
N THR C 28 11.18 -5.52 5.23
CA THR C 28 11.16 -5.87 6.65
C THR C 28 11.22 -4.62 7.53
N VAL C 29 10.93 -4.78 8.84
CA VAL C 29 10.98 -3.69 9.82
C VAL C 29 12.41 -3.10 9.89
N SER C 30 13.44 -3.97 9.99
CA SER C 30 14.84 -3.55 10.04
CA SER C 30 14.84 -3.55 10.04
C SER C 30 15.25 -2.79 8.77
N GLU C 31 14.81 -3.28 7.59
CA GLU C 31 15.11 -2.64 6.31
C GLU C 31 14.51 -1.24 6.23
N GLN C 32 13.23 -1.10 6.65
CA GLN C 32 12.52 0.19 6.62
C GLN C 32 13.12 1.22 7.57
N VAL C 33 13.54 0.77 8.78
CA VAL C 33 14.17 1.66 9.77
C VAL C 33 15.55 2.15 9.28
N GLU C 34 16.37 1.23 8.74
CA GLU C 34 17.70 1.54 8.22
C GLU C 34 17.63 2.43 6.96
N SER C 35 16.66 2.15 6.05
CA SER C 35 16.47 2.95 4.84
C SER C 35 16.00 4.38 5.18
N THR C 36 15.12 4.50 6.20
CA THR C 36 14.63 5.80 6.66
C THR C 36 15.75 6.62 7.30
N GLN C 37 16.56 5.98 8.17
CA GLN C 37 17.69 6.64 8.84
C GLN C 37 18.69 7.19 7.81
N ALA C 38 19.04 6.38 6.78
CA ALA C 38 19.95 6.81 5.71
C ALA C 38 19.37 7.99 4.93
N ALA C 39 18.05 7.95 4.64
CA ALA C 39 17.35 9.05 3.93
C ALA C 39 17.32 10.31 4.81
N PHE C 40 17.14 10.13 6.14
CA PHE C 40 17.15 11.23 7.11
C PHE C 40 18.52 11.92 7.15
N GLU C 41 19.61 11.11 7.11
CA GLU C 41 20.98 11.63 7.10
C GLU C 41 21.30 12.31 5.76
N ALA C 42 20.55 11.96 4.70
CA ALA C 42 20.72 12.53 3.37
C ALA C 42 19.97 13.88 3.20
N GLY C 43 19.06 14.19 4.14
CA GLY C 43 18.35 15.47 4.12
C GLY C 43 16.83 15.38 4.21
N ALA C 44 16.28 14.16 4.22
CA ALA C 44 14.83 13.99 4.31
C ALA C 44 14.34 14.23 5.74
N THR C 45 13.27 15.02 5.91
CA THR C 45 12.73 15.36 7.24
C THR C 45 11.32 14.85 7.46
N LEU C 46 10.75 14.22 6.43
CA LEU C 46 9.41 13.63 6.51
C LEU C 46 9.44 12.26 5.88
N VAL C 47 8.92 11.25 6.59
CA VAL C 47 8.87 9.90 6.06
C VAL C 47 7.43 9.47 5.79
N HIS C 48 7.10 9.20 4.53
CA HIS C 48 5.80 8.68 4.14
C HIS C 48 5.88 7.17 4.21
N LEU C 49 5.15 6.57 5.17
CA LEU C 49 5.31 5.17 5.50
C LEU C 49 4.14 4.27 5.09
N HIS C 50 4.45 3.25 4.26
CA HIS C 50 3.61 2.10 3.97
C HIS C 50 4.32 0.90 4.59
N VAL C 51 3.57 -0.07 5.12
CA VAL C 51 4.19 -1.29 5.65
C VAL C 51 3.83 -2.50 4.80
N ARG C 52 4.65 -3.57 4.89
CA ARG C 52 4.44 -4.78 4.08
C ARG C 52 4.49 -6.02 4.93
N ASN C 53 3.91 -7.11 4.43
CA ASN C 53 4.05 -8.43 5.04
C ASN C 53 5.41 -9.00 4.60
N ASP C 54 5.86 -10.09 5.23
CA ASP C 54 7.15 -10.72 4.91
C ASP C 54 7.23 -11.18 3.43
N ASP C 55 6.07 -11.58 2.84
CA ASP C 55 6.02 -12.01 1.44
C ASP C 55 5.90 -10.81 0.46
N GLU C 56 6.13 -9.57 0.98
CA GLU C 56 6.12 -8.31 0.21
C GLU C 56 4.70 -7.77 -0.13
N THR C 57 3.63 -8.50 0.27
CA THR C 57 2.26 -8.05 0.01
C THR C 57 1.89 -6.83 0.89
N PRO C 58 1.10 -5.86 0.37
CA PRO C 58 0.76 -4.68 1.18
C PRO C 58 -0.15 -5.02 2.38
N THR C 59 -0.01 -4.24 3.47
CA THR C 59 -0.82 -4.42 4.69
C THR C 59 -1.00 -3.11 5.44
N SER C 60 -2.07 -3.00 6.24
CA SER C 60 -2.31 -1.84 7.11
C SER C 60 -2.07 -2.22 8.57
N ASN C 61 -1.52 -3.44 8.80
CA ASN C 61 -1.23 -4.02 10.13
C ASN C 61 -0.65 -2.97 11.12
N PRO C 62 -1.41 -2.62 12.19
CA PRO C 62 -0.92 -1.61 13.15
C PRO C 62 0.32 -2.06 13.93
N ASP C 63 0.47 -3.39 14.17
CA ASP C 63 1.63 -3.94 14.87
C ASP C 63 2.90 -3.74 14.07
N ARG C 64 2.82 -3.93 12.73
CA ARG C 64 3.93 -3.71 11.83
C ARG C 64 4.29 -2.21 11.81
N PHE C 65 3.25 -1.33 11.75
CA PHE C 65 3.43 0.13 11.80
C PHE C 65 4.10 0.57 13.10
N ALA C 66 3.67 0.00 14.24
CA ALA C 66 4.19 0.34 15.57
C ALA C 66 5.70 0.08 15.68
N LEU C 67 6.16 -1.08 15.16
CA LEU C 67 7.58 -1.46 15.23
C LEU C 67 8.45 -0.55 14.39
N VAL C 68 7.99 -0.19 13.18
CA VAL C 68 8.73 0.69 12.27
C VAL C 68 8.77 2.12 12.82
N LEU C 69 7.61 2.65 13.30
CA LEU C 69 7.53 4.01 13.87
C LEU C 69 8.43 4.16 15.11
N GLU C 70 8.53 3.10 15.94
CA GLU C 70 9.39 3.11 17.13
C GLU C 70 10.88 3.19 16.73
N GLY C 71 11.26 2.43 15.70
CA GLY C 71 12.62 2.44 15.18
C GLY C 71 13.01 3.76 14.54
N ILE C 72 12.05 4.39 13.84
CA ILE C 72 12.25 5.71 13.21
C ILE C 72 12.46 6.80 14.27
N ARG C 73 11.63 6.79 15.35
CA ARG C 73 11.74 7.77 16.43
CA ARG C 73 11.75 7.79 16.43
C ARG C 73 13.11 7.71 17.12
N LYS C 74 13.67 6.49 17.25
CA LYS C 74 14.96 6.27 17.90
C LYS C 74 16.16 6.58 16.97
N HIS C 75 16.11 6.09 15.71
CA HIS C 75 17.23 6.23 14.77
C HIS C 75 17.21 7.51 13.92
N ALA C 76 16.03 8.14 13.79
CA ALA C 76 15.90 9.42 13.08
C ALA C 76 15.12 10.43 13.97
N PRO C 77 15.76 10.93 15.07
CA PRO C 77 15.02 11.81 16.00
C PRO C 77 14.64 13.14 15.38
N GLY C 78 13.39 13.56 15.60
CA GLY C 78 12.88 14.82 15.06
C GLY C 78 12.21 14.69 13.71
N MSE C 79 12.46 13.55 12.99
CA MSE C 79 11.88 13.32 11.68
C MSE C 79 10.35 13.20 11.76
O MSE C 79 9.83 12.52 12.66
CB MSE C 79 12.48 12.06 11.03
CG MSE C 79 12.27 12.00 9.52
SE MSE C 79 12.78 10.30 8.77
CE MSE C 79 13.01 10.85 6.92
N ILE C 80 9.63 13.88 10.85
CA ILE C 80 8.17 13.84 10.80
C ILE C 80 7.71 12.48 10.29
N THR C 81 6.85 11.79 11.05
CA THR C 81 6.31 10.49 10.66
C THR C 81 4.95 10.66 10.00
N GLN C 82 4.75 10.05 8.84
CA GLN C 82 3.49 10.16 8.12
C GLN C 82 3.04 8.79 7.63
N VAL C 83 2.01 8.24 8.27
CA VAL C 83 1.50 6.93 7.88
C VAL C 83 0.57 7.04 6.66
N SER C 84 0.56 6.02 5.82
CA SER C 84 -0.35 5.98 4.69
C SER C 84 -1.68 5.37 5.11
N THR C 85 -2.80 5.97 4.65
CA THR C 85 -4.13 5.41 4.89
C THR C 85 -4.71 4.83 3.60
N GLY C 86 -3.83 4.54 2.64
CA GLY C 86 -4.20 3.94 1.37
C GLY C 86 -4.65 2.51 1.51
N GLY C 87 -5.31 1.99 0.50
CA GLY C 87 -5.79 0.62 0.52
C GLY C 87 -6.53 0.20 -0.72
N ARG C 88 -6.88 -1.10 -0.79
CA ARG C 88 -7.60 -1.69 -1.90
C ARG C 88 -9.08 -1.23 -1.92
N SER C 89 -9.77 -1.41 -3.06
CA SER C 89 -11.19 -1.09 -3.18
C SER C 89 -12.01 -2.06 -2.34
N GLY C 90 -12.93 -1.54 -1.56
CA GLY C 90 -13.76 -2.35 -0.66
C GLY C 90 -13.32 -2.29 0.77
N ALA C 91 -12.04 -1.92 1.01
CA ALA C 91 -11.50 -1.79 2.37
C ALA C 91 -12.07 -0.54 3.04
N GLY C 92 -12.54 -0.70 4.27
CA GLY C 92 -13.17 0.39 5.00
C GLY C 92 -12.29 1.00 6.07
N ASN C 93 -12.79 1.00 7.33
CA ASN C 93 -12.11 1.60 8.48
C ASN C 93 -10.74 0.96 8.79
N GLU C 94 -10.47 -0.26 8.27
CA GLU C 94 -9.19 -0.96 8.46
C GLU C 94 -8.01 -0.14 7.89
N ARG C 95 -8.30 0.78 6.94
CA ARG C 95 -7.30 1.66 6.34
C ARG C 95 -6.77 2.71 7.35
N GLY C 96 -7.47 2.89 8.47
CA GLY C 96 -7.07 3.82 9.52
C GLY C 96 -6.86 3.18 10.88
N ALA C 97 -6.64 1.85 10.91
CA ALA C 97 -6.46 1.10 12.16
C ALA C 97 -5.14 1.43 12.89
N MSE C 98 -4.18 2.07 12.18
CA MSE C 98 -2.87 2.42 12.75
C MSE C 98 -2.85 3.84 13.34
O MSE C 98 -1.85 4.25 13.94
CB MSE C 98 -1.75 2.24 11.68
CG MSE C 98 -1.60 3.44 10.71
SE MSE C 98 -3.19 3.73 9.58
CE MSE C 98 -3.08 2.10 8.52
N LEU C 99 -3.93 4.61 13.14
CA LEU C 99 -3.98 6.02 13.56
C LEU C 99 -3.82 6.24 15.07
N SER C 100 -4.27 5.27 15.92
CA SER C 100 -4.15 5.40 17.37
C SER C 100 -2.68 5.39 17.84
N LEU C 101 -1.73 5.01 16.94
CA LEU C 101 -0.28 5.04 17.24
C LEU C 101 0.22 6.48 17.32
N ARG C 102 -0.65 7.46 16.95
CA ARG C 102 -0.37 8.90 17.01
C ARG C 102 0.89 9.31 16.24
N PRO C 103 0.97 9.05 14.92
CA PRO C 103 2.10 9.59 14.15
C PRO C 103 1.93 11.11 13.98
N ASP C 104 2.96 11.81 13.50
CA ASP C 104 2.86 13.26 13.29
C ASP C 104 1.79 13.57 12.26
N MSE C 105 1.78 12.80 11.16
CA MSE C 105 0.87 13.03 10.06
C MSE C 105 0.32 11.72 9.50
O MSE C 105 0.79 10.64 9.85
CB MSE C 105 1.58 13.81 8.93
CG MSE C 105 2.02 15.20 9.33
SE MSE C 105 3.01 16.05 7.91
CE MSE C 105 1.53 16.70 6.83
N ALA C 106 -0.69 11.83 8.64
CA ALA C 106 -1.26 10.71 7.91
C ALA C 106 -1.81 11.18 6.59
N SER C 107 -1.59 10.40 5.53
CA SER C 107 -2.11 10.74 4.20
CA SER C 107 -2.10 10.75 4.20
C SER C 107 -3.61 10.68 4.18
N LEU C 108 -4.25 11.58 3.41
CA LEU C 108 -5.70 11.62 3.32
C LEU C 108 -6.15 11.95 1.89
N ALA C 109 -6.57 10.94 1.12
CA ALA C 109 -7.14 11.16 -0.20
C ALA C 109 -8.58 11.65 -0.02
N THR C 110 -8.88 12.88 -0.47
CA THR C 110 -10.18 13.51 -0.24
C THR C 110 -11.18 13.24 -1.39
N GLY C 111 -10.81 12.36 -2.30
CA GLY C 111 -11.66 11.98 -3.41
C GLY C 111 -11.25 10.68 -4.04
N SER C 112 -12.00 10.24 -5.06
CA SER C 112 -11.66 9.03 -5.80
C SER C 112 -11.09 9.39 -7.16
N VAL C 113 -10.22 8.52 -7.70
CA VAL C 113 -9.56 8.75 -8.99
C VAL C 113 -9.20 7.40 -9.62
N ASN C 114 -9.09 7.37 -10.96
CA ASN C 114 -8.69 6.15 -11.65
C ASN C 114 -7.20 5.94 -11.54
N PHE C 115 -6.79 4.71 -11.27
CA PHE C 115 -5.38 4.31 -11.19
C PHE C 115 -5.04 3.45 -12.44
N PRO C 116 -3.76 3.02 -12.62
CA PRO C 116 -3.41 2.30 -13.86
C PRO C 116 -4.26 1.06 -14.17
N THR C 117 -4.62 0.27 -13.14
CA THR C 117 -5.35 -1.01 -13.36
C THR C 117 -6.71 -1.07 -12.64
N ARG C 118 -6.99 -0.10 -11.75
CA ARG C 118 -8.23 -0.11 -10.97
C ARG C 118 -8.67 1.30 -10.60
N VAL C 119 -9.77 1.42 -9.85
CA VAL C 119 -10.21 2.70 -9.30
C VAL C 119 -9.62 2.83 -7.90
N TYR C 120 -8.99 3.99 -7.61
CA TYR C 120 -8.55 4.27 -6.25
C TYR C 120 -9.75 4.80 -5.45
N ASP C 121 -10.52 3.89 -4.86
CA ASP C 121 -11.76 4.21 -4.16
C ASP C 121 -11.54 4.85 -2.82
N ASN C 122 -12.18 6.00 -2.61
CA ASN C 122 -12.16 6.71 -1.33
C ASN C 122 -13.58 7.23 -1.05
N PRO C 123 -14.50 6.33 -0.62
CA PRO C 123 -15.89 6.76 -0.39
C PRO C 123 -16.00 7.98 0.53
N PRO C 124 -17.00 8.87 0.30
CA PRO C 124 -17.11 10.08 1.16
C PRO C 124 -17.19 9.75 2.65
N GLU C 125 -17.89 8.64 3.00
CA GLU C 125 -18.02 8.18 4.39
C GLU C 125 -16.64 7.80 4.98
N LEU C 126 -15.76 7.21 4.15
CA LEU C 126 -14.42 6.81 4.57
C LEU C 126 -13.53 8.05 4.76
N VAL C 127 -13.62 9.02 3.80
CA VAL C 127 -12.86 10.28 3.88
C VAL C 127 -13.20 11.01 5.20
N ASP C 128 -14.51 11.13 5.52
CA ASP C 128 -14.98 11.76 6.76
C ASP C 128 -14.46 11.04 8.01
N TRP C 129 -14.56 9.68 8.02
CA TRP C 129 -14.13 8.87 9.16
C TRP C 129 -12.62 9.00 9.41
N LEU C 130 -11.80 8.88 8.34
CA LEU C 130 -10.34 9.00 8.45
C LEU C 130 -9.93 10.36 9.00
N ALA C 131 -10.57 11.45 8.49
CA ALA C 131 -10.29 12.81 8.95
C ALA C 131 -10.66 12.99 10.43
N ALA C 132 -11.82 12.42 10.85
CA ALA C 132 -12.27 12.50 12.24
C ALA C 132 -11.32 11.76 13.19
N GLU C 133 -10.79 10.59 12.73
CA GLU C 133 -9.82 9.80 13.51
C GLU C 133 -8.51 10.58 13.70
N MSE C 134 -8.06 11.27 12.63
CA MSE C 134 -6.84 12.09 12.68
C MSE C 134 -7.01 13.26 13.64
O MSE C 134 -6.11 13.53 14.43
CB MSE C 134 -6.48 12.60 11.28
CG MSE C 134 -5.94 11.50 10.37
SE MSE C 134 -5.77 12.08 8.51
CE MSE C 134 -6.02 10.36 7.65
N LYS C 135 -8.19 13.92 13.61
CA LYS C 135 -8.51 15.02 14.52
C LYS C 135 -8.52 14.52 15.98
N THR C 136 -9.07 13.29 16.20
CA THR C 136 -9.13 12.66 17.53
C THR C 136 -7.73 12.40 18.11
N TYR C 137 -6.79 11.87 17.28
CA TYR C 137 -5.45 11.50 17.75
C TYR C 137 -4.38 12.60 17.53
N GLY C 138 -4.85 13.84 17.26
CA GLY C 138 -3.96 14.99 17.06
C GLY C 138 -3.01 14.85 15.88
N ILE C 139 -3.46 14.12 14.83
CA ILE C 139 -2.67 13.88 13.63
C ILE C 139 -2.96 14.96 12.58
N LYS C 140 -1.90 15.56 12.01
CA LYS C 140 -2.07 16.55 10.94
C LYS C 140 -2.22 15.82 9.61
N PRO C 141 -3.34 15.98 8.89
CA PRO C 141 -3.48 15.26 7.62
C PRO C 141 -2.63 15.86 6.51
N GLU C 142 -2.15 15.01 5.60
CA GLU C 142 -1.58 15.47 4.34
C GLU C 142 -2.56 15.10 3.26
N VAL C 143 -3.26 16.10 2.73
CA VAL C 143 -4.26 15.85 1.69
C VAL C 143 -3.57 15.38 0.41
N GLU C 144 -3.96 14.21 -0.10
CA GLU C 144 -3.44 13.70 -1.34
C GLU C 144 -4.36 14.11 -2.47
N ALA C 145 -3.96 15.13 -3.24
CA ALA C 145 -4.78 15.63 -4.33
C ALA C 145 -4.38 15.00 -5.65
N PHE C 146 -5.12 13.94 -6.06
CA PHE C 146 -4.87 13.23 -7.31
C PHE C 146 -5.63 13.88 -8.49
N ASP C 147 -6.53 14.83 -8.16
CA ASP C 147 -7.32 15.54 -9.15
C ASP C 147 -7.77 16.90 -8.57
N LEU C 148 -8.20 17.83 -9.43
CA LEU C 148 -8.56 19.19 -9.04
C LEU C 148 -9.63 19.29 -7.93
N SER C 149 -10.72 18.50 -8.03
CA SER C 149 -11.85 18.57 -7.06
C SER C 149 -11.41 18.27 -5.62
N MSE C 150 -10.32 17.50 -5.46
CA MSE C 150 -9.80 17.12 -4.14
C MSE C 150 -9.24 18.32 -3.37
O MSE C 150 -9.26 18.32 -2.14
CB MSE C 150 -8.77 16.00 -4.25
CG MSE C 150 -9.34 14.74 -4.87
SE MSE C 150 -8.22 13.22 -4.65
CE MSE C 150 -8.92 12.14 -6.08
N ILE C 151 -8.80 19.37 -4.10
CA ILE C 151 -8.35 20.63 -3.47
C ILE C 151 -9.57 21.35 -2.89
N PHE C 152 -10.67 21.41 -3.67
CA PHE C 152 -11.93 22.02 -3.22
C PHE C 152 -12.51 21.29 -2.02
N GLN C 153 -12.43 19.92 -2.03
CA GLN C 153 -12.93 19.11 -0.93
CA GLN C 153 -12.93 19.11 -0.93
C GLN C 153 -12.12 19.37 0.34
N ALA C 154 -10.78 19.46 0.21
CA ALA C 154 -9.90 19.73 1.36
C ALA C 154 -10.23 21.08 2.00
N ALA C 155 -10.45 22.13 1.16
CA ALA C 155 -10.78 23.48 1.62
C ALA C 155 -12.15 23.50 2.31
N ALA C 156 -13.14 22.76 1.76
CA ALA C 156 -14.48 22.68 2.34
C ALA C 156 -14.45 21.95 3.70
N MSE C 157 -13.56 20.94 3.84
CA MSE C 157 -13.40 20.21 5.10
C MSE C 157 -12.72 21.06 6.16
O MSE C 157 -13.11 21.03 7.33
CB MSE C 157 -12.62 18.90 4.87
CG MSE C 157 -13.40 17.87 4.08
SE MSE C 157 -12.30 16.38 3.52
CE MSE C 157 -12.03 15.55 5.23
N GLN C 158 -11.71 21.87 5.77
CA GLN C 158 -11.03 22.79 6.67
C GLN C 158 -12.00 23.87 7.18
N ALA C 159 -12.86 24.38 6.27
CA ALA C 159 -13.87 25.41 6.59
C ALA C 159 -14.92 24.87 7.58
N ALA C 160 -15.29 23.58 7.45
CA ALA C 160 -16.28 22.94 8.33
C ALA C 160 -15.68 22.50 9.68
N GLY C 161 -14.35 22.54 9.78
CA GLY C 161 -13.64 22.14 10.99
C GLY C 161 -13.23 20.68 11.00
N ALA C 162 -13.47 19.95 9.88
CA ALA C 162 -13.11 18.54 9.74
C ALA C 162 -11.58 18.37 9.69
N ILE C 163 -10.86 19.39 9.17
CA ILE C 163 -9.40 19.43 9.17
C ILE C 163 -8.96 20.65 9.98
N VAL C 164 -8.09 20.41 10.98
CA VAL C 164 -7.63 21.46 11.91
C VAL C 164 -6.28 22.05 11.47
N GLY C 165 -6.15 23.36 11.64
CA GLY C 165 -4.90 24.08 11.36
C GLY C 165 -4.64 24.32 9.89
N PRO C 166 -3.45 24.90 9.55
CA PRO C 166 -3.15 25.14 8.14
C PRO C 166 -3.07 23.84 7.34
N LEU C 167 -3.65 23.84 6.14
CA LEU C 167 -3.70 22.67 5.30
CA LEU C 167 -3.69 22.67 5.27
C LEU C 167 -2.33 22.37 4.69
N HIS C 168 -2.00 21.08 4.54
CA HIS C 168 -0.85 20.66 3.78
C HIS C 168 -1.33 19.71 2.72
N ILE C 169 -1.16 20.09 1.47
CA ILE C 169 -1.69 19.32 0.36
C ILE C 169 -0.58 18.84 -0.57
N GLN C 170 -0.69 17.61 -1.05
CA GLN C 170 0.28 17.06 -1.98
C GLN C 170 -0.34 16.90 -3.35
N PHE C 171 0.21 17.59 -4.35
CA PHE C 171 -0.28 17.49 -5.73
C PHE C 171 0.42 16.34 -6.43
N VAL C 172 -0.34 15.27 -6.73
CA VAL C 172 0.21 14.05 -7.30
C VAL C 172 0.03 14.02 -8.82
N MSE C 173 1.13 13.84 -9.56
CA MSE C 173 1.08 13.76 -11.03
C MSE C 173 1.93 12.60 -11.56
O MSE C 173 2.89 12.20 -10.93
CB MSE C 173 1.56 15.09 -11.65
CG MSE C 173 0.57 16.22 -11.49
SE MSE C 173 1.28 17.91 -12.13
CE MSE C 173 -0.36 18.82 -12.41
N GLY C 174 1.56 12.11 -12.75
CA GLY C 174 2.33 11.05 -13.42
C GLY C 174 1.73 9.66 -13.33
N ILE C 175 0.61 9.51 -12.62
CA ILE C 175 -0.05 8.21 -12.52
C ILE C 175 -0.96 7.97 -13.71
N LYS C 176 -0.79 6.82 -14.40
CA LYS C 176 -1.60 6.45 -15.56
CA LYS C 176 -1.60 6.47 -15.57
C LYS C 176 -3.08 6.43 -15.19
N ASN C 177 -3.93 7.09 -16.01
CA ASN C 177 -5.40 7.19 -15.81
C ASN C 177 -5.81 8.26 -14.79
N ALA C 178 -4.84 8.83 -14.06
CA ALA C 178 -5.10 9.94 -13.12
C ALA C 178 -4.67 11.27 -13.76
N MSE C 179 -3.99 12.16 -13.00
CA MSE C 179 -3.53 13.45 -13.53
C MSE C 179 -2.12 13.31 -14.14
O MSE C 179 -1.17 12.96 -13.42
CB MSE C 179 -3.54 14.54 -12.44
CG MSE C 179 -3.16 15.92 -12.96
SE MSE C 179 -4.41 16.62 -14.32
CE MSE C 179 -5.92 16.87 -13.19
N PRO C 180 -1.93 13.60 -15.44
CA PRO C 180 -0.57 13.55 -16.01
C PRO C 180 0.29 14.73 -15.56
N VAL C 181 1.62 14.65 -15.77
CA VAL C 181 2.56 15.71 -15.40
C VAL C 181 2.38 16.92 -16.36
N ASP C 182 1.81 18.03 -15.83
CA ASP C 182 1.51 19.22 -16.62
C ASP C 182 1.81 20.49 -15.83
N ARG C 183 2.68 21.37 -16.37
CA ARG C 183 3.11 22.60 -15.70
C ARG C 183 1.94 23.56 -15.44
N GLU C 184 1.09 23.80 -16.45
CA GLU C 184 -0.05 24.72 -16.35
C GLU C 184 -1.07 24.28 -15.32
N VAL C 185 -1.33 22.95 -15.22
CA VAL C 185 -2.25 22.41 -14.21
C VAL C 185 -1.66 22.60 -12.79
N LEU C 186 -0.35 22.34 -12.62
CA LEU C 186 0.31 22.53 -11.32
C LEU C 186 0.23 24.00 -10.90
N GLU C 187 0.47 24.94 -11.86
CA GLU C 187 0.36 26.37 -11.58
C GLU C 187 -1.08 26.74 -11.19
N PHE C 188 -2.08 26.13 -11.86
CA PHE C 188 -3.48 26.36 -11.53
C PHE C 188 -3.83 25.76 -10.16
N TYR C 189 -3.23 24.59 -9.83
CA TYR C 189 -3.37 23.94 -8.50
C TYR C 189 -2.93 24.92 -7.40
N VAL C 190 -1.73 25.53 -7.55
CA VAL C 190 -1.15 26.46 -6.57
C VAL C 190 -2.01 27.73 -6.45
N GLN C 191 -2.45 28.29 -7.59
CA GLN C 191 -3.32 29.48 -7.63
C GLN C 191 -4.66 29.19 -6.95
N THR C 192 -5.23 27.99 -7.19
CA THR C 192 -6.50 27.58 -6.60
C THR C 192 -6.35 27.38 -5.08
N LEU C 193 -5.26 26.72 -4.65
CA LEU C 193 -4.99 26.51 -3.22
C LEU C 193 -4.84 27.86 -2.49
N LYS C 194 -4.12 28.83 -3.13
CA LYS C 194 -3.92 30.16 -2.57
CA LYS C 194 -3.92 30.15 -2.56
C LYS C 194 -5.25 30.90 -2.40
N ARG C 195 -6.16 30.73 -3.38
CA ARG C 195 -7.48 31.37 -3.36
C ARG C 195 -8.38 30.78 -2.24
N LEU C 196 -8.39 29.44 -2.10
CA LEU C 196 -9.25 28.74 -1.14
C LEU C 196 -8.66 28.70 0.29
N SER C 197 -7.33 28.48 0.40
CA SER C 197 -6.66 28.33 1.69
C SER C 197 -5.32 29.10 1.67
N PRO C 198 -5.33 30.44 1.96
CA PRO C 198 -4.10 31.25 1.77
C PRO C 198 -2.89 30.86 2.61
N ASP C 199 -3.10 30.26 3.79
CA ASP C 199 -2.00 29.89 4.69
C ASP C 199 -1.54 28.42 4.50
N ALA C 200 -2.08 27.74 3.48
CA ALA C 200 -1.75 26.35 3.22
C ALA C 200 -0.33 26.17 2.68
N THR C 201 0.29 25.02 2.99
CA THR C 201 1.59 24.63 2.43
C THR C 201 1.35 23.48 1.45
N TRP C 202 2.28 23.25 0.51
CA TRP C 202 2.08 22.17 -0.47
C TRP C 202 3.36 21.47 -0.90
N THR C 203 3.21 20.22 -1.36
CA THR C 203 4.29 19.40 -1.90
C THR C 203 3.88 18.88 -3.28
N GLY C 204 4.80 18.96 -4.25
CA GLY C 204 4.60 18.40 -5.57
C GLY C 204 5.20 17.01 -5.65
N ALA C 205 4.43 16.02 -6.10
CA ALA C 205 4.91 14.65 -6.18
C ALA C 205 4.77 14.08 -7.58
N GLY C 206 5.88 13.60 -8.13
CA GLY C 206 5.91 12.96 -9.43
C GLY C 206 6.11 11.48 -9.32
N ILE C 207 5.14 10.70 -9.83
CA ILE C 207 5.19 9.24 -9.74
CA ILE C 207 5.21 9.24 -9.75
C ILE C 207 5.64 8.66 -11.07
N GLY C 208 6.81 8.06 -11.09
CA GLY C 208 7.38 7.48 -12.29
C GLY C 208 8.61 8.19 -12.78
N ARG C 209 8.68 8.43 -14.11
CA ARG C 209 9.83 9.06 -14.77
CA ARG C 209 9.84 9.06 -14.73
C ARG C 209 9.92 10.57 -14.48
N HIS C 210 8.81 11.19 -14.02
CA HIS C 210 8.81 12.63 -13.74
C HIS C 210 8.95 12.97 -12.25
N GLN C 211 9.59 12.08 -11.47
CA GLN C 211 9.85 12.33 -10.05
C GLN C 211 10.70 13.60 -9.86
N LEU C 212 11.75 13.76 -10.68
CA LEU C 212 12.62 14.94 -10.55
C LEU C 212 12.05 16.17 -11.27
N THR C 213 11.14 15.96 -12.25
CA THR C 213 10.45 17.07 -12.93
C THR C 213 9.53 17.80 -11.92
N MSE C 214 8.77 17.03 -11.12
CA MSE C 214 7.88 17.59 -10.11
C MSE C 214 8.66 18.23 -8.96
O MSE C 214 8.21 19.23 -8.40
CB MSE C 214 6.90 16.54 -9.61
CG MSE C 214 5.86 16.14 -10.65
SE MSE C 214 4.60 17.55 -11.02
CE MSE C 214 3.53 17.44 -9.34
N ALA C 215 9.85 17.70 -8.63
CA ALA C 215 10.73 18.28 -7.60
C ALA C 215 11.25 19.64 -8.07
N ARG C 216 11.66 19.73 -9.37
CA ARG C 216 12.15 20.96 -10.00
C ARG C 216 11.06 22.04 -9.98
N TRP C 217 9.83 21.68 -10.40
CA TRP C 217 8.69 22.61 -10.44
C TRP C 217 8.27 23.07 -9.06
N SER C 218 8.29 22.16 -8.05
CA SER C 218 7.95 22.49 -6.66
C SER C 218 8.91 23.53 -6.10
N LEU C 219 10.23 23.35 -6.35
CA LEU C 219 11.27 24.30 -5.91
C LEU C 219 11.03 25.68 -6.51
N GLU C 220 10.73 25.72 -7.83
CA GLU C 220 10.49 26.97 -8.56
C GLU C 220 9.23 27.71 -8.07
N LEU C 221 8.15 26.96 -7.79
CA LEU C 221 6.85 27.55 -7.44
C LEU C 221 6.65 27.82 -5.94
N GLY C 222 7.67 27.55 -5.14
CA GLY C 222 7.64 27.80 -3.70
C GLY C 222 7.01 26.68 -2.88
N GLY C 223 7.04 25.47 -3.41
CA GLY C 223 6.50 24.30 -2.75
C GLY C 223 7.57 23.42 -2.16
N HIS C 224 7.18 22.24 -1.67
CA HIS C 224 8.12 21.30 -1.08
C HIS C 224 8.23 20.02 -1.92
N CYS C 225 9.25 19.20 -1.68
CA CYS C 225 9.55 18.05 -2.54
C CYS C 225 9.26 16.71 -1.92
N ARG C 226 9.00 15.71 -2.79
CA ARG C 226 8.84 14.33 -2.39
C ARG C 226 9.60 13.40 -3.35
N THR C 227 10.30 12.41 -2.79
CA THR C 227 10.99 11.38 -3.57
C THR C 227 10.86 10.03 -2.84
N GLY C 228 11.53 9.00 -3.35
CA GLY C 228 11.50 7.68 -2.73
C GLY C 228 11.17 6.55 -3.67
N LEU C 229 11.53 5.31 -3.27
CA LEU C 229 11.32 4.09 -4.06
C LEU C 229 9.84 3.76 -4.29
N GLU C 230 8.94 4.37 -3.48
CA GLU C 230 7.49 4.20 -3.64
C GLU C 230 7.01 4.78 -4.97
N ASP C 231 7.62 5.90 -5.40
CA ASP C 231 7.23 6.62 -6.61
C ASP C 231 8.09 6.29 -7.81
N ASN C 232 9.38 5.94 -7.57
CA ASN C 232 10.34 5.67 -8.66
C ASN C 232 11.51 4.83 -8.14
N VAL C 233 11.88 3.76 -8.88
CA VAL C 233 12.98 2.88 -8.46
C VAL C 233 14.32 3.20 -9.16
N ARG C 234 14.34 4.24 -10.04
CA ARG C 234 15.54 4.56 -10.82
C ARG C 234 16.17 5.91 -10.45
N LEU C 235 17.52 6.03 -10.61
CA LEU C 235 18.23 7.30 -10.49
C LEU C 235 18.12 8.02 -11.82
N ASP C 236 18.33 7.26 -12.91
CA ASP C 236 18.23 7.76 -14.27
C ASP C 236 17.70 6.63 -15.18
N LYS C 237 17.65 6.87 -16.50
CA LYS C 237 17.13 5.89 -17.46
C LYS C 237 17.90 4.54 -17.46
N ASN C 238 19.19 4.58 -17.08
CA ASN C 238 20.04 3.37 -17.11
C ASN C 238 20.31 2.77 -15.74
N THR C 239 20.01 3.50 -14.66
CA THR C 239 20.45 3.09 -13.32
C THR C 239 19.33 2.95 -12.30
N LEU C 240 19.29 1.80 -11.60
CA LEU C 240 18.39 1.62 -10.47
C LEU C 240 18.94 2.36 -9.27
N ALA C 241 18.05 2.90 -8.43
CA ALA C 241 18.47 3.59 -7.22
C ALA C 241 19.01 2.59 -6.18
N PRO C 242 20.26 2.79 -5.67
CA PRO C 242 20.82 1.83 -4.70
C PRO C 242 20.17 1.92 -3.31
N SER C 243 19.44 3.03 -3.05
CA SER C 243 18.76 3.26 -1.76
C SER C 243 17.80 4.45 -1.87
N ASN C 244 16.97 4.66 -0.84
CA ASN C 244 16.10 5.83 -0.76
C ASN C 244 16.94 7.08 -0.52
N ALA C 245 18.07 6.94 0.23
CA ALA C 245 19.00 8.04 0.51
C ALA C 245 19.59 8.63 -0.79
N ALA C 246 19.86 7.76 -1.79
CA ALA C 246 20.40 8.18 -3.09
C ALA C 246 19.40 9.06 -3.83
N LEU C 247 18.09 8.75 -3.72
CA LEU C 247 17.03 9.56 -4.34
C LEU C 247 16.86 10.89 -3.61
N VAL C 248 16.99 10.87 -2.25
CA VAL C 248 16.94 12.10 -1.44
C VAL C 248 18.11 13.01 -1.81
N ARG C 249 19.30 12.41 -2.05
CA ARG C 249 20.51 13.15 -2.45
CA ARG C 249 20.51 13.14 -2.44
C ARG C 249 20.27 13.94 -3.74
N GLN C 250 19.59 13.32 -4.73
CA GLN C 250 19.26 13.99 -6.00
C GLN C 250 18.43 15.25 -5.74
N VAL C 251 17.38 15.15 -4.90
CA VAL C 251 16.50 16.28 -4.55
C VAL C 251 17.29 17.33 -3.76
N ALA C 252 18.14 16.89 -2.81
CA ALA C 252 18.98 17.79 -2.01
C ALA C 252 19.92 18.60 -2.91
N GLU C 253 20.45 17.97 -3.97
CA GLU C 253 21.32 18.64 -4.94
C GLU C 253 20.53 19.65 -5.76
N LEU C 254 19.25 19.29 -6.11
CA LEU C 254 18.36 20.21 -6.83
C LEU C 254 18.04 21.43 -5.97
N CYS C 255 17.78 21.23 -4.66
CA CYS C 255 17.49 22.33 -3.71
C CYS C 255 18.59 23.40 -3.76
N GLU C 256 19.88 22.97 -3.65
CA GLU C 256 21.04 23.86 -3.69
CA GLU C 256 21.02 23.89 -3.67
C GLU C 256 21.10 24.65 -5.00
N GLU C 257 20.85 23.97 -6.13
CA GLU C 257 20.90 24.60 -7.46
C GLU C 257 19.79 25.62 -7.66
N TYR C 258 18.65 25.46 -6.96
CA TYR C 258 17.54 26.41 -7.04
C TYR C 258 17.58 27.45 -5.89
N GLY C 259 18.72 27.54 -5.21
CA GLY C 259 18.96 28.53 -4.16
C GLY C 259 18.09 28.37 -2.92
N ARG C 260 17.56 27.16 -2.69
CA ARG C 260 16.73 26.89 -1.52
C ARG C 260 17.42 25.87 -0.59
N PRO C 261 17.63 26.23 0.69
CA PRO C 261 18.32 25.29 1.59
C PRO C 261 17.43 24.10 1.98
N VAL C 262 18.04 22.92 2.20
CA VAL C 262 17.31 21.74 2.66
C VAL C 262 16.87 21.98 4.10
N ALA C 263 15.56 21.96 4.35
CA ALA C 263 15.01 22.20 5.68
C ALA C 263 15.46 21.16 6.69
N THR C 264 15.79 21.60 7.92
CA THR C 264 16.14 20.69 9.01
C THR C 264 14.86 20.11 9.61
N ALA C 265 14.97 19.14 10.55
CA ALA C 265 13.79 18.54 11.20
C ALA C 265 12.99 19.61 11.95
N ALA C 266 13.68 20.52 12.66
CA ALA C 266 13.05 21.60 13.42
C ALA C 266 12.34 22.62 12.48
N GLN C 267 12.99 22.97 11.36
CA GLN C 267 12.41 23.90 10.37
C GLN C 267 11.19 23.27 9.70
N ALA C 268 11.28 21.97 9.34
CA ALA C 268 10.16 21.25 8.70
C ALA C 268 8.93 21.24 9.61
N ARG C 269 9.14 21.02 10.92
CA ARG C 269 8.04 21.00 11.89
C ARG C 269 7.39 22.38 12.05
N GLU C 270 8.22 23.44 12.02
CA GLU C 270 7.75 24.84 12.10
C GLU C 270 6.91 25.21 10.85
N ILE C 271 7.39 24.81 9.64
CA ILE C 271 6.69 25.07 8.36
C ILE C 271 5.33 24.31 8.32
N MSE C 272 5.32 23.07 8.86
CA MSE C 272 4.11 22.23 8.89
CA MSE C 272 4.11 22.23 8.89
C MSE C 272 3.15 22.64 10.01
O MSE C 272 2.03 22.15 10.07
CB MSE C 272 4.49 20.74 9.05
CB MSE C 272 4.50 20.74 9.03
CG MSE C 272 5.21 20.16 7.85
CG MSE C 272 5.22 20.16 7.82
SE MSE C 272 4.14 20.18 6.24
SE MSE C 272 4.10 20.11 6.24
CE MSE C 272 5.27 19.07 5.13
CE MSE C 272 4.80 21.65 5.30
N SER C 273 3.62 23.54 10.93
CA SER C 273 2.86 23.99 12.11
C SER C 273 2.65 22.80 13.09
N LEU C 274 3.67 21.91 13.19
CA LEU C 274 3.62 20.76 14.09
C LEU C 274 4.28 21.11 15.45
N GLY C 275 5.62 21.09 15.49
CA GLY C 275 6.37 21.38 16.70
C GLY C 275 6.97 20.14 17.34
N ASN D 3 -22.75 35.84 -32.86
CA ASN D 3 -24.09 35.25 -32.87
C ASN D 3 -24.04 33.75 -33.26
N LYS D 4 -23.12 33.01 -32.62
CA LYS D 4 -22.93 31.58 -32.88
C LYS D 4 -24.12 30.76 -32.29
N PRO D 5 -24.71 29.80 -33.05
CA PRO D 5 -25.86 29.04 -32.51
C PRO D 5 -25.53 28.23 -31.25
N CYS D 6 -26.54 28.04 -30.38
CA CYS D 6 -26.36 27.29 -29.15
C CYS D 6 -27.24 26.04 -29.12
N ILE D 7 -26.62 24.88 -28.89
CA ILE D 7 -27.33 23.60 -28.78
C ILE D 7 -27.91 23.46 -27.37
N ILE D 8 -29.19 23.12 -27.27
CA ILE D 8 -29.80 22.86 -25.97
C ILE D 8 -29.99 21.37 -25.78
N SER D 9 -29.25 20.79 -24.83
CA SER D 9 -29.39 19.38 -24.47
C SER D 9 -30.42 19.25 -23.37
N VAL D 10 -31.27 18.23 -23.44
CA VAL D 10 -32.28 18.01 -22.41
C VAL D 10 -32.13 16.62 -21.76
N ALA D 11 -31.74 16.60 -20.47
CA ALA D 11 -31.62 15.37 -19.69
C ALA D 11 -32.95 15.15 -19.00
N ILE D 12 -33.81 14.33 -19.62
CA ILE D 12 -35.22 14.20 -19.25
C ILE D 12 -35.52 13.51 -17.92
N THR D 13 -34.78 12.44 -17.56
CA THR D 13 -35.15 11.61 -16.41
C THR D 13 -34.05 11.43 -15.36
N GLY D 14 -32.90 10.93 -15.80
CA GLY D 14 -31.80 10.59 -14.90
C GLY D 14 -32.05 9.31 -14.15
N SER D 15 -31.28 9.07 -13.08
CA SER D 15 -31.43 7.85 -12.28
C SER D 15 -32.00 8.13 -10.88
N LEU D 16 -31.92 9.41 -10.41
CA LEU D 16 -32.34 9.76 -9.05
C LEU D 16 -33.77 10.39 -8.96
N PRO D 17 -34.14 11.38 -9.83
CA PRO D 17 -35.45 12.04 -9.66
C PRO D 17 -36.65 11.09 -9.67
N ARG D 18 -37.58 11.28 -8.72
CA ARG D 18 -38.79 10.47 -8.62
C ARG D 18 -40.04 11.36 -8.73
N LYS D 19 -41.23 10.73 -8.97
CA LYS D 19 -42.52 11.45 -9.02
C LYS D 19 -42.76 12.26 -7.74
N LYS D 20 -42.33 11.70 -6.56
CA LYS D 20 -42.47 12.37 -5.27
C LYS D 20 -41.67 13.71 -5.24
N ASP D 21 -40.55 13.77 -6.00
CA ASP D 21 -39.75 15.01 -6.11
C ASP D 21 -40.46 16.00 -7.03
N ASN D 22 -41.00 15.50 -8.16
CA ASN D 22 -41.74 16.30 -9.14
C ASN D 22 -42.54 15.35 -10.06
N PRO D 23 -43.90 15.48 -10.11
CA PRO D 23 -44.69 14.56 -10.95
C PRO D 23 -44.43 14.71 -12.46
N ALA D 24 -43.71 15.77 -12.85
CA ALA D 24 -43.35 16.02 -14.25
C ALA D 24 -42.26 15.07 -14.75
N VAL D 25 -41.52 14.41 -13.82
CA VAL D 25 -40.45 13.47 -14.18
C VAL D 25 -41.00 12.29 -15.01
N PRO D 26 -40.59 12.15 -16.29
CA PRO D 26 -41.13 11.06 -17.11
C PRO D 26 -40.50 9.70 -16.75
N ILE D 27 -41.35 8.72 -16.42
CA ILE D 27 -40.90 7.39 -16.01
C ILE D 27 -41.21 6.32 -17.07
N THR D 28 -42.47 6.28 -17.53
CA THR D 28 -42.91 5.30 -18.55
C THR D 28 -42.38 5.67 -19.95
N VAL D 29 -42.47 4.71 -20.90
CA VAL D 29 -42.03 4.93 -22.29
C VAL D 29 -42.84 6.09 -22.92
N SER D 30 -44.19 6.07 -22.76
CA SER D 30 -45.07 7.11 -23.30
CA SER D 30 -45.07 7.11 -23.30
C SER D 30 -44.75 8.49 -22.70
N GLU D 31 -44.46 8.54 -21.37
CA GLU D 31 -44.12 9.79 -20.69
C GLU D 31 -42.82 10.37 -21.22
N GLN D 32 -41.79 9.50 -21.41
CA GLN D 32 -40.48 9.94 -21.90
C GLN D 32 -40.52 10.43 -23.34
N VAL D 33 -41.32 9.76 -24.20
CA VAL D 33 -41.47 10.17 -25.61
C VAL D 33 -42.21 11.53 -25.71
N GLU D 34 -43.30 11.69 -24.94
CA GLU D 34 -44.10 12.93 -24.92
C GLU D 34 -43.32 14.10 -24.31
N SER D 35 -42.54 13.84 -23.23
CA SER D 35 -41.73 14.87 -22.58
C SER D 35 -40.60 15.33 -23.50
N THR D 36 -39.99 14.38 -24.26
CA THR D 36 -38.92 14.69 -25.21
C THR D 36 -39.45 15.52 -26.39
N GLN D 37 -40.62 15.13 -26.94
CA GLN D 37 -41.26 15.85 -28.04
C GLN D 37 -41.55 17.30 -27.67
N ALA D 38 -42.12 17.52 -26.46
CA ALA D 38 -42.43 18.86 -25.96
C ALA D 38 -41.14 19.69 -25.79
N ALA D 39 -40.07 19.06 -25.27
CA ALA D 39 -38.77 19.72 -25.11
C ALA D 39 -38.15 20.04 -26.48
N PHE D 40 -38.33 19.14 -27.46
CA PHE D 40 -37.87 19.33 -28.85
C PHE D 40 -38.57 20.54 -29.49
N GLU D 41 -39.90 20.66 -29.27
CA GLU D 41 -40.69 21.79 -29.79
C GLU D 41 -40.33 23.09 -29.07
N ALA D 42 -39.74 22.98 -27.85
CA ALA D 42 -39.33 24.14 -27.07
C ALA D 42 -37.92 24.65 -27.47
N GLY D 43 -37.18 23.86 -28.24
CA GLY D 43 -35.86 24.27 -28.73
C GLY D 43 -34.73 23.28 -28.47
N ALA D 44 -34.99 22.19 -27.74
CA ALA D 44 -33.94 21.20 -27.46
C ALA D 44 -33.67 20.34 -28.70
N THR D 45 -32.37 20.13 -29.02
CA THR D 45 -31.98 19.37 -30.22
C THR D 45 -31.19 18.12 -29.87
N LEU D 46 -30.92 17.92 -28.58
CA LEU D 46 -30.21 16.74 -28.09
C LEU D 46 -30.93 16.21 -26.87
N VAL D 47 -31.20 14.91 -26.85
CA VAL D 47 -31.85 14.30 -25.70
C VAL D 47 -30.91 13.34 -24.97
N HIS D 48 -30.59 13.64 -23.70
CA HIS D 48 -29.78 12.76 -22.86
C HIS D 48 -30.74 11.79 -22.16
N LEU D 49 -30.67 10.51 -22.52
CA LEU D 49 -31.66 9.54 -22.10
C LEU D 49 -31.20 8.52 -21.07
N HIS D 50 -31.89 8.49 -19.92
CA HIS D 50 -31.84 7.42 -18.92
C HIS D 50 -33.19 6.74 -18.97
N VAL D 51 -33.24 5.42 -18.77
CA VAL D 51 -34.54 4.72 -18.70
C VAL D 51 -34.81 4.19 -17.30
N ARG D 52 -36.08 3.97 -16.96
CA ARG D 52 -36.46 3.50 -15.62
C ARG D 52 -37.37 2.30 -15.72
N ASN D 53 -37.45 1.53 -14.62
CA ASN D 53 -38.44 0.47 -14.48
C ASN D 53 -39.77 1.12 -14.09
N ASP D 54 -40.88 0.36 -14.15
CA ASP D 54 -42.20 0.89 -13.80
C ASP D 54 -42.28 1.41 -12.35
N ASP D 55 -41.51 0.80 -11.43
CA ASP D 55 -41.47 1.22 -10.02
C ASP D 55 -40.50 2.41 -9.79
N GLU D 56 -40.05 3.06 -10.91
CA GLU D 56 -39.18 4.25 -10.90
C GLU D 56 -37.69 3.94 -10.61
N THR D 57 -37.33 2.66 -10.38
CA THR D 57 -35.94 2.28 -10.12
C THR D 57 -35.09 2.40 -11.41
N PRO D 58 -33.81 2.82 -11.31
CA PRO D 58 -32.99 2.95 -12.53
C PRO D 58 -32.67 1.61 -13.19
N THR D 59 -32.49 1.60 -14.53
CA THR D 59 -32.16 0.40 -15.29
C THR D 59 -31.39 0.74 -16.57
N SER D 60 -30.62 -0.23 -17.10
CA SER D 60 -29.90 -0.06 -18.36
C SER D 60 -30.57 -0.91 -19.45
N ASN D 61 -31.76 -1.49 -19.12
CA ASN D 61 -32.55 -2.37 -19.99
C ASN D 61 -32.57 -1.91 -21.46
N PRO D 62 -31.92 -2.68 -22.39
CA PRO D 62 -31.90 -2.26 -23.81
C PRO D 62 -33.27 -2.26 -24.48
N ASP D 63 -34.18 -3.15 -24.02
CA ASP D 63 -35.55 -3.23 -24.56
C ASP D 63 -36.32 -1.95 -24.25
N ARG D 64 -36.15 -1.41 -23.02
CA ARG D 64 -36.78 -0.16 -22.61
C ARG D 64 -36.19 1.00 -23.43
N PHE D 65 -34.85 1.00 -23.63
CA PHE D 65 -34.16 2.00 -24.45
C PHE D 65 -34.66 1.98 -25.90
N ALA D 66 -34.82 0.77 -26.47
CA ALA D 66 -35.27 0.59 -27.87
C ALA D 66 -36.62 1.25 -28.14
N LEU D 67 -37.58 1.09 -27.23
CA LEU D 67 -38.92 1.66 -27.40
C LEU D 67 -38.91 3.16 -27.32
N VAL D 68 -38.17 3.71 -26.34
CA VAL D 68 -38.10 5.17 -26.17
C VAL D 68 -37.38 5.82 -27.36
N LEU D 69 -36.25 5.23 -27.82
CA LEU D 69 -35.49 5.75 -28.97
C LEU D 69 -36.33 5.74 -30.25
N GLU D 70 -37.18 4.69 -30.43
CA GLU D 70 -38.06 4.57 -31.61
CA GLU D 70 -38.06 4.58 -31.61
C GLU D 70 -39.11 5.69 -31.60
N GLY D 71 -39.68 5.95 -30.42
CA GLY D 71 -40.68 7.00 -30.24
C GLY D 71 -40.11 8.40 -30.45
N ILE D 72 -38.86 8.62 -29.99
CA ILE D 72 -38.16 9.90 -30.18
C ILE D 72 -37.87 10.18 -31.67
N ARG D 73 -37.40 9.13 -32.42
CA ARG D 73 -37.10 9.24 -33.86
CA ARG D 73 -37.12 9.27 -33.85
C ARG D 73 -38.37 9.64 -34.65
N LYS D 74 -39.54 9.11 -34.24
CA LYS D 74 -40.81 9.38 -34.92
C LYS D 74 -41.43 10.73 -34.53
N HIS D 75 -41.45 11.04 -33.21
CA HIS D 75 -42.12 12.26 -32.71
C HIS D 75 -41.21 13.50 -32.65
N ALA D 76 -39.88 13.30 -32.65
CA ALA D 76 -38.92 14.40 -32.68
C ALA D 76 -37.89 14.14 -33.80
N PRO D 77 -38.30 14.26 -35.10
CA PRO D 77 -37.36 13.92 -36.19
C PRO D 77 -36.17 14.87 -36.29
N GLY D 78 -34.98 14.30 -36.44
CA GLY D 78 -33.74 15.06 -36.53
C GLY D 78 -33.05 15.30 -35.20
N MSE D 79 -33.79 15.09 -34.09
CA MSE D 79 -33.23 15.29 -32.74
C MSE D 79 -32.11 14.30 -32.46
O MSE D 79 -32.25 13.10 -32.74
CB MSE D 79 -34.32 15.19 -31.68
CG MSE D 79 -33.93 15.80 -30.33
SE MSE D 79 -35.20 15.40 -28.93
CE MSE D 79 -34.74 16.81 -27.69
N ILE D 80 -30.99 14.80 -31.91
CA ILE D 80 -29.84 13.95 -31.57
C ILE D 80 -30.17 13.10 -30.35
N THR D 81 -30.00 11.78 -30.47
CA THR D 81 -30.26 10.88 -29.36
CA THR D 81 -30.25 10.89 -29.35
CA THR D 81 -30.26 10.86 -29.35
C THR D 81 -28.97 10.52 -28.63
N GLN D 82 -28.97 10.63 -27.31
CA GLN D 82 -27.80 10.32 -26.51
C GLN D 82 -28.19 9.45 -25.34
N VAL D 83 -27.73 8.18 -25.35
CA VAL D 83 -28.02 7.25 -24.27
C VAL D 83 -27.01 7.42 -23.14
N SER D 84 -27.45 7.17 -21.90
CA SER D 84 -26.56 7.23 -20.75
C SER D 84 -25.92 5.86 -20.53
N THR D 85 -24.61 5.84 -20.22
CA THR D 85 -23.92 4.59 -19.89
C THR D 85 -23.56 4.57 -18.40
N GLY D 86 -24.27 5.38 -17.61
CA GLY D 86 -24.09 5.45 -16.17
C GLY D 86 -24.60 4.21 -15.47
N GLY D 87 -24.20 4.03 -14.22
CA GLY D 87 -24.62 2.87 -13.45
C GLY D 87 -24.03 2.81 -12.06
N ARG D 88 -24.50 1.84 -11.26
CA ARG D 88 -24.04 1.62 -9.89
C ARG D 88 -22.60 1.06 -9.85
N SER D 89 -21.96 1.13 -8.67
CA SER D 89 -20.61 0.58 -8.48
C SER D 89 -20.67 -0.94 -8.52
N GLY D 90 -19.77 -1.55 -9.28
CA GLY D 90 -19.73 -2.99 -9.44
C GLY D 90 -20.30 -3.45 -10.77
N ALA D 91 -21.17 -2.61 -11.38
CA ALA D 91 -21.76 -2.92 -12.69
C ALA D 91 -20.69 -2.80 -13.79
N GLY D 92 -20.62 -3.80 -14.66
CA GLY D 92 -19.62 -3.84 -15.72
C GLY D 92 -20.17 -3.51 -17.08
N ASN D 93 -19.98 -4.43 -18.05
CA ASN D 93 -20.38 -4.25 -19.45
C ASN D 93 -21.89 -4.03 -19.64
N GLU D 94 -22.71 -4.40 -18.62
CA GLU D 94 -24.18 -4.20 -18.67
C GLU D 94 -24.56 -2.71 -18.82
N ARG D 95 -23.62 -1.79 -18.44
CA ARG D 95 -23.81 -0.34 -18.57
C ARG D 95 -23.79 0.11 -20.05
N GLY D 96 -23.29 -0.76 -20.95
CA GLY D 96 -23.24 -0.47 -22.38
C GLY D 96 -23.99 -1.48 -23.22
N ALA D 97 -25.00 -2.15 -22.64
CA ALA D 97 -25.77 -3.18 -23.34
C ALA D 97 -26.75 -2.59 -24.37
N MSE D 98 -27.01 -1.27 -24.30
CA MSE D 98 -27.97 -0.60 -25.20
C MSE D 98 -27.28 0.01 -26.44
O MSE D 98 -27.96 0.49 -27.34
CB MSE D 98 -28.79 0.47 -24.44
CG MSE D 98 -28.05 1.82 -24.28
SE MSE D 98 -26.43 1.71 -23.16
CE MSE D 98 -27.28 1.23 -21.45
N LEU D 99 -25.94 -0.01 -26.46
CA LEU D 99 -25.16 0.64 -27.52
C LEU D 99 -25.40 0.07 -28.93
N SER D 100 -25.74 -1.25 -29.03
CA SER D 100 -26.01 -1.87 -30.34
C SER D 100 -27.27 -1.31 -31.02
N LEU D 101 -28.11 -0.54 -30.26
CA LEU D 101 -29.30 0.12 -30.81
C LEU D 101 -28.88 1.29 -31.73
N ARG D 102 -27.57 1.60 -31.75
CA ARG D 102 -26.96 2.65 -32.59
C ARG D 102 -27.60 4.04 -32.40
N PRO D 103 -27.57 4.61 -31.18
CA PRO D 103 -28.01 6.01 -31.01
C PRO D 103 -26.99 6.96 -31.62
N ASP D 104 -27.35 8.24 -31.79
CA ASP D 104 -26.42 9.22 -32.35
C ASP D 104 -25.21 9.35 -31.45
N MSE D 105 -25.45 9.43 -30.14
CA MSE D 105 -24.41 9.65 -29.16
C MSE D 105 -24.61 8.79 -27.92
O MSE D 105 -25.64 8.13 -27.79
CB MSE D 105 -24.37 11.13 -28.74
CG MSE D 105 -23.99 12.06 -29.87
SE MSE D 105 -23.90 13.87 -29.28
CE MSE D 105 -22.17 13.80 -28.37
N ALA D 106 -23.60 8.78 -27.03
CA ALA D 106 -23.66 8.08 -25.75
C ALA D 106 -22.74 8.77 -24.77
N SER D 107 -23.17 8.89 -23.49
CA SER D 107 -22.33 9.49 -22.46
CA SER D 107 -22.34 9.51 -22.46
C SER D 107 -21.17 8.60 -22.12
N LEU D 108 -20.01 9.19 -21.82
CA LEU D 108 -18.83 8.43 -21.49
C LEU D 108 -18.01 9.12 -20.39
N ALA D 109 -18.16 8.64 -19.15
CA ALA D 109 -17.34 9.14 -18.04
C ALA D 109 -15.94 8.52 -18.17
N THR D 110 -14.91 9.37 -18.38
CA THR D 110 -13.54 8.89 -18.65
C THR D 110 -12.70 8.76 -17.36
N GLY D 111 -13.34 8.88 -16.21
CA GLY D 111 -12.68 8.74 -14.92
C GLY D 111 -13.65 8.47 -13.80
N SER D 112 -13.11 8.27 -12.59
CA SER D 112 -13.94 8.08 -11.41
C SER D 112 -13.94 9.35 -10.56
N VAL D 113 -15.03 9.59 -9.82
CA VAL D 113 -15.20 10.77 -8.99
C VAL D 113 -16.14 10.45 -7.82
N ASN D 114 -16.01 11.18 -6.71
CA ASN D 114 -16.90 11.00 -5.58
C ASN D 114 -18.25 11.67 -5.84
N PHE D 115 -19.33 10.96 -5.50
CA PHE D 115 -20.69 11.47 -5.62
C PHE D 115 -21.25 11.78 -4.19
N PRO D 116 -22.48 12.32 -4.05
CA PRO D 116 -22.95 12.72 -2.71
C PRO D 116 -22.92 11.61 -1.64
N THR D 117 -23.25 10.37 -2.01
CA THR D 117 -23.34 9.27 -1.03
C THR D 117 -22.41 8.07 -1.36
N ARG D 118 -21.81 8.07 -2.56
CA ARG D 118 -20.99 6.94 -2.99
C ARG D 118 -19.89 7.39 -3.96
N VAL D 119 -19.08 6.44 -4.45
CA VAL D 119 -18.10 6.71 -5.48
C VAL D 119 -18.73 6.41 -6.83
N TYR D 120 -18.62 7.35 -7.78
CA TYR D 120 -19.06 7.08 -9.14
C TYR D 120 -17.94 6.33 -9.86
N ASP D 121 -17.97 5.00 -9.74
CA ASP D 121 -16.92 4.13 -10.26
C ASP D 121 -16.96 3.97 -11.76
N ASN D 122 -15.83 4.23 -12.42
CA ASN D 122 -15.67 4.02 -13.85
C ASN D 122 -14.30 3.39 -14.10
N PRO D 123 -14.16 2.06 -13.82
CA PRO D 123 -12.84 1.42 -13.97
C PRO D 123 -12.22 1.65 -15.35
N PRO D 124 -10.87 1.76 -15.43
CA PRO D 124 -10.23 2.01 -16.73
C PRO D 124 -10.63 1.00 -17.80
N GLU D 125 -10.77 -0.30 -17.40
CA GLU D 125 -11.18 -1.37 -18.33
CA GLU D 125 -11.17 -1.37 -18.32
C GLU D 125 -12.59 -1.12 -18.86
N LEU D 126 -13.49 -0.57 -18.02
CA LEU D 126 -14.86 -0.26 -18.43
C LEU D 126 -14.89 0.94 -19.39
N VAL D 127 -14.10 1.99 -19.07
CA VAL D 127 -13.98 3.19 -19.93
C VAL D 127 -13.53 2.78 -21.34
N ASP D 128 -12.46 1.92 -21.43
CA ASP D 128 -11.93 1.41 -22.69
C ASP D 128 -12.98 0.61 -23.47
N TRP D 129 -13.68 -0.31 -22.76
CA TRP D 129 -14.70 -1.16 -23.38
C TRP D 129 -15.87 -0.34 -23.94
N LEU D 130 -16.41 0.60 -23.14
CA LEU D 130 -17.53 1.45 -23.56
C LEU D 130 -17.15 2.28 -24.80
N ALA D 131 -15.93 2.86 -24.81
CA ALA D 131 -15.44 3.65 -25.95
C ALA D 131 -15.30 2.79 -27.21
N ALA D 132 -14.78 1.55 -27.05
CA ALA D 132 -14.61 0.61 -28.18
C ALA D 132 -15.96 0.20 -28.76
N GLU D 133 -16.98 -0.01 -27.88
CA GLU D 133 -18.34 -0.35 -28.31
C GLU D 133 -18.97 0.80 -29.11
N MSE D 134 -18.74 2.06 -28.66
CA MSE D 134 -19.24 3.26 -29.36
C MSE D 134 -18.60 3.39 -30.73
O MSE D 134 -19.28 3.69 -31.70
CB MSE D 134 -18.98 4.50 -28.52
CG MSE D 134 -19.93 4.66 -27.37
SE MSE D 134 -19.32 5.96 -26.08
CE MSE D 134 -20.09 5.15 -24.51
N LYS D 135 -17.28 3.16 -30.81
CA LYS D 135 -16.54 3.20 -32.08
C LYS D 135 -17.08 2.13 -33.03
N THR D 136 -17.39 0.91 -32.49
CA THR D 136 -17.92 -0.21 -33.29
C THR D 136 -19.29 0.12 -33.90
N TYR D 137 -20.20 0.75 -33.12
CA TYR D 137 -21.55 1.04 -33.58
C TYR D 137 -21.74 2.46 -34.16
N GLY D 138 -20.62 3.13 -34.48
CA GLY D 138 -20.63 4.47 -35.08
C GLY D 138 -21.27 5.53 -34.19
N ILE D 139 -21.16 5.36 -32.87
CA ILE D 139 -21.72 6.28 -31.89
C ILE D 139 -20.70 7.35 -31.51
N LYS D 140 -21.09 8.64 -31.54
CA LYS D 140 -20.22 9.73 -31.11
C LYS D 140 -20.29 9.87 -29.58
N PRO D 141 -19.18 9.71 -28.86
CA PRO D 141 -19.26 9.83 -27.40
C PRO D 141 -19.38 11.27 -26.93
N GLU D 142 -20.09 11.47 -25.82
CA GLU D 142 -20.06 12.73 -25.11
C GLU D 142 -19.31 12.49 -23.83
N VAL D 143 -18.08 13.00 -23.75
CA VAL D 143 -17.25 12.79 -22.57
C VAL D 143 -17.85 13.55 -21.38
N GLU D 144 -18.12 12.84 -20.29
CA GLU D 144 -18.63 13.46 -19.08
C GLU D 144 -17.45 13.77 -18.16
N ALA D 145 -17.06 15.04 -18.11
CA ALA D 145 -15.92 15.47 -17.31
C ALA D 145 -16.37 15.97 -15.95
N PHE D 146 -16.32 15.10 -14.94
CA PHE D 146 -16.70 15.44 -13.56
C PHE D 146 -15.53 16.00 -12.79
N ASP D 147 -14.32 15.92 -13.38
CA ASP D 147 -13.09 16.44 -12.77
C ASP D 147 -12.07 16.74 -13.87
N LEU D 148 -11.04 17.54 -13.54
CA LEU D 148 -10.03 18.00 -14.51
C LEU D 148 -9.32 16.87 -15.29
N SER D 149 -8.87 15.79 -14.59
CA SER D 149 -8.11 14.70 -15.23
C SER D 149 -8.89 14.00 -16.35
N MSE D 150 -10.23 14.08 -16.30
CA MSE D 150 -11.10 13.44 -17.32
C MSE D 150 -10.99 14.12 -18.68
O MSE D 150 -11.20 13.47 -19.71
CB MSE D 150 -12.54 13.37 -16.84
CG MSE D 150 -12.70 12.57 -15.55
SE MSE D 150 -14.51 12.11 -15.17
CE MSE D 150 -14.33 11.79 -13.29
N ILE D 151 -10.61 15.41 -18.69
CA ILE D 151 -10.35 16.14 -19.94
C ILE D 151 -9.06 15.59 -20.58
N PHE D 152 -8.00 15.40 -19.76
CA PHE D 152 -6.73 14.85 -20.21
C PHE D 152 -6.90 13.43 -20.72
N GLN D 153 -7.74 12.61 -20.03
CA GLN D 153 -8.02 11.24 -20.43
CA GLN D 153 -8.02 11.24 -20.44
C GLN D 153 -8.73 11.22 -21.79
N ALA D 154 -9.72 12.10 -21.98
CA ALA D 154 -10.47 12.20 -23.24
C ALA D 154 -9.54 12.54 -24.41
N ALA D 155 -8.62 13.51 -24.21
CA ALA D 155 -7.66 13.95 -25.22
C ALA D 155 -6.66 12.82 -25.56
N ALA D 156 -6.22 12.06 -24.53
CA ALA D 156 -5.29 10.94 -24.72
C ALA D 156 -5.97 9.80 -25.49
N MSE D 157 -7.29 9.59 -25.25
CA MSE D 157 -8.04 8.56 -25.96
C MSE D 157 -8.27 8.95 -27.42
O MSE D 157 -8.18 8.10 -28.31
CB MSE D 157 -9.37 8.30 -25.25
CG MSE D 157 -9.21 7.57 -23.92
SE MSE D 157 -10.84 7.58 -22.88
CE MSE D 157 -11.85 6.33 -23.94
N GLN D 158 -8.54 10.25 -27.69
CA GLN D 158 -8.72 10.74 -29.06
C GLN D 158 -7.41 10.62 -29.84
N ALA D 159 -6.27 10.92 -29.18
CA ALA D 159 -4.94 10.84 -29.79
C ALA D 159 -4.56 9.39 -30.15
N ALA D 160 -5.00 8.41 -29.31
CA ALA D 160 -4.72 6.99 -29.53
C ALA D 160 -5.69 6.36 -30.54
N GLY D 161 -6.75 7.09 -30.90
CA GLY D 161 -7.75 6.61 -31.85
C GLY D 161 -8.94 5.92 -31.19
N ALA D 162 -8.96 5.91 -29.83
CA ALA D 162 -10.04 5.28 -29.05
C ALA D 162 -11.35 6.07 -29.21
N ILE D 163 -11.24 7.40 -29.42
CA ILE D 163 -12.38 8.26 -29.71
C ILE D 163 -12.19 8.87 -31.11
N VAL D 164 -13.19 8.70 -31.98
CA VAL D 164 -13.14 9.13 -33.38
C VAL D 164 -13.78 10.51 -33.59
N GLY D 165 -13.15 11.33 -34.42
CA GLY D 165 -13.67 12.65 -34.80
C GLY D 165 -13.49 13.71 -33.74
N PRO D 166 -14.05 14.93 -33.96
CA PRO D 166 -13.90 16.00 -32.95
C PRO D 166 -14.57 15.63 -31.65
N LEU D 167 -13.89 15.90 -30.53
CA LEU D 167 -14.40 15.59 -29.20
CA LEU D 167 -14.39 15.58 -29.20
C LEU D 167 -15.55 16.49 -28.80
N HIS D 168 -16.52 15.93 -28.07
CA HIS D 168 -17.56 16.72 -27.43
C HIS D 168 -17.54 16.39 -25.97
N ILE D 169 -17.23 17.37 -25.14
CA ILE D 169 -17.07 17.15 -23.72
C ILE D 169 -18.07 17.96 -22.90
N GLN D 170 -18.61 17.37 -21.85
CA GLN D 170 -19.53 18.05 -20.97
C GLN D 170 -18.89 18.30 -19.62
N PHE D 171 -18.76 19.58 -19.23
CA PHE D 171 -18.19 19.95 -17.94
C PHE D 171 -19.29 19.98 -16.89
N VAL D 172 -19.27 19.01 -15.96
CA VAL D 172 -20.32 18.85 -14.97
C VAL D 172 -19.94 19.51 -13.64
N MSE D 173 -20.79 20.41 -13.14
CA MSE D 173 -20.55 21.12 -11.89
C MSE D 173 -21.80 21.14 -11.00
O MSE D 173 -22.92 21.15 -11.52
CB MSE D 173 -20.08 22.56 -12.16
CG MSE D 173 -18.63 22.64 -12.58
SE MSE D 173 -18.07 24.40 -13.14
CE MSE D 173 -16.20 24.13 -13.00
N GLY D 174 -21.59 21.17 -9.68
CA GLY D 174 -22.68 21.31 -8.71
C GLY D 174 -22.99 20.06 -7.91
N ILE D 175 -22.32 18.94 -8.23
CA ILE D 175 -22.55 17.68 -7.50
C ILE D 175 -21.72 17.64 -6.22
N LYS D 176 -22.39 17.36 -5.07
CA LYS D 176 -21.73 17.27 -3.77
C LYS D 176 -20.62 16.21 -3.80
N ASN D 177 -19.41 16.57 -3.31
CA ASN D 177 -18.22 15.71 -3.26
C ASN D 177 -17.47 15.62 -4.59
N ALA D 178 -18.06 16.17 -5.68
CA ALA D 178 -17.40 16.22 -6.99
C ALA D 178 -16.87 17.64 -7.24
N MSE D 179 -17.06 18.18 -8.46
CA MSE D 179 -16.59 19.54 -8.76
C MSE D 179 -17.70 20.56 -8.46
O MSE D 179 -18.78 20.49 -9.05
CB MSE D 179 -16.13 19.65 -10.23
CG MSE D 179 -15.53 21.03 -10.57
SE MSE D 179 -13.92 21.44 -9.55
CE MSE D 179 -12.74 20.16 -10.32
N PRO D 180 -17.44 21.56 -7.56
CA PRO D 180 -18.47 22.58 -7.32
C PRO D 180 -18.56 23.59 -8.47
N VAL D 181 -19.63 24.41 -8.48
CA VAL D 181 -19.81 25.43 -9.51
C VAL D 181 -18.79 26.57 -9.28
N ASP D 182 -17.82 26.71 -10.20
CA ASP D 182 -16.75 27.70 -10.08
C ASP D 182 -16.39 28.26 -11.45
N ARG D 183 -16.48 29.58 -11.61
CA ARG D 183 -16.22 30.27 -12.88
C ARG D 183 -14.77 30.09 -13.35
N GLU D 184 -13.79 30.28 -12.44
CA GLU D 184 -12.37 30.17 -12.78
C GLU D 184 -11.98 28.76 -13.23
N VAL D 185 -12.55 27.71 -12.61
CA VAL D 185 -12.30 26.33 -13.01
C VAL D 185 -12.89 26.05 -14.41
N LEU D 186 -14.12 26.55 -14.66
CA LEU D 186 -14.76 26.38 -15.98
C LEU D 186 -13.93 27.06 -17.06
N GLU D 187 -13.41 28.28 -16.78
CA GLU D 187 -12.55 28.98 -17.72
C GLU D 187 -11.27 28.20 -17.98
N PHE D 188 -10.69 27.59 -16.92
CA PHE D 188 -9.49 26.75 -17.06
C PHE D 188 -9.80 25.48 -17.84
N TYR D 189 -11.02 24.90 -17.62
CA TYR D 189 -11.51 23.72 -18.36
C TYR D 189 -11.49 24.01 -19.87
N VAL D 190 -12.06 25.17 -20.29
CA VAL D 190 -12.16 25.59 -21.69
C VAL D 190 -10.77 25.84 -22.29
N GLN D 191 -9.89 26.54 -21.54
CA GLN D 191 -8.52 26.82 -21.96
C GLN D 191 -7.73 25.50 -22.13
N THR D 192 -7.92 24.55 -21.20
CA THR D 192 -7.25 23.24 -21.25
C THR D 192 -7.74 22.42 -22.45
N LEU D 193 -9.07 22.40 -22.67
CA LEU D 193 -9.66 21.69 -23.81
C LEU D 193 -9.14 22.26 -25.14
N LYS D 194 -9.05 23.60 -25.24
CA LYS D 194 -8.55 24.26 -26.44
C LYS D 194 -7.07 23.90 -26.71
N ARG D 195 -6.27 23.79 -25.65
CA ARG D 195 -4.85 23.43 -25.75
C ARG D 195 -4.67 21.96 -26.20
N LEU D 196 -5.47 21.03 -25.63
CA LEU D 196 -5.35 19.60 -25.92
C LEU D 196 -6.09 19.17 -27.20
N SER D 197 -7.29 19.72 -27.42
CA SER D 197 -8.14 19.35 -28.56
C SER D 197 -8.77 20.62 -29.18
N PRO D 198 -8.04 21.31 -30.11
CA PRO D 198 -8.50 22.63 -30.59
C PRO D 198 -9.85 22.64 -31.32
N ASP D 199 -10.23 21.53 -31.96
CA ASP D 199 -11.49 21.48 -32.73
C ASP D 199 -12.65 20.90 -31.91
N ALA D 200 -12.44 20.68 -30.59
CA ALA D 200 -13.47 20.11 -29.72
C ALA D 200 -14.59 21.10 -29.43
N THR D 201 -15.81 20.57 -29.21
CA THR D 201 -16.97 21.35 -28.79
C THR D 201 -17.27 20.97 -27.34
N TRP D 202 -17.97 21.85 -26.60
CA TRP D 202 -18.26 21.55 -25.20
C TRP D 202 -19.62 22.06 -24.72
N THR D 203 -20.14 21.42 -23.66
CA THR D 203 -21.38 21.81 -23.00
C THR D 203 -21.11 21.96 -21.49
N GLY D 204 -21.63 23.03 -20.92
CA GLY D 204 -21.56 23.24 -19.48
C GLY D 204 -22.84 22.76 -18.82
N ALA D 205 -22.72 21.92 -17.78
CA ALA D 205 -23.89 21.37 -17.10
C ALA D 205 -23.87 21.65 -15.61
N GLY D 206 -24.96 22.24 -15.12
CA GLY D 206 -25.11 22.54 -13.69
C GLY D 206 -26.14 21.63 -13.06
N ILE D 207 -25.72 20.88 -12.05
CA ILE D 207 -26.60 19.94 -11.37
C ILE D 207 -27.11 20.55 -10.10
N GLY D 208 -28.42 20.79 -10.05
CA GLY D 208 -29.06 21.38 -8.89
C GLY D 208 -29.46 22.83 -9.08
N ARG D 209 -29.18 23.67 -8.05
CA ARG D 209 -29.56 25.10 -8.04
CA ARG D 209 -29.57 25.09 -8.04
C ARG D 209 -28.79 25.93 -9.07
N HIS D 210 -27.64 25.42 -9.55
CA HIS D 210 -26.83 26.18 -10.51
C HIS D 210 -27.00 25.71 -11.96
N GLN D 211 -28.17 25.12 -12.29
CA GLN D 211 -28.48 24.69 -13.65
C GLN D 211 -28.46 25.87 -14.63
N LEU D 212 -29.14 26.98 -14.26
CA LEU D 212 -29.16 28.18 -15.10
C LEU D 212 -27.86 28.97 -15.04
N THR D 213 -27.13 28.91 -13.90
CA THR D 213 -25.81 29.55 -13.76
C THR D 213 -24.84 28.97 -14.82
N MSE D 214 -24.78 27.64 -14.92
CA MSE D 214 -23.90 26.96 -15.89
C MSE D 214 -24.33 27.22 -17.33
O MSE D 214 -23.47 27.36 -18.21
CB MSE D 214 -23.84 25.44 -15.60
CG MSE D 214 -23.04 25.10 -14.34
SE MSE D 214 -21.15 25.56 -14.49
CE MSE D 214 -20.58 24.17 -15.76
N ALA D 215 -25.66 27.37 -17.57
CA ALA D 215 -26.18 27.71 -18.90
C ALA D 215 -25.74 29.12 -19.33
N ARG D 216 -25.79 30.08 -18.38
CA ARG D 216 -25.36 31.47 -18.59
C ARG D 216 -23.87 31.53 -18.94
N TRP D 217 -23.04 30.81 -18.16
CA TRP D 217 -21.59 30.77 -18.37
C TRP D 217 -21.21 30.12 -19.70
N SER D 218 -21.92 29.03 -20.07
CA SER D 218 -21.70 28.33 -21.33
C SER D 218 -21.96 29.25 -22.52
N LEU D 219 -23.06 30.03 -22.46
CA LEU D 219 -23.42 30.99 -23.50
C LEU D 219 -22.36 32.07 -23.66
N GLU D 220 -21.82 32.57 -22.53
CA GLU D 220 -20.79 33.61 -22.51
C GLU D 220 -19.44 33.09 -23.06
N LEU D 221 -19.06 31.85 -22.69
CA LEU D 221 -17.75 31.29 -23.03
C LEU D 221 -17.69 30.57 -24.39
N GLY D 222 -18.81 30.58 -25.12
CA GLY D 222 -18.88 29.98 -26.45
C GLY D 222 -19.16 28.50 -26.46
N GLY D 223 -19.77 28.01 -25.39
CA GLY D 223 -20.14 26.60 -25.25
C GLY D 223 -21.61 26.36 -25.50
N HIS D 224 -22.07 25.14 -25.21
CA HIS D 224 -23.48 24.77 -25.40
C HIS D 224 -24.15 24.46 -24.06
N CYS D 225 -25.49 24.40 -24.04
CA CYS D 225 -26.24 24.30 -22.80
C CYS D 225 -26.88 22.95 -22.56
N ARG D 226 -27.11 22.62 -21.28
CA ARG D 226 -27.84 21.45 -20.86
C ARG D 226 -28.82 21.80 -19.74
N THR D 227 -30.06 21.29 -19.83
CA THR D 227 -31.06 21.44 -18.79
C THR D 227 -31.86 20.13 -18.67
N GLY D 228 -32.85 20.11 -17.78
CA GLY D 228 -33.70 18.94 -17.61
C GLY D 228 -33.96 18.54 -16.18
N LEU D 229 -34.99 17.70 -15.98
CA LEU D 229 -35.42 17.23 -14.66
C LEU D 229 -34.40 16.29 -14.04
N GLU D 230 -33.50 15.73 -14.86
CA GLU D 230 -32.41 14.88 -14.37
C GLU D 230 -31.48 15.69 -13.46
N ASP D 231 -31.26 16.96 -13.80
CA ASP D 231 -30.32 17.82 -13.08
C ASP D 231 -31.00 18.73 -12.07
N ASN D 232 -32.26 19.13 -12.33
CA ASN D 232 -32.98 20.07 -11.48
C ASN D 232 -34.49 19.93 -11.67
N VAL D 233 -35.25 19.87 -10.57
CA VAL D 233 -36.71 19.72 -10.65
C VAL D 233 -37.47 21.05 -10.46
N ARG D 234 -36.74 22.15 -10.18
CA ARG D 234 -37.36 23.45 -9.92
C ARG D 234 -37.16 24.47 -11.05
N LEU D 235 -38.21 25.30 -11.31
CA LEU D 235 -38.08 26.45 -12.22
C LEU D 235 -37.35 27.56 -11.48
N ASP D 236 -37.72 27.75 -10.21
CA ASP D 236 -37.11 28.75 -9.32
C ASP D 236 -37.13 28.22 -7.88
N LYS D 237 -36.70 29.05 -6.90
CA LYS D 237 -36.63 28.66 -5.48
C LYS D 237 -38.00 28.21 -4.91
N ASN D 238 -39.10 28.76 -5.43
CA ASN D 238 -40.46 28.47 -4.91
C ASN D 238 -41.26 27.51 -5.79
N THR D 239 -40.87 27.35 -7.06
CA THR D 239 -41.72 26.63 -8.02
C THR D 239 -41.06 25.41 -8.62
N LEU D 240 -41.82 24.29 -8.69
CA LEU D 240 -41.40 23.06 -9.37
C LEU D 240 -41.60 23.24 -10.88
N ALA D 241 -40.73 22.62 -11.69
CA ALA D 241 -40.87 22.67 -13.14
C ALA D 241 -42.06 21.80 -13.59
N PRO D 242 -43.03 22.37 -14.36
CA PRO D 242 -44.20 21.55 -14.77
C PRO D 242 -43.86 20.53 -15.86
N SER D 243 -42.68 20.68 -16.51
CA SER D 243 -42.22 19.77 -17.59
C SER D 243 -40.77 20.04 -17.93
N ASN D 244 -40.16 19.15 -18.75
CA ASN D 244 -38.81 19.37 -19.27
C ASN D 244 -38.81 20.52 -20.27
N ALA D 245 -39.93 20.68 -21.03
CA ALA D 245 -40.08 21.77 -22.02
C ALA D 245 -40.00 23.14 -21.34
N ALA D 246 -40.55 23.27 -20.10
CA ALA D 246 -40.51 24.53 -19.34
C ALA D 246 -39.07 24.91 -18.97
N LEU D 247 -38.22 23.90 -18.67
CA LEU D 247 -36.80 24.13 -18.37
C LEU D 247 -36.03 24.49 -19.63
N VAL D 248 -36.39 23.87 -20.78
CA VAL D 248 -35.78 24.18 -22.08
C VAL D 248 -36.11 25.63 -22.47
N ARG D 249 -37.37 26.08 -22.19
CA ARG D 249 -37.81 27.46 -22.44
C ARG D 249 -36.95 28.48 -21.71
N GLN D 250 -36.58 28.18 -20.44
CA GLN D 250 -35.70 29.03 -19.64
C GLN D 250 -34.37 29.23 -20.36
N VAL D 251 -33.77 28.13 -20.85
CA VAL D 251 -32.50 28.16 -21.56
C VAL D 251 -32.65 28.85 -22.92
N ALA D 252 -33.75 28.51 -23.66
CA ALA D 252 -34.04 29.13 -24.95
C ALA D 252 -34.17 30.65 -24.82
N GLU D 253 -34.82 31.12 -23.72
CA GLU D 253 -34.95 32.54 -23.43
C GLU D 253 -33.59 33.15 -23.12
N LEU D 254 -32.72 32.41 -22.37
CA LEU D 254 -31.34 32.84 -22.08
C LEU D 254 -30.54 33.01 -23.37
N CYS D 255 -30.62 31.99 -24.26
CA CYS D 255 -29.94 32.02 -25.56
C CYS D 255 -30.19 33.34 -26.31
N GLU D 256 -31.48 33.71 -26.48
CA GLU D 256 -31.88 34.94 -27.16
C GLU D 256 -31.30 36.21 -26.49
N GLU D 257 -31.26 36.23 -25.15
CA GLU D 257 -30.77 37.40 -24.41
C GLU D 257 -29.24 37.53 -24.46
N TYR D 258 -28.54 36.43 -24.80
CA TYR D 258 -27.07 36.44 -24.91
C TYR D 258 -26.61 36.47 -26.38
N GLY D 259 -27.52 36.86 -27.28
CA GLY D 259 -27.24 37.05 -28.70
C GLY D 259 -26.92 35.78 -29.46
N ARG D 260 -27.21 34.62 -28.88
CA ARG D 260 -26.94 33.34 -29.51
C ARG D 260 -28.23 32.62 -29.89
N PRO D 261 -28.48 32.42 -31.20
CA PRO D 261 -29.74 31.75 -31.59
C PRO D 261 -29.79 30.29 -31.15
N VAL D 262 -30.99 29.79 -30.86
CA VAL D 262 -31.18 28.39 -30.50
C VAL D 262 -30.95 27.53 -31.76
N ALA D 263 -29.95 26.64 -31.72
CA ALA D 263 -29.59 25.80 -32.86
C ALA D 263 -30.74 24.88 -33.27
N THR D 264 -30.94 24.71 -34.58
CA THR D 264 -31.94 23.76 -35.11
C THR D 264 -31.34 22.36 -35.05
N ALA D 265 -32.15 21.33 -35.37
CA ALA D 265 -31.67 19.94 -35.38
C ALA D 265 -30.53 19.76 -36.39
N ALA D 266 -30.68 20.37 -37.60
CA ALA D 266 -29.67 20.30 -38.66
C ALA D 266 -28.38 21.01 -38.25
N GLN D 267 -28.50 22.20 -37.62
CA GLN D 267 -27.34 22.97 -37.15
C GLN D 267 -26.60 22.23 -36.04
N ALA D 268 -27.37 21.63 -35.09
CA ALA D 268 -26.78 20.87 -33.98
C ALA D 268 -25.96 19.68 -34.50
N ARG D 269 -26.48 18.98 -35.53
CA ARG D 269 -25.77 17.83 -36.13
C ARG D 269 -24.48 18.28 -36.84
N GLU D 270 -24.52 19.45 -37.52
CA GLU D 270 -23.35 20.04 -38.19
C GLU D 270 -22.27 20.45 -37.17
N ILE D 271 -22.67 21.09 -36.05
CA ILE D 271 -21.75 21.52 -34.99
C ILE D 271 -21.10 20.29 -34.30
N MSE D 272 -21.90 19.20 -34.12
CA MSE D 272 -21.42 17.96 -33.48
CA MSE D 272 -21.42 17.96 -33.48
C MSE D 272 -20.63 17.09 -34.46
O MSE D 272 -20.05 16.07 -34.04
CB MSE D 272 -22.62 17.15 -32.92
CB MSE D 272 -22.61 17.16 -32.91
CG MSE D 272 -23.32 17.83 -31.75
CG MSE D 272 -23.20 17.76 -31.65
SE MSE D 272 -22.20 17.97 -30.17
SE MSE D 272 -21.87 17.95 -30.25
CE MSE D 272 -23.53 18.58 -28.92
CE MSE D 272 -21.71 19.87 -30.26
N SER D 273 -20.61 17.47 -35.77
CA SER D 273 -19.95 16.70 -36.84
C SER D 273 -20.62 15.32 -37.03
N LEU D 274 -21.96 15.28 -36.88
CA LEU D 274 -22.75 14.05 -37.04
C LEU D 274 -23.28 13.93 -38.47
N GLY E 1 3.21 -2.20 50.86
CA GLY E 1 3.07 -1.83 49.46
C GLY E 1 3.16 -0.34 49.24
N MSE E 2 4.38 0.17 48.96
CA MSE E 2 4.60 1.60 48.73
C MSE E 2 5.03 1.88 47.29
O MSE E 2 6.23 1.90 47.00
CB MSE E 2 5.63 2.16 49.73
CG MSE E 2 5.23 1.99 51.19
SE MSE E 2 6.52 2.78 52.40
CE MSE E 2 5.96 1.88 54.06
N ASN E 3 4.05 2.08 46.39
CA ASN E 3 4.28 2.38 44.97
C ASN E 3 5.11 1.28 44.27
N LYS E 4 4.85 0.01 44.62
CA LYS E 4 5.54 -1.15 44.06
C LYS E 4 5.36 -1.21 42.54
N PRO E 5 6.37 -1.71 41.77
CA PRO E 5 6.20 -1.78 40.30
C PRO E 5 5.12 -2.74 39.92
N CYS E 6 4.42 -2.46 38.81
CA CYS E 6 3.37 -3.31 38.35
C CYS E 6 3.76 -4.03 37.08
N ILE E 7 3.76 -5.39 37.12
CA ILE E 7 4.04 -6.21 35.95
CA ILE E 7 4.05 -6.19 35.95
C ILE E 7 2.81 -6.19 35.06
N ILE E 8 2.99 -5.92 33.76
CA ILE E 8 1.88 -6.00 32.81
C ILE E 8 2.04 -7.29 32.00
N SER E 9 1.14 -8.26 32.22
CA SER E 9 1.13 -9.50 31.45
C SER E 9 0.26 -9.30 30.23
N VAL E 10 0.67 -9.84 29.09
CA VAL E 10 -0.13 -9.76 27.87
C VAL E 10 -0.46 -11.16 27.31
N ALA E 11 -1.76 -11.52 27.37
CA ALA E 11 -2.25 -12.79 26.82
C ALA E 11 -2.66 -12.51 25.37
N ILE E 12 -1.76 -12.79 24.43
CA ILE E 12 -1.87 -12.35 23.04
C ILE E 12 -2.94 -13.03 22.19
N THR E 13 -3.16 -14.35 22.35
CA THR E 13 -4.02 -15.09 21.42
C THR E 13 -5.14 -15.88 22.07
N GLY E 14 -4.79 -16.76 23.01
CA GLY E 14 -5.76 -17.66 23.62
C GLY E 14 -6.13 -18.81 22.70
N SER E 15 -7.20 -19.54 23.04
CA SER E 15 -7.64 -20.67 22.22
C SER E 15 -8.97 -20.39 21.49
N LEU E 16 -9.74 -19.37 21.95
CA LEU E 16 -11.05 -19.05 21.37
C LEU E 16 -11.04 -17.88 20.34
N PRO E 17 -10.38 -16.72 20.62
CA PRO E 17 -10.48 -15.57 19.68
C PRO E 17 -10.05 -15.89 18.25
N ARG E 18 -10.84 -15.42 17.27
CA ARG E 18 -10.57 -15.65 15.85
C ARG E 18 -10.43 -14.32 15.10
N LYS E 19 -9.97 -14.38 13.82
CA LYS E 19 -9.84 -13.18 12.97
C LYS E 19 -11.20 -12.50 12.75
N LYS E 20 -12.29 -13.30 12.73
CA LYS E 20 -13.67 -12.78 12.58
C LYS E 20 -14.10 -11.94 13.79
N ASP E 21 -13.57 -12.26 14.98
CA ASP E 21 -13.84 -11.49 16.21
C ASP E 21 -13.09 -10.16 16.16
N ASN E 22 -11.82 -10.20 15.73
CA ASN E 22 -10.94 -9.02 15.62
C ASN E 22 -9.72 -9.40 14.75
N PRO E 23 -9.47 -8.69 13.62
CA PRO E 23 -8.32 -9.06 12.77
C PRO E 23 -6.96 -8.84 13.45
N ALA E 24 -6.95 -8.13 14.60
CA ALA E 24 -5.72 -7.86 15.35
C ALA E 24 -5.21 -9.12 16.07
N VAL E 25 -6.08 -10.15 16.24
CA VAL E 25 -5.72 -11.40 16.92
C VAL E 25 -4.59 -12.12 16.14
N PRO E 26 -3.40 -12.28 16.76
CA PRO E 26 -2.28 -12.93 16.05
C PRO E 26 -2.42 -14.45 15.99
N ILE E 27 -2.35 -15.02 14.76
CA ILE E 27 -2.52 -16.47 14.54
C ILE E 27 -1.20 -17.12 14.09
N THR E 28 -0.55 -16.56 13.06
CA THR E 28 0.71 -17.09 12.53
C THR E 28 1.88 -16.79 13.48
N VAL E 29 3.03 -17.47 13.26
CA VAL E 29 4.25 -17.26 14.05
C VAL E 29 4.70 -15.80 13.95
N SER E 30 4.76 -15.25 12.70
CA SER E 30 5.17 -13.87 12.45
CA SER E 30 5.18 -13.86 12.45
C SER E 30 4.24 -12.87 13.15
N GLU E 31 2.91 -13.13 13.09
CA GLU E 31 1.90 -12.25 13.73
C GLU E 31 2.08 -12.24 15.25
N GLN E 32 2.29 -13.42 15.86
CA GLN E 32 2.46 -13.54 17.32
C GLN E 32 3.74 -12.88 17.81
N VAL E 33 4.85 -13.01 17.05
CA VAL E 33 6.13 -12.40 17.40
C VAL E 33 6.04 -10.86 17.31
N GLU E 34 5.41 -10.33 16.25
CA GLU E 34 5.27 -8.87 16.08
C GLU E 34 4.29 -8.28 17.08
N SER E 35 3.16 -8.97 17.35
CA SER E 35 2.18 -8.50 18.32
C SER E 35 2.80 -8.46 19.72
N THR E 36 3.66 -9.46 20.05
CA THR E 36 4.35 -9.52 21.34
C THR E 36 5.37 -8.38 21.46
N GLN E 37 6.18 -8.15 20.39
CA GLN E 37 7.20 -7.09 20.35
C GLN E 37 6.56 -5.71 20.57
N ALA E 38 5.45 -5.44 19.84
CA ALA E 38 4.73 -4.17 19.99
C ALA E 38 4.19 -4.00 21.42
N ALA E 39 3.61 -5.08 22.01
CA ALA E 39 3.11 -5.06 23.40
C ALA E 39 4.27 -4.85 24.39
N PHE E 40 5.45 -5.47 24.11
CA PHE E 40 6.66 -5.32 24.92
C PHE E 40 7.13 -3.85 24.92
N GLU E 41 7.09 -3.20 23.73
CA GLU E 41 7.49 -1.80 23.61
C GLU E 41 6.45 -0.86 24.27
N ALA E 42 5.21 -1.36 24.45
CA ALA E 42 4.11 -0.61 25.09
C ALA E 42 4.17 -0.70 26.64
N GLY E 43 4.97 -1.63 27.17
CA GLY E 43 5.16 -1.78 28.62
C GLY E 43 4.93 -3.16 29.19
N ALA E 44 4.51 -4.13 28.35
CA ALA E 44 4.30 -5.50 28.82
C ALA E 44 5.65 -6.23 29.02
N THR E 45 5.81 -6.92 30.16
CA THR E 45 7.06 -7.62 30.47
C THR E 45 6.88 -9.13 30.61
N LEU E 46 5.64 -9.60 30.47
CA LEU E 46 5.31 -11.01 30.53
C LEU E 46 4.36 -11.34 29.40
N VAL E 47 4.67 -12.39 28.64
CA VAL E 47 3.80 -12.82 27.56
C VAL E 47 3.17 -14.18 27.87
N HIS E 48 1.83 -14.23 27.96
CA HIS E 48 1.09 -15.47 28.14
C HIS E 48 0.78 -16.03 26.75
N LEU E 49 1.42 -17.14 26.39
CA LEU E 49 1.39 -17.65 25.03
C LEU E 49 0.55 -18.91 24.81
N HIS E 50 -0.43 -18.80 23.90
CA HIS E 50 -1.16 -19.91 23.31
C HIS E 50 -0.75 -19.94 21.83
N VAL E 51 -0.62 -21.14 21.24
CA VAL E 51 -0.32 -21.22 19.80
C VAL E 51 -1.49 -21.77 19.00
N ARG E 52 -1.54 -21.48 17.70
CA ARG E 52 -2.64 -21.92 16.84
C ARG E 52 -2.12 -22.57 15.58
N ASN E 53 -2.97 -23.39 14.94
CA ASN E 53 -2.68 -23.91 13.62
C ASN E 53 -2.99 -22.81 12.58
N ASP E 54 -2.56 -23.00 11.33
CA ASP E 54 -2.79 -22.01 10.26
C ASP E 54 -4.29 -21.72 10.04
N ASP E 55 -5.16 -22.74 10.25
CA ASP E 55 -6.62 -22.58 10.10
C ASP E 55 -7.27 -21.96 11.36
N GLU E 56 -6.44 -21.41 12.29
CA GLU E 56 -6.87 -20.73 13.54
C GLU E 56 -7.32 -21.69 14.68
N THR E 57 -7.30 -23.02 14.43
CA THR E 57 -7.69 -24.00 15.46
C THR E 57 -6.63 -24.09 16.57
N PRO E 58 -7.05 -24.26 17.85
CA PRO E 58 -6.05 -24.33 18.94
C PRO E 58 -5.16 -25.58 18.87
N THR E 59 -3.91 -25.47 19.35
CA THR E 59 -2.96 -26.59 19.36
C THR E 59 -1.94 -26.44 20.50
N SER E 60 -1.36 -27.56 20.96
CA SER E 60 -0.31 -27.56 21.97
C SER E 60 1.04 -27.90 21.31
N ASN E 61 1.05 -27.96 19.94
CA ASN E 61 2.22 -28.29 19.11
C ASN E 61 3.53 -27.64 19.63
N PRO E 62 4.49 -28.47 20.12
CA PRO E 62 5.76 -27.90 20.65
C PRO E 62 6.61 -27.23 19.57
N ASP E 63 6.52 -27.70 18.31
CA ASP E 63 7.26 -27.12 17.19
C ASP E 63 6.79 -25.69 16.91
N ARG E 64 5.46 -25.46 16.98
CA ARG E 64 4.88 -24.14 16.81
C ARG E 64 5.30 -23.23 17.99
N PHE E 65 5.26 -23.77 19.23
CA PHE E 65 5.71 -23.04 20.43
C PHE E 65 7.18 -22.64 20.31
N ALA E 66 8.05 -23.56 19.84
CA ALA E 66 9.49 -23.33 19.69
C ALA E 66 9.78 -22.14 18.77
N LEU E 67 9.08 -22.05 17.62
CA LEU E 67 9.27 -20.97 16.63
C LEU E 67 8.88 -19.61 17.21
N VAL E 68 7.74 -19.54 17.92
CA VAL E 68 7.26 -18.29 18.51
C VAL E 68 8.16 -17.84 19.67
N LEU E 69 8.53 -18.79 20.57
CA LEU E 69 9.41 -18.49 21.71
C LEU E 69 10.77 -17.97 21.26
N GLU E 70 11.31 -18.53 20.15
CA GLU E 70 12.61 -18.11 19.58
C GLU E 70 12.52 -16.66 19.07
N GLY E 71 11.41 -16.34 18.38
CA GLY E 71 11.16 -14.99 17.87
C GLY E 71 10.99 -13.97 18.98
N ILE E 72 10.30 -14.36 20.07
CA ILE E 72 10.09 -13.49 21.25
C ILE E 72 11.42 -13.18 21.96
N ARG E 73 12.30 -14.22 22.13
CA ARG E 73 13.59 -14.02 22.78
CA ARG E 73 13.62 -14.06 22.77
C ARG E 73 14.48 -13.05 22.00
N LYS E 74 14.39 -13.08 20.66
CA LYS E 74 15.19 -12.21 19.78
C LYS E 74 14.62 -10.78 19.69
N HIS E 75 13.28 -10.66 19.47
CA HIS E 75 12.64 -9.36 19.24
C HIS E 75 12.18 -8.64 20.53
N ALA E 76 11.99 -9.40 21.63
CA ALA E 76 11.63 -8.80 22.91
C ALA E 76 12.60 -9.33 24.00
N PRO E 77 13.89 -8.89 23.98
CA PRO E 77 14.87 -9.44 24.95
C PRO E 77 14.57 -9.06 26.39
N GLY E 78 14.63 -10.06 27.26
CA GLY E 78 14.37 -9.86 28.69
C GLY E 78 12.92 -10.12 29.09
N MSE E 79 12.00 -10.15 28.08
CA MSE E 79 10.58 -10.39 28.34
C MSE E 79 10.36 -11.80 28.90
O MSE E 79 10.94 -12.76 28.38
CB MSE E 79 9.75 -10.18 27.08
CG MSE E 79 8.26 -9.97 27.37
SE MSE E 79 7.20 -9.96 25.74
CE MSE E 79 5.61 -9.04 26.43
N ILE E 80 9.54 -11.91 29.94
CA ILE E 80 9.22 -13.20 30.56
C ILE E 80 8.29 -13.99 29.66
N THR E 81 8.68 -15.22 29.31
CA THR E 81 7.85 -16.09 28.47
C THR E 81 7.04 -17.02 29.33
N GLN E 82 5.74 -17.11 29.05
CA GLN E 82 4.85 -17.98 29.79
C GLN E 82 4.00 -18.77 28.80
N VAL E 83 4.17 -20.09 28.78
CA VAL E 83 3.38 -20.95 27.90
C VAL E 83 2.09 -21.39 28.60
N SER E 84 1.02 -21.59 27.82
CA SER E 84 -0.22 -22.09 28.37
C SER E 84 -0.23 -23.63 28.36
N THR E 85 -0.72 -24.24 29.45
CA THR E 85 -0.86 -25.69 29.52
C THR E 85 -2.35 -26.08 29.50
N GLY E 86 -3.19 -25.17 28.99
CA GLY E 86 -4.62 -25.40 28.85
C GLY E 86 -4.94 -26.40 27.77
N GLY E 87 -6.16 -26.94 27.78
CA GLY E 87 -6.58 -27.92 26.81
C GLY E 87 -7.99 -28.41 26.99
N ARG E 88 -8.47 -29.21 26.02
CA ARG E 88 -9.81 -29.79 26.04
C ARG E 88 -9.94 -30.90 27.09
N SER E 89 -11.18 -31.26 27.44
CA SER E 89 -11.45 -32.35 28.40
C SER E 89 -11.04 -33.69 27.78
N GLY E 90 -10.31 -34.49 28.56
CA GLY E 90 -9.82 -35.79 28.09
C GLY E 90 -8.36 -35.76 27.69
N ALA E 91 -7.83 -34.55 27.37
CA ALA E 91 -6.42 -34.39 27.00
C ALA E 91 -5.54 -34.56 28.24
N GLY E 92 -4.49 -35.37 28.11
CA GLY E 92 -3.61 -35.67 29.22
C GLY E 92 -2.29 -34.94 29.17
N ASN E 93 -1.18 -35.70 29.20
CA ASN E 93 0.19 -35.17 29.22
C ASN E 93 0.54 -34.31 27.99
N GLU E 94 -0.24 -34.43 26.88
CA GLU E 94 -0.02 -33.65 25.66
C GLU E 94 -0.15 -32.13 25.92
N ARG E 95 -0.87 -31.75 27.01
CA ARG E 95 -1.04 -30.36 27.43
C ARG E 95 0.28 -29.74 27.94
N GLY E 96 1.26 -30.60 28.28
CA GLY E 96 2.57 -30.15 28.76
C GLY E 96 3.72 -30.63 27.90
N ALA E 97 3.46 -30.89 26.62
CA ALA E 97 4.49 -31.39 25.68
C ALA E 97 5.49 -30.29 25.27
N MSE E 98 5.16 -29.00 25.51
CA MSE E 98 6.03 -27.88 25.14
C MSE E 98 6.95 -27.44 26.29
O MSE E 98 7.81 -26.57 26.09
CB MSE E 98 5.18 -26.68 24.63
CG MSE E 98 4.57 -25.82 25.77
SE MSE E 98 3.27 -26.77 26.90
CE MSE E 98 1.88 -27.06 25.57
N LEU E 99 6.78 -28.03 27.49
CA LEU E 99 7.53 -27.64 28.69
C LEU E 99 9.05 -27.84 28.58
N SER E 100 9.50 -28.84 27.79
CA SER E 100 10.94 -29.10 27.61
C SER E 100 11.65 -27.96 26.85
N LEU E 101 10.88 -27.03 26.24
CA LEU E 101 11.44 -25.85 25.55
C LEU E 101 12.01 -24.85 26.58
N ARG E 102 11.77 -25.14 27.88
CA ARG E 102 12.25 -24.34 29.02
CA ARG E 102 12.25 -24.34 29.02
C ARG E 102 11.87 -22.85 28.92
N PRO E 103 10.54 -22.52 28.87
CA PRO E 103 10.16 -21.10 28.95
C PRO E 103 10.38 -20.61 30.39
N ASP E 104 10.31 -19.30 30.63
CA ASP E 104 10.48 -18.76 31.99
C ASP E 104 9.38 -19.27 32.89
N MSE E 105 8.13 -19.23 32.40
CA MSE E 105 6.95 -19.63 33.18
C MSE E 105 5.98 -20.48 32.36
O MSE E 105 6.15 -20.63 31.15
CB MSE E 105 6.22 -18.38 33.71
CG MSE E 105 7.10 -17.47 34.56
SE MSE E 105 6.11 -16.01 35.32
CE MSE E 105 5.02 -16.98 36.57
N ALA E 106 5.01 -21.09 33.04
CA ALA E 106 3.94 -21.87 32.41
C ALA E 106 2.71 -21.83 33.29
N SER E 107 1.52 -21.66 32.68
CA SER E 107 0.26 -21.61 33.41
CA SER E 107 0.27 -21.61 33.42
C SER E 107 -0.04 -22.95 34.04
N LEU E 108 -0.65 -22.95 35.22
CA LEU E 108 -0.96 -24.19 35.92
C LEU E 108 -2.30 -24.07 36.67
N ALA E 109 -3.36 -24.63 36.08
CA ALA E 109 -4.66 -24.67 36.76
C ALA E 109 -4.60 -25.79 37.80
N THR E 110 -4.74 -25.44 39.10
CA THR E 110 -4.57 -26.41 40.20
C THR E 110 -5.89 -27.07 40.61
N GLY E 111 -6.94 -26.86 39.82
CA GLY E 111 -8.23 -27.47 40.08
C GLY E 111 -9.12 -27.46 38.86
N SER E 112 -10.31 -28.04 38.99
CA SER E 112 -11.30 -28.05 37.91
C SER E 112 -12.40 -27.04 38.21
N VAL E 113 -12.97 -26.45 37.15
CA VAL E 113 -14.03 -25.43 37.26
C VAL E 113 -14.93 -25.49 36.04
N ASN E 114 -16.19 -25.07 36.18
CA ASN E 114 -17.09 -25.02 35.05
C ASN E 114 -16.81 -23.81 34.18
N PHE E 115 -16.82 -24.01 32.86
CA PHE E 115 -16.62 -22.95 31.88
C PHE E 115 -17.97 -22.65 31.19
N PRO E 116 -18.06 -21.65 30.27
CA PRO E 116 -19.37 -21.29 29.69
C PRO E 116 -20.14 -22.45 29.05
N THR E 117 -19.44 -23.36 28.35
CA THR E 117 -20.11 -24.44 27.58
C THR E 117 -19.67 -25.86 28.02
N ARG E 118 -18.61 -25.96 28.84
CA ARG E 118 -18.08 -27.26 29.25
C ARG E 118 -17.41 -27.19 30.62
N VAL E 119 -16.86 -28.31 31.08
CA VAL E 119 -16.07 -28.35 32.30
C VAL E 119 -14.60 -28.13 31.93
N TYR E 120 -13.92 -27.21 32.60
CA TYR E 120 -12.48 -27.06 32.41
C TYR E 120 -11.78 -28.10 33.29
N ASP E 121 -11.59 -29.31 32.74
CA ASP E 121 -11.05 -30.44 33.46
C ASP E 121 -9.58 -30.36 33.69
N ASN E 122 -9.17 -30.51 34.95
CA ASN E 122 -7.77 -30.56 35.34
C ASN E 122 -7.58 -31.66 36.38
N PRO E 123 -7.56 -32.95 35.93
CA PRO E 123 -7.46 -34.06 36.91
C PRO E 123 -6.28 -33.92 37.86
N PRO E 124 -6.43 -34.35 39.15
CA PRO E 124 -5.32 -34.21 40.11
C PRO E 124 -4.01 -34.80 39.60
N GLU E 125 -4.07 -35.97 38.89
CA GLU E 125 -2.90 -36.62 38.33
CA GLU E 125 -2.90 -36.63 38.32
C GLU E 125 -2.22 -35.74 37.27
N LEU E 126 -3.03 -34.98 36.48
CA LEU E 126 -2.50 -34.08 35.46
C LEU E 126 -1.86 -32.84 36.11
N VAL E 127 -2.50 -32.28 37.15
CA VAL E 127 -1.96 -31.13 37.90
C VAL E 127 -0.57 -31.50 38.48
N ASP E 128 -0.46 -32.68 39.12
CA ASP E 128 0.80 -33.19 39.69
C ASP E 128 1.88 -33.37 38.60
N TRP E 129 1.50 -33.98 37.46
CA TRP E 129 2.44 -34.23 36.37
C TRP E 129 2.97 -32.93 35.76
N LEU E 130 2.06 -31.97 35.47
CA LEU E 130 2.45 -30.67 34.89
C LEU E 130 3.42 -29.92 35.83
N ALA E 131 3.12 -29.92 37.15
CA ALA E 131 3.95 -29.25 38.14
C ALA E 131 5.33 -29.91 38.24
N ALA E 132 5.39 -31.26 38.20
CA ALA E 132 6.65 -32.01 38.24
C ALA E 132 7.50 -31.73 37.01
N GLU E 133 6.86 -31.60 35.82
CA GLU E 133 7.56 -31.27 34.57
C GLU E 133 8.16 -29.87 34.65
N MSE E 134 7.42 -28.89 35.24
CA MSE E 134 7.90 -27.51 35.41
C MSE E 134 9.07 -27.44 36.39
O MSE E 134 10.00 -26.66 36.19
CB MSE E 134 6.76 -26.59 35.88
CG MSE E 134 5.66 -26.41 34.85
SE MSE E 134 4.15 -25.47 35.58
CE MSE E 134 2.82 -26.00 34.26
N LYS E 135 9.01 -28.27 37.45
CA LYS E 135 10.09 -28.36 38.43
C LYS E 135 11.34 -28.98 37.77
N THR E 136 11.14 -29.96 36.88
CA THR E 136 12.24 -30.63 36.15
C THR E 136 12.97 -29.65 35.21
N TYR E 137 12.20 -28.82 34.47
CA TYR E 137 12.78 -27.90 33.48
C TYR E 137 13.04 -26.47 34.01
N GLY E 138 12.99 -26.32 35.34
CA GLY E 138 13.25 -25.04 36.00
C GLY E 138 12.26 -23.94 35.65
N ILE E 139 11.01 -24.34 35.34
CA ILE E 139 9.95 -23.41 34.96
C ILE E 139 9.17 -22.95 36.19
N LYS E 140 9.00 -21.62 36.35
CA LYS E 140 8.21 -21.08 37.44
C LYS E 140 6.73 -21.12 37.06
N PRO E 141 5.89 -21.84 37.81
CA PRO E 141 4.49 -21.91 37.44
C PRO E 141 3.72 -20.64 37.78
N GLU E 142 2.70 -20.33 36.97
CA GLU E 142 1.73 -19.31 37.30
C GLU E 142 0.45 -20.02 37.59
N VAL E 143 0.08 -20.11 38.87
CA VAL E 143 -1.15 -20.79 39.25
C VAL E 143 -2.36 -20.03 38.76
N GLU E 144 -3.22 -20.71 37.97
CA GLU E 144 -4.46 -20.12 37.49
C GLU E 144 -5.58 -20.45 38.45
N ALA E 145 -5.97 -19.48 39.29
CA ALA E 145 -7.00 -19.70 40.28
C ALA E 145 -8.36 -19.24 39.77
N PHE E 146 -9.15 -20.19 39.24
CA PHE E 146 -10.49 -19.90 38.72
C PHE E 146 -11.53 -20.03 39.82
N ASP E 147 -11.12 -20.52 41.00
CA ASP E 147 -11.99 -20.69 42.16
C ASP E 147 -11.15 -20.69 43.43
N LEU E 148 -11.79 -20.48 44.60
CA LEU E 148 -11.12 -20.35 45.90
C LEU E 148 -10.20 -21.54 46.26
N SER E 149 -10.69 -22.80 46.10
CA SER E 149 -9.94 -24.00 46.50
C SER E 149 -8.59 -24.12 45.79
N MSE E 150 -8.46 -23.51 44.59
CA MSE E 150 -7.23 -23.56 43.81
C MSE E 150 -6.09 -22.79 44.48
O MSE E 150 -4.92 -23.14 44.28
CB MSE E 150 -7.46 -23.07 42.38
CG MSE E 150 -8.49 -23.91 41.64
SE MSE E 150 -8.50 -23.60 39.73
CE MSE E 150 -10.24 -24.25 39.36
N ILE E 151 -6.42 -21.79 45.33
CA ILE E 151 -5.42 -21.07 46.12
C ILE E 151 -4.87 -22.00 47.21
N PHE E 152 -5.78 -22.74 47.88
CA PHE E 152 -5.39 -23.70 48.91
C PHE E 152 -4.56 -24.83 48.34
N GLN E 153 -4.91 -25.30 47.12
CA GLN E 153 -4.16 -26.35 46.44
C GLN E 153 -2.75 -25.88 46.10
N ALA E 154 -2.63 -24.63 45.58
CA ALA E 154 -1.33 -24.05 45.24
C ALA E 154 -0.42 -23.96 46.48
N ALA E 155 -0.98 -23.51 47.63
CA ALA E 155 -0.23 -23.38 48.89
C ALA E 155 0.20 -24.76 49.43
N ALA E 156 -0.69 -25.78 49.30
CA ALA E 156 -0.38 -27.14 49.74
C ALA E 156 0.72 -27.77 48.87
N MSE E 157 0.74 -27.43 47.56
CA MSE E 157 1.75 -27.94 46.64
C MSE E 157 3.11 -27.28 46.91
O MSE E 157 4.14 -27.95 46.88
CB MSE E 157 1.33 -27.71 45.19
CG MSE E 157 0.18 -28.61 44.76
SE MSE E 157 -0.55 -28.06 43.06
CE MSE E 157 0.87 -28.65 41.92
N GLN E 158 3.11 -25.96 47.22
CA GLN E 158 4.34 -25.24 47.58
C GLN E 158 4.93 -25.81 48.88
N ALA E 159 4.06 -26.11 49.86
CA ALA E 159 4.48 -26.66 51.16
C ALA E 159 5.10 -28.06 51.00
N ALA E 160 4.57 -28.87 50.05
CA ALA E 160 5.06 -30.23 49.80
C ALA E 160 6.33 -30.24 48.92
N GLY E 161 6.67 -29.08 48.35
CA GLY E 161 7.83 -28.95 47.47
C GLY E 161 7.52 -29.19 46.00
N ALA E 162 6.21 -29.38 45.67
CA ALA E 162 5.76 -29.60 44.29
C ALA E 162 5.93 -28.32 43.46
N ILE E 163 5.81 -27.15 44.11
CA ILE E 163 6.08 -25.85 43.48
C ILE E 163 7.25 -25.19 44.20
N VAL E 164 8.28 -24.80 43.44
CA VAL E 164 9.53 -24.24 43.97
C VAL E 164 9.52 -22.70 43.97
N GLY E 165 10.06 -22.12 45.05
CA GLY E 165 10.19 -20.66 45.19
C GLY E 165 8.89 -19.96 45.53
N PRO E 166 8.90 -18.61 45.58
CA PRO E 166 7.67 -17.87 45.89
C PRO E 166 6.58 -18.11 44.84
N LEU E 167 5.34 -18.30 45.31
CA LEU E 167 4.21 -18.57 44.42
C LEU E 167 3.81 -17.34 43.63
N HIS E 168 3.40 -17.53 42.37
CA HIS E 168 2.72 -16.49 41.62
C HIS E 168 1.38 -17.01 41.20
N ILE E 169 0.31 -16.36 41.65
CA ILE E 169 -1.05 -16.83 41.39
C ILE E 169 -1.88 -15.79 40.64
N GLN E 170 -2.67 -16.25 39.66
CA GLN E 170 -3.52 -15.36 38.90
C GLN E 170 -4.98 -15.59 39.26
N PHE E 171 -5.65 -14.54 39.78
CA PHE E 171 -7.06 -14.62 40.14
C PHE E 171 -7.92 -14.28 38.92
N VAL E 172 -8.62 -15.27 38.37
CA VAL E 172 -9.39 -15.10 37.14
C VAL E 172 -10.89 -14.85 37.44
N MSE E 173 -11.43 -13.71 36.91
CA MSE E 173 -12.86 -13.34 37.11
C MSE E 173 -13.56 -12.94 35.80
O MSE E 173 -12.93 -12.37 34.91
CB MSE E 173 -12.99 -12.21 38.14
CG MSE E 173 -12.69 -12.67 39.56
SE MSE E 173 -12.82 -11.21 40.84
CE MSE E 173 -12.42 -12.19 42.32
N GLY E 174 -14.87 -13.21 35.74
CA GLY E 174 -15.69 -12.80 34.61
C GLY E 174 -16.09 -13.93 33.67
N ILE E 175 -15.63 -15.17 33.92
CA ILE E 175 -15.98 -16.31 33.07
C ILE E 175 -17.33 -16.89 33.49
N LYS E 176 -18.26 -17.04 32.53
CA LYS E 176 -19.59 -17.61 32.79
C LYS E 176 -19.46 -19.02 33.38
N ASN E 177 -20.19 -19.29 34.49
CA ASN E 177 -20.20 -20.59 35.21
C ASN E 177 -19.01 -20.79 36.14
N ALA E 178 -18.00 -19.90 36.06
CA ALA E 178 -16.85 -19.95 36.95
C ALA E 178 -17.01 -18.85 38.02
N MSE E 179 -15.95 -18.06 38.28
CA MSE E 179 -16.05 -17.00 39.30
C MSE E 179 -16.43 -15.68 38.66
O MSE E 179 -15.70 -15.16 37.81
CB MSE E 179 -14.73 -16.87 40.11
CG MSE E 179 -14.82 -15.84 41.25
SE MSE E 179 -16.08 -16.33 42.68
CE MSE E 179 -15.19 -17.83 43.33
N PRO E 180 -17.57 -15.06 39.08
CA PRO E 180 -17.94 -13.76 38.52
C PRO E 180 -17.07 -12.64 39.08
N VAL E 181 -17.09 -11.48 38.42
CA VAL E 181 -16.38 -10.30 38.92
C VAL E 181 -16.99 -9.89 40.28
N ASP E 182 -16.16 -9.85 41.33
CA ASP E 182 -16.61 -9.48 42.67
C ASP E 182 -15.46 -8.93 43.51
N ARG E 183 -15.60 -7.68 43.97
CA ARG E 183 -14.57 -6.99 44.77
C ARG E 183 -14.29 -7.70 46.10
N GLU E 184 -15.35 -8.09 46.84
CA GLU E 184 -15.20 -8.74 48.14
C GLU E 184 -14.47 -10.09 48.04
N VAL E 185 -14.75 -10.88 46.97
CA VAL E 185 -14.08 -12.17 46.74
CA VAL E 185 -14.05 -12.15 46.81
C VAL E 185 -12.58 -11.94 46.44
N LEU E 186 -12.28 -10.93 45.60
CA LEU E 186 -10.89 -10.60 45.26
C LEU E 186 -10.12 -10.21 46.51
N GLU E 187 -10.73 -9.37 47.38
CA GLU E 187 -10.13 -8.97 48.65
C GLU E 187 -9.88 -10.19 49.54
N PHE E 188 -10.85 -11.13 49.58
CA PHE E 188 -10.70 -12.36 50.36
C PHE E 188 -9.60 -13.26 49.75
N TYR E 189 -9.50 -13.29 48.39
CA TYR E 189 -8.45 -14.03 47.66
C TYR E 189 -7.07 -13.55 48.14
N VAL E 190 -6.86 -12.21 48.14
CA VAL E 190 -5.57 -11.59 48.54
C VAL E 190 -5.26 -11.87 50.03
N GLN E 191 -6.26 -11.71 50.90
CA GLN E 191 -6.13 -11.96 52.33
C GLN E 191 -5.80 -13.45 52.60
N THR E 192 -6.43 -14.37 51.83
CA THR E 192 -6.18 -15.81 51.95
C THR E 192 -4.77 -16.15 51.48
N LEU E 193 -4.35 -15.59 50.33
CA LEU E 193 -3.01 -15.81 49.79
C LEU E 193 -1.94 -15.31 50.76
N LYS E 194 -2.17 -14.13 51.39
CA LYS E 194 -1.25 -13.54 52.35
C LYS E 194 -1.11 -14.43 53.59
N ARG E 195 -2.23 -15.04 54.04
CA ARG E 195 -2.26 -15.94 55.20
C ARG E 195 -1.51 -17.25 54.91
N LEU E 196 -1.73 -17.85 53.73
CA LEU E 196 -1.14 -19.16 53.36
C LEU E 196 0.30 -19.03 52.85
N SER E 197 0.56 -18.00 52.02
CA SER E 197 1.86 -17.83 51.37
C SER E 197 2.26 -16.32 51.41
N PRO E 198 2.88 -15.85 52.52
CA PRO E 198 3.12 -14.40 52.68
C PRO E 198 4.02 -13.74 51.63
N ASP E 199 4.96 -14.50 51.03
CA ASP E 199 5.89 -13.93 50.05
C ASP E 199 5.38 -14.12 48.59
N ALA E 200 4.14 -14.59 48.42
CA ALA E 200 3.57 -14.81 47.10
C ALA E 200 3.23 -13.51 46.39
N THR E 201 3.31 -13.52 45.05
CA THR E 201 2.89 -12.40 44.22
C THR E 201 1.64 -12.82 43.49
N TRP E 202 0.82 -11.86 43.05
CA TRP E 202 -0.41 -12.20 42.36
C TRP E 202 -0.77 -11.24 41.24
N THR E 203 -1.58 -11.73 40.29
CA THR E 203 -2.10 -10.94 39.17
C THR E 203 -3.61 -11.12 39.11
N GLY E 204 -4.33 -10.02 38.93
CA GLY E 204 -5.77 -10.05 38.73
C GLY E 204 -6.11 -10.04 37.26
N ALA E 205 -6.96 -10.97 36.80
CA ALA E 205 -7.33 -11.05 35.39
C ALA E 205 -8.84 -11.01 35.19
N GLY E 206 -9.30 -10.10 34.32
CA GLY E 206 -10.72 -9.94 33.99
C GLY E 206 -11.03 -10.28 32.55
N ILE E 207 -12.16 -10.94 32.31
CA ILE E 207 -12.57 -11.32 30.96
C ILE E 207 -13.54 -10.30 30.37
N GLY E 208 -13.38 -10.03 29.07
CA GLY E 208 -14.24 -9.08 28.34
C GLY E 208 -14.27 -7.69 28.93
N ARG E 209 -15.48 -7.21 29.28
CA ARG E 209 -15.68 -5.88 29.88
C ARG E 209 -14.95 -5.71 31.22
N HIS E 210 -14.72 -6.82 31.93
CA HIS E 210 -14.10 -6.79 33.27
C HIS E 210 -12.56 -6.75 33.23
N GLN E 211 -11.97 -6.67 32.02
CA GLN E 211 -10.51 -6.59 31.85
C GLN E 211 -9.91 -5.38 32.59
N LEU E 212 -10.44 -4.16 32.30
CA LEU E 212 -9.94 -2.94 32.95
C LEU E 212 -10.36 -2.85 34.42
N THR E 213 -11.54 -3.41 34.77
CA THR E 213 -12.02 -3.44 36.16
C THR E 213 -11.01 -4.21 37.05
N MSE E 214 -10.60 -5.41 36.60
CA MSE E 214 -9.65 -6.24 37.35
C MSE E 214 -8.26 -5.63 37.38
O MSE E 214 -7.55 -5.79 38.37
CB MSE E 214 -9.60 -7.67 36.81
CG MSE E 214 -10.88 -8.46 37.07
SE MSE E 214 -11.15 -8.85 38.96
CE MSE E 214 -9.77 -10.28 39.17
N ALA E 215 -7.89 -4.85 36.33
CA ALA E 215 -6.60 -4.14 36.31
C ALA E 215 -6.59 -3.03 37.37
N ARG E 216 -7.72 -2.28 37.49
CA ARG E 216 -7.86 -1.20 38.48
CA ARG E 216 -7.86 -1.20 38.48
C ARG E 216 -7.77 -1.77 39.90
N TRP E 217 -8.51 -2.88 40.17
CA TRP E 217 -8.53 -3.51 41.49
C TRP E 217 -7.16 -4.09 41.86
N SER E 218 -6.45 -4.69 40.88
CA SER E 218 -5.10 -5.25 41.09
C SER E 218 -4.11 -4.17 41.50
N LEU E 219 -4.14 -3.02 40.79
CA LEU E 219 -3.30 -1.87 41.10
C LEU E 219 -3.55 -1.35 42.52
N GLU E 220 -4.84 -1.24 42.91
CA GLU E 220 -5.25 -0.76 44.25
C GLU E 220 -4.80 -1.70 45.36
N LEU E 221 -4.96 -3.02 45.15
CA LEU E 221 -4.72 -4.03 46.18
C LEU E 221 -3.28 -4.55 46.26
N GLY E 222 -2.39 -4.02 45.41
CA GLY E 222 -0.97 -4.38 45.41
C GLY E 222 -0.61 -5.56 44.53
N GLY E 223 -1.49 -5.91 43.61
CA GLY E 223 -1.26 -7.00 42.67
C GLY E 223 -0.72 -6.53 41.34
N HIS E 224 -0.61 -7.46 40.39
CA HIS E 224 -0.10 -7.13 39.07
C HIS E 224 -1.20 -7.28 38.01
N CYS E 225 -0.99 -6.73 36.81
CA CYS E 225 -2.06 -6.68 35.81
C CYS E 225 -1.89 -7.64 34.65
N ARG E 226 -3.02 -8.01 34.02
CA ARG E 226 -3.05 -8.82 32.81
C ARG E 226 -4.05 -8.25 31.82
N THR E 227 -3.67 -8.17 30.55
CA THR E 227 -4.54 -7.74 29.48
C THR E 227 -4.23 -8.56 28.22
N GLY E 228 -4.88 -8.22 27.11
CA GLY E 228 -4.64 -8.89 25.85
C GLY E 228 -5.90 -9.36 25.15
N LEU E 229 -5.78 -9.73 23.86
CA LEU E 229 -6.90 -10.15 23.02
C LEU E 229 -7.48 -11.52 23.44
N GLU E 230 -6.70 -12.32 24.16
CA GLU E 230 -7.15 -13.63 24.68
C GLU E 230 -8.35 -13.46 25.61
N ASP E 231 -8.35 -12.38 26.41
CA ASP E 231 -9.41 -12.13 27.40
C ASP E 231 -10.48 -11.15 26.88
N ASN E 232 -10.08 -10.22 25.97
CA ASN E 232 -10.98 -9.17 25.47
C ASN E 232 -10.49 -8.60 24.14
N VAL E 233 -11.40 -8.46 23.15
CA VAL E 233 -11.03 -7.95 21.81
C VAL E 233 -11.44 -6.46 21.62
N ARG E 234 -12.12 -5.85 22.61
CA ARG E 234 -12.65 -4.49 22.47
C ARG E 234 -11.93 -3.45 23.31
N LEU E 235 -11.56 -2.28 22.67
CA LEU E 235 -10.95 -1.14 23.37
CA LEU E 235 -10.94 -1.17 23.39
C LEU E 235 -11.98 -0.50 24.29
N ASP E 236 -13.24 -0.43 23.79
CA ASP E 236 -14.38 0.14 24.50
C ASP E 236 -15.68 -0.45 23.92
N LYS E 237 -16.84 0.14 24.25
CA LYS E 237 -18.14 -0.36 23.80
C LYS E 237 -18.36 -0.18 22.27
N ASN E 238 -17.66 0.78 21.63
CA ASN E 238 -17.88 1.07 20.21
C ASN E 238 -16.64 0.85 19.31
N THR E 239 -15.50 0.41 19.89
CA THR E 239 -14.27 0.22 19.11
C THR E 239 -13.54 -1.08 19.47
N LEU E 240 -13.19 -1.89 18.43
CA LEU E 240 -12.37 -3.09 18.60
C LEU E 240 -10.92 -2.66 18.85
N ALA E 241 -10.16 -3.46 19.61
CA ALA E 241 -8.76 -3.14 19.88
C ALA E 241 -7.92 -3.35 18.59
N PRO E 242 -7.15 -2.32 18.15
CA PRO E 242 -6.37 -2.47 16.91
C PRO E 242 -5.15 -3.39 17.08
N SER E 243 -4.77 -3.69 18.35
CA SER E 243 -3.61 -4.54 18.66
C SER E 243 -3.59 -4.90 20.15
N ASN E 244 -2.71 -5.84 20.53
CA ASN E 244 -2.47 -6.17 21.93
C ASN E 244 -1.77 -5.01 22.63
N ALA E 245 -0.92 -4.26 21.89
CA ALA E 245 -0.20 -3.11 22.41
C ALA E 245 -1.17 -2.01 22.88
N ALA E 246 -2.28 -1.82 22.14
CA ALA E 246 -3.30 -0.82 22.49
C ALA E 246 -3.95 -1.14 23.83
N LEU E 247 -4.15 -2.45 24.12
CA LEU E 247 -4.70 -2.90 25.40
C LEU E 247 -3.67 -2.73 26.52
N VAL E 248 -2.37 -2.98 26.21
CA VAL E 248 -1.28 -2.77 27.18
C VAL E 248 -1.18 -1.28 27.55
N ARG E 249 -1.37 -0.39 26.55
CA ARG E 249 -1.36 1.08 26.78
C ARG E 249 -2.44 1.51 27.77
N GLN E 250 -3.64 0.90 27.68
CA GLN E 250 -4.74 1.18 28.62
C GLN E 250 -4.30 0.89 30.06
N VAL E 251 -3.67 -0.29 30.28
CA VAL E 251 -3.19 -0.71 31.59
C VAL E 251 -2.02 0.18 32.06
N ALA E 252 -1.10 0.54 31.14
CA ALA E 252 0.03 1.44 31.44
C ALA E 252 -0.48 2.82 31.92
N GLU E 253 -1.62 3.30 31.32
CA GLU E 253 -2.25 4.56 31.72
C GLU E 253 -2.85 4.45 33.14
N LEU E 254 -3.45 3.28 33.48
CA LEU E 254 -4.00 3.04 34.82
C LEU E 254 -2.89 3.00 35.85
N CYS E 255 -1.73 2.39 35.50
CA CYS E 255 -0.58 2.31 36.40
C CYS E 255 -0.20 3.69 36.92
N GLU E 256 -0.14 4.69 36.02
CA GLU E 256 0.17 6.07 36.39
C GLU E 256 -0.93 6.64 37.30
N GLU E 257 -2.21 6.38 36.94
CA GLU E 257 -3.37 6.86 37.70
CA GLU E 257 -3.37 6.85 37.71
C GLU E 257 -3.36 6.30 39.15
N TYR E 258 -2.90 5.05 39.32
CA TYR E 258 -2.88 4.41 40.64
C TYR E 258 -1.54 4.50 41.37
N GLY E 259 -0.68 5.41 40.91
CA GLY E 259 0.62 5.67 41.53
C GLY E 259 1.52 4.46 41.61
N ARG E 260 1.64 3.72 40.49
CA ARG E 260 2.53 2.55 40.42
C ARG E 260 3.28 2.51 39.09
N PRO E 261 4.64 2.38 39.13
CA PRO E 261 5.40 2.41 37.87
C PRO E 261 5.29 1.12 37.10
N VAL E 262 5.18 1.21 35.76
CA VAL E 262 5.18 0.03 34.91
C VAL E 262 6.54 -0.65 35.06
N ALA E 263 6.56 -1.90 35.56
CA ALA E 263 7.80 -2.61 35.80
C ALA E 263 8.58 -2.87 34.50
N THR E 264 9.92 -2.74 34.55
CA THR E 264 10.79 -3.06 33.42
C THR E 264 10.98 -4.58 33.37
N ALA E 265 11.62 -5.10 32.31
CA ALA E 265 11.88 -6.54 32.18
C ALA E 265 12.72 -7.06 33.36
N ALA E 266 13.78 -6.29 33.74
CA ALA E 266 14.65 -6.64 34.87
C ALA E 266 13.90 -6.63 36.21
N GLN E 267 13.05 -5.60 36.42
CA GLN E 267 12.25 -5.50 37.65
C GLN E 267 11.23 -6.63 37.74
N ALA E 268 10.56 -6.96 36.60
CA ALA E 268 9.57 -8.03 36.55
C ALA E 268 10.20 -9.37 36.93
N ARG E 269 11.42 -9.64 36.44
CA ARG E 269 12.14 -10.88 36.75
C ARG E 269 12.53 -10.95 38.22
N GLU E 270 12.94 -9.81 38.81
CA GLU E 270 13.29 -9.75 40.24
C GLU E 270 12.04 -10.01 41.11
N ILE E 271 10.90 -9.35 40.78
CA ILE E 271 9.64 -9.51 41.52
C ILE E 271 9.14 -10.97 41.45
N MSE E 272 9.36 -11.64 40.31
CA MSE E 272 8.98 -13.03 40.09
C MSE E 272 10.05 -14.00 40.64
O MSE E 272 9.87 -15.22 40.56
CB MSE E 272 8.76 -13.31 38.59
CG MSE E 272 7.56 -12.59 38.01
SE MSE E 272 5.90 -13.17 38.80
CE MSE E 272 4.75 -12.75 37.35
N SER E 273 11.17 -13.45 41.18
CA SER E 273 12.29 -14.25 41.69
C SER E 273 12.86 -15.19 40.58
N LEU E 274 12.93 -14.67 39.33
CA LEU E 274 13.45 -15.42 38.18
C LEU E 274 14.91 -15.07 37.94
N GLY E 275 15.63 -15.97 37.26
CA GLY E 275 17.01 -15.76 36.88
C GLY E 275 17.18 -14.74 35.77
N ASN F 3 -30.63 -21.18 70.98
CA ASN F 3 -32.08 -21.07 71.12
C ASN F 3 -32.80 -21.53 69.85
N LYS F 4 -32.24 -21.20 68.66
CA LYS F 4 -32.85 -21.57 67.38
CA LYS F 4 -32.83 -21.57 67.36
C LYS F 4 -32.65 -23.08 67.10
N PRO F 5 -33.73 -23.81 66.68
CA PRO F 5 -33.58 -25.26 66.45
C PRO F 5 -32.54 -25.63 65.38
N CYS F 6 -31.90 -26.81 65.54
CA CYS F 6 -30.89 -27.28 64.59
C CYS F 6 -31.34 -28.56 63.89
N ILE F 7 -31.31 -28.56 62.55
CA ILE F 7 -31.67 -29.73 61.74
C ILE F 7 -30.47 -30.66 61.63
N ILE F 8 -30.67 -31.95 61.90
CA ILE F 8 -29.62 -32.94 61.73
C ILE F 8 -29.86 -33.77 60.48
N SER F 9 -28.99 -33.61 59.47
CA SER F 9 -29.06 -34.41 58.25
C SER F 9 -28.21 -35.65 58.43
N VAL F 10 -28.68 -36.79 57.91
CA VAL F 10 -27.93 -38.03 58.00
C VAL F 10 -27.65 -38.62 56.62
N ALA F 11 -26.37 -38.67 56.23
CA ALA F 11 -25.95 -39.28 54.97
C ALA F 11 -25.56 -40.73 55.27
N ILE F 12 -26.52 -41.65 55.06
CA ILE F 12 -26.43 -43.03 55.52
C ILE F 12 -25.41 -43.94 54.82
N THR F 13 -25.26 -43.82 53.48
CA THR F 13 -24.46 -44.79 52.72
C THR F 13 -23.35 -44.18 51.87
N GLY F 14 -23.71 -43.25 50.99
CA GLY F 14 -22.77 -42.69 50.03
C GLY F 14 -22.46 -43.64 48.88
N SER F 15 -21.41 -43.35 48.11
CA SER F 15 -21.04 -44.20 46.98
C SER F 15 -19.73 -44.97 47.22
N LEU F 16 -18.91 -44.50 48.20
CA LEU F 16 -17.58 -45.11 48.46
C LEU F 16 -17.56 -46.12 49.65
N PRO F 17 -18.16 -45.79 50.85
CA PRO F 17 -18.05 -46.70 52.00
C PRO F 17 -18.52 -48.12 51.73
N ARG F 18 -17.73 -49.11 52.17
CA ARG F 18 -18.04 -50.53 51.99
C ARG F 18 -18.16 -51.23 53.35
N LYS F 19 -18.63 -52.50 53.36
CA LYS F 19 -18.74 -53.30 54.59
C LYS F 19 -17.36 -53.54 55.20
N LYS F 20 -16.30 -53.61 54.36
CA LYS F 20 -14.92 -53.79 54.82
C LYS F 20 -14.41 -52.56 55.61
N ASP F 21 -14.94 -51.36 55.28
CA ASP F 21 -14.58 -50.13 55.99
C ASP F 21 -15.28 -50.10 57.35
N ASN F 22 -16.57 -50.49 57.37
CA ASN F 22 -17.39 -50.55 58.59
C ASN F 22 -18.65 -51.40 58.30
N PRO F 23 -18.87 -52.51 59.06
CA PRO F 23 -20.07 -53.35 58.77
C PRO F 23 -21.41 -52.64 59.05
N ALA F 24 -21.36 -51.47 59.72
CA ALA F 24 -22.55 -50.68 60.03
C ALA F 24 -23.11 -49.98 58.78
N VAL F 25 -22.29 -49.87 57.70
CA VAL F 25 -22.70 -49.24 56.45
C VAL F 25 -23.88 -49.99 55.80
N PRO F 26 -25.07 -49.34 55.68
CA PRO F 26 -26.23 -50.04 55.11
C PRO F 26 -26.16 -50.15 53.58
N ILE F 27 -26.28 -51.39 53.05
CA ILE F 27 -26.18 -51.65 51.61
C ILE F 27 -27.54 -52.08 51.03
N THR F 28 -28.20 -53.08 51.66
CA THR F 28 -29.49 -53.58 51.19
C THR F 28 -30.62 -52.60 51.52
N VAL F 29 -31.81 -52.80 50.90
CA VAL F 29 -32.99 -51.96 51.14
C VAL F 29 -33.39 -52.01 52.63
N SER F 30 -33.46 -53.25 53.21
CA SER F 30 -33.81 -53.45 54.62
CA SER F 30 -33.81 -53.44 54.62
C SER F 30 -32.82 -52.76 55.55
N GLU F 31 -31.50 -52.85 55.24
CA GLU F 31 -30.44 -52.22 56.05
C GLU F 31 -30.58 -50.70 56.03
N GLN F 32 -30.83 -50.11 54.84
CA GLN F 32 -30.96 -48.66 54.70
C GLN F 32 -32.19 -48.10 55.40
N VAL F 33 -33.32 -48.83 55.33
CA VAL F 33 -34.57 -48.43 56.00
C VAL F 33 -34.40 -48.48 57.54
N GLU F 34 -33.80 -49.58 58.07
CA GLU F 34 -33.58 -49.76 59.51
C GLU F 34 -32.55 -48.77 60.05
N SER F 35 -31.48 -48.49 59.28
CA SER F 35 -30.44 -47.52 59.68
C SER F 35 -31.01 -46.11 59.72
N THR F 36 -31.90 -45.76 58.76
CA THR F 36 -32.55 -44.45 58.68
C THR F 36 -33.51 -44.27 59.86
N GLN F 37 -34.34 -45.31 60.16
CA GLN F 37 -35.30 -45.26 61.26
C GLN F 37 -34.58 -45.03 62.61
N ALA F 38 -33.46 -45.74 62.84
CA ALA F 38 -32.67 -45.59 64.07
C ALA F 38 -32.08 -44.17 64.16
N ALA F 39 -31.58 -43.63 63.02
CA ALA F 39 -31.05 -42.26 62.98
C ALA F 39 -32.17 -41.24 63.21
N PHE F 40 -33.38 -41.51 62.67
CA PHE F 40 -34.57 -40.66 62.85
C PHE F 40 -34.98 -40.62 64.34
N GLU F 41 -34.93 -41.78 65.02
CA GLU F 41 -35.25 -41.86 66.46
C GLU F 41 -34.16 -41.19 67.31
N ALA F 42 -32.94 -41.05 66.75
CA ALA F 42 -31.81 -40.42 67.42
C ALA F 42 -31.83 -38.88 67.28
N GLY F 43 -32.67 -38.36 66.37
CA GLY F 43 -32.82 -36.92 66.20
C GLY F 43 -32.65 -36.40 64.79
N ALA F 44 -32.29 -37.27 63.83
CA ALA F 44 -32.13 -36.84 62.43
C ALA F 44 -33.50 -36.62 61.77
N THR F 45 -33.66 -35.50 61.04
CA THR F 45 -34.94 -35.17 60.40
C THR F 45 -34.82 -35.08 58.88
N LEU F 46 -33.60 -35.27 58.36
CA LEU F 46 -33.33 -35.27 56.94
C LEU F 46 -32.43 -36.44 56.60
N VAL F 47 -32.81 -37.24 55.60
CA VAL F 47 -31.98 -38.35 55.17
C VAL F 47 -31.40 -38.12 53.78
N HIS F 48 -30.07 -38.07 53.68
CA HIS F 48 -29.38 -37.93 52.40
C HIS F 48 -29.14 -39.34 51.87
N LEU F 49 -29.83 -39.70 50.78
CA LEU F 49 -29.87 -41.08 50.32
C LEU F 49 -29.09 -41.37 49.03
N HIS F 50 -28.13 -42.30 49.12
CA HIS F 50 -27.47 -42.95 47.99
C HIS F 50 -27.92 -44.40 48.03
N VAL F 51 -28.11 -45.04 46.87
CA VAL F 51 -28.47 -46.48 46.84
C VAL F 51 -27.33 -47.30 46.26
N ARG F 52 -27.30 -48.60 46.57
CA ARG F 52 -26.23 -49.50 46.11
C ARG F 52 -26.81 -50.75 45.50
N ASN F 53 -26.01 -51.43 44.66
CA ASN F 53 -26.34 -52.75 44.17
C ASN F 53 -26.00 -53.77 45.29
N ASP F 54 -26.46 -55.02 45.14
CA ASP F 54 -26.20 -56.07 46.14
C ASP F 54 -24.70 -56.31 46.37
N ASP F 55 -23.87 -56.13 45.31
CA ASP F 55 -22.41 -56.32 45.41
C ASP F 55 -21.71 -55.05 45.97
N GLU F 56 -22.51 -54.09 46.54
CA GLU F 56 -22.02 -52.84 47.16
C GLU F 56 -21.59 -51.75 46.17
N THR F 57 -21.66 -52.02 44.85
CA THR F 57 -21.29 -51.01 43.83
C THR F 57 -22.35 -49.88 43.77
N PRO F 58 -21.91 -48.62 43.52
CA PRO F 58 -22.90 -47.52 43.47
C PRO F 58 -23.83 -47.61 42.28
N THR F 59 -25.08 -47.11 42.43
CA THR F 59 -26.07 -47.11 41.35
C THR F 59 -27.07 -45.97 41.52
N SER F 60 -27.69 -45.56 40.41
CA SER F 60 -28.72 -44.51 40.41
CA SER F 60 -28.72 -44.52 40.43
C SER F 60 -30.10 -45.15 40.18
N ASN F 61 -30.13 -46.52 40.14
CA ASN F 61 -31.34 -47.33 39.91
C ASN F 61 -32.60 -46.76 40.59
N PRO F 62 -33.58 -46.27 39.79
CA PRO F 62 -34.80 -45.68 40.39
C PRO F 62 -35.66 -46.69 41.14
N ASP F 63 -35.64 -47.98 40.71
CA ASP F 63 -36.39 -49.05 41.37
C ASP F 63 -35.86 -49.30 42.79
N ARG F 64 -34.52 -49.26 42.95
CA ARG F 64 -33.88 -49.40 44.25
C ARG F 64 -34.23 -48.19 45.14
N PHE F 65 -34.20 -46.96 44.55
CA PHE F 65 -34.57 -45.73 45.26
C PHE F 65 -36.02 -45.78 45.73
N ALA F 66 -36.95 -46.27 44.85
CA ALA F 66 -38.38 -46.36 45.16
C ALA F 66 -38.64 -47.23 46.41
N LEU F 67 -37.96 -48.41 46.50
CA LEU F 67 -38.12 -49.34 47.62
C LEU F 67 -37.66 -48.74 48.94
N VAL F 68 -36.50 -48.04 48.93
CA VAL F 68 -35.94 -47.43 50.14
C VAL F 68 -36.79 -46.24 50.59
N LEU F 69 -37.19 -45.36 49.63
CA LEU F 69 -38.03 -44.18 49.93
C LEU F 69 -39.37 -44.58 50.53
N GLU F 70 -39.98 -45.68 50.02
CA GLU F 70 -41.25 -46.22 50.54
C GLU F 70 -41.09 -46.66 52.01
N GLY F 71 -40.00 -47.37 52.29
CA GLY F 71 -39.69 -47.86 53.64
C GLY F 71 -39.41 -46.74 54.63
N ILE F 72 -38.75 -45.66 54.16
CA ILE F 72 -38.45 -44.48 54.99
C ILE F 72 -39.74 -43.73 55.35
N ARG F 73 -40.66 -43.56 54.37
CA ARG F 73 -41.93 -42.87 54.61
C ARG F 73 -42.81 -43.61 55.63
N LYS F 74 -42.73 -44.96 55.65
CA LYS F 74 -43.50 -45.78 56.58
C LYS F 74 -42.86 -45.85 57.98
N HIS F 75 -41.53 -46.10 58.04
CA HIS F 75 -40.82 -46.29 59.31
C HIS F 75 -40.30 -45.00 59.96
N ALA F 76 -40.14 -43.94 59.16
CA ALA F 76 -39.72 -42.62 59.69
C ALA F 76 -40.68 -41.54 59.16
N PRO F 77 -41.96 -41.50 59.66
CA PRO F 77 -42.94 -40.54 59.12
C PRO F 77 -42.58 -39.09 59.41
N GLY F 78 -42.68 -38.24 58.39
CA GLY F 78 -42.37 -36.82 58.50
C GLY F 78 -40.94 -36.47 58.17
N MSE F 79 -40.04 -37.49 58.13
CA MSE F 79 -38.62 -37.28 57.83
C MSE F 79 -38.45 -36.79 56.40
O MSE F 79 -39.07 -37.33 55.48
CB MSE F 79 -37.82 -38.56 58.05
CG MSE F 79 -36.31 -38.31 58.20
SE MSE F 79 -35.29 -39.96 58.21
CE MSE F 79 -33.65 -39.30 59.04
N ILE F 80 -37.62 -35.75 56.21
CA ILE F 80 -37.33 -35.19 54.90
C ILE F 80 -36.45 -36.16 54.10
N THR F 81 -36.91 -36.54 52.89
CA THR F 81 -36.14 -37.43 52.01
C THR F 81 -35.34 -36.62 51.01
N GLN F 82 -34.03 -36.91 50.91
CA GLN F 82 -33.16 -36.21 49.98
C GLN F 82 -32.34 -37.19 49.16
N VAL F 83 -32.66 -37.33 47.87
CA VAL F 83 -31.93 -38.26 47.00
C VAL F 83 -30.65 -37.61 46.49
N SER F 84 -29.62 -38.42 46.28
CA SER F 84 -28.37 -37.92 45.72
C SER F 84 -28.40 -37.97 44.21
N THR F 85 -27.89 -36.90 43.55
CA THR F 85 -27.79 -36.88 42.09
C THR F 85 -26.31 -36.97 41.66
N GLY F 86 -25.47 -37.47 42.56
CA GLY F 86 -24.05 -37.66 42.29
C GLY F 86 -23.80 -38.80 41.33
N GLY F 87 -22.60 -38.83 40.76
CA GLY F 87 -22.25 -39.88 39.80
C GLY F 87 -20.85 -39.77 39.24
N ARG F 88 -20.45 -40.78 38.46
CA ARG F 88 -19.12 -40.85 37.83
C ARG F 88 -18.99 -39.83 36.68
N SER F 89 -17.75 -39.55 36.25
CA SER F 89 -17.50 -38.66 35.12
C SER F 89 -17.97 -39.32 33.82
N GLY F 90 -18.70 -38.56 33.01
CA GLY F 90 -19.25 -39.07 31.76
C GLY F 90 -20.72 -39.42 31.85
N ALA F 91 -21.21 -39.66 33.09
CA ALA F 91 -22.63 -39.95 33.32
C ALA F 91 -23.47 -38.69 33.13
N GLY F 92 -24.54 -38.80 32.37
CA GLY F 92 -25.39 -37.66 32.05
C GLY F 92 -26.69 -37.65 32.83
N ASN F 93 -27.82 -37.62 32.10
CA ASN F 93 -29.16 -37.54 32.69
C ASN F 93 -29.51 -38.72 33.62
N GLU F 94 -28.76 -39.84 33.51
CA GLU F 94 -28.91 -41.04 34.37
C GLU F 94 -28.79 -40.69 35.86
N ARG F 95 -28.04 -39.61 36.16
CA ARG F 95 -27.83 -39.13 37.53
C ARG F 95 -29.11 -38.55 38.16
N GLY F 96 -30.11 -38.24 37.33
CA GLY F 96 -31.38 -37.72 37.80
C GLY F 96 -32.58 -38.56 37.39
N ALA F 97 -32.34 -39.87 37.18
CA ALA F 97 -33.39 -40.81 36.73
C ALA F 97 -34.38 -41.16 37.86
N MSE F 98 -34.01 -40.88 39.13
CA MSE F 98 -34.87 -41.19 40.29
C MSE F 98 -35.74 -39.99 40.72
O MSE F 98 -36.58 -40.15 41.60
CB MSE F 98 -34.01 -41.68 41.47
CG MSE F 98 -33.36 -40.53 42.29
SE MSE F 98 -32.08 -39.44 41.29
CE MSE F 98 -30.69 -40.81 40.97
N LEU F 99 -35.53 -38.82 40.11
CA LEU F 99 -36.23 -37.58 40.48
C LEU F 99 -37.76 -37.64 40.29
N SER F 100 -38.25 -38.48 39.35
CA SER F 100 -39.69 -38.64 39.11
C SER F 100 -40.42 -39.36 40.26
N LEU F 101 -39.65 -39.94 41.22
CA LEU F 101 -40.22 -40.57 42.42
C LEU F 101 -40.71 -39.52 43.40
N ARG F 102 -40.42 -38.24 43.10
CA ARG F 102 -40.86 -37.08 43.89
C ARG F 102 -40.43 -37.13 45.39
N PRO F 103 -39.12 -37.20 45.68
CA PRO F 103 -38.68 -37.06 47.08
C PRO F 103 -38.86 -35.60 47.53
N ASP F 104 -38.71 -35.32 48.84
CA ASP F 104 -38.83 -33.94 49.33
C ASP F 104 -37.73 -33.08 48.73
N MSE F 105 -36.52 -33.65 48.62
CA MSE F 105 -35.33 -32.91 48.21
C MSE F 105 -34.40 -33.77 47.35
O MSE F 105 -34.56 -34.98 47.27
CB MSE F 105 -34.56 -32.41 49.45
CG MSE F 105 -35.30 -31.34 50.23
SE MSE F 105 -34.26 -30.71 51.73
CE MSE F 105 -33.10 -29.50 50.78
N ALA F 106 -33.41 -33.11 46.72
CA ALA F 106 -32.37 -33.77 45.94
C ALA F 106 -31.12 -32.92 45.98
N SER F 107 -29.95 -33.55 46.09
CA SER F 107 -28.67 -32.84 46.09
CA SER F 107 -28.66 -32.84 46.09
C SER F 107 -28.39 -32.27 44.72
N LEU F 108 -27.76 -31.09 44.66
CA LEU F 108 -27.45 -30.45 43.39
C LEU F 108 -26.09 -29.75 43.45
N ALA F 109 -25.06 -30.39 42.86
CA ALA F 109 -23.75 -29.77 42.74
C ALA F 109 -23.80 -28.76 41.58
N THR F 110 -23.60 -27.47 41.89
CA THR F 110 -23.76 -26.39 40.90
C THR F 110 -22.46 -26.05 40.18
N GLY F 111 -21.44 -26.87 40.38
CA GLY F 111 -20.15 -26.69 39.73
C GLY F 111 -19.30 -27.94 39.73
N SER F 112 -18.14 -27.86 39.10
CA SER F 112 -17.19 -28.98 39.11
C SER F 112 -16.05 -28.69 40.05
N VAL F 113 -15.47 -29.75 40.63
CA VAL F 113 -14.38 -29.62 41.60
C VAL F 113 -13.51 -30.89 41.55
N ASN F 114 -12.24 -30.77 41.93
CA ASN F 114 -11.36 -31.93 41.99
C ASN F 114 -11.63 -32.76 43.23
N PHE F 115 -11.68 -34.07 43.08
CA PHE F 115 -11.87 -35.01 44.17
C PHE F 115 -10.54 -35.74 44.46
N PRO F 116 -10.45 -36.63 45.49
CA PRO F 116 -9.15 -37.24 45.82
C PRO F 116 -8.45 -37.97 44.66
N THR F 117 -9.21 -38.68 43.80
CA THR F 117 -8.60 -39.48 42.72
C THR F 117 -9.07 -39.07 41.32
N ARG F 118 -10.10 -38.24 41.22
CA ARG F 118 -10.67 -37.85 39.92
C ARG F 118 -11.29 -36.45 39.97
N VAL F 119 -11.88 -36.01 38.85
CA VAL F 119 -12.62 -34.77 38.80
C VAL F 119 -14.08 -35.07 39.07
N TYR F 120 -14.72 -34.34 40.00
CA TYR F 120 -16.15 -34.47 40.19
C TYR F 120 -16.85 -33.61 39.16
N ASP F 121 -17.11 -34.21 37.99
CA ASP F 121 -17.67 -33.51 36.84
C ASP F 121 -19.14 -33.21 36.98
N ASN F 122 -19.50 -31.94 36.80
CA ASN F 122 -20.89 -31.50 36.79
C ASN F 122 -21.06 -30.49 35.66
N PRO F 123 -21.13 -30.97 34.38
CA PRO F 123 -21.24 -30.03 33.25
C PRO F 123 -22.37 -29.03 33.41
N PRO F 124 -22.19 -27.77 32.92
CA PRO F 124 -23.27 -26.77 33.06
C PRO F 124 -24.62 -27.25 32.52
N GLU F 125 -24.60 -28.01 31.39
CA GLU F 125 -25.82 -28.59 30.78
C GLU F 125 -26.50 -29.56 31.75
N LEU F 126 -25.70 -30.35 32.50
CA LEU F 126 -26.24 -31.31 33.47
C LEU F 126 -26.81 -30.59 34.69
N VAL F 127 -26.11 -29.55 35.20
CA VAL F 127 -26.59 -28.73 36.33
C VAL F 127 -27.97 -28.12 35.99
N ASP F 128 -28.10 -27.53 34.78
CA ASP F 128 -29.35 -26.94 34.31
C ASP F 128 -30.47 -27.97 34.22
N TRP F 129 -30.17 -29.15 33.62
CA TRP F 129 -31.14 -30.23 33.44
C TRP F 129 -31.63 -30.77 34.78
N LEU F 130 -30.70 -31.06 35.72
CA LEU F 130 -31.06 -31.58 37.06
C LEU F 130 -31.96 -30.59 37.81
N ALA F 131 -31.63 -29.29 37.76
CA ALA F 131 -32.42 -28.25 38.42
C ALA F 131 -33.82 -28.13 37.82
N ALA F 132 -33.93 -28.22 36.47
CA ALA F 132 -35.21 -28.16 35.79
C ALA F 132 -36.08 -29.39 36.13
N GLU F 133 -35.46 -30.57 36.28
CA GLU F 133 -36.17 -31.80 36.66
C GLU F 133 -36.73 -31.70 38.07
N MSE F 134 -35.93 -31.19 39.03
CA MSE F 134 -36.37 -31.01 40.41
C MSE F 134 -37.55 -30.05 40.47
O MSE F 134 -38.50 -30.30 41.21
CB MSE F 134 -35.21 -30.47 41.28
CG MSE F 134 -34.09 -31.45 41.44
SE MSE F 134 -32.54 -30.66 42.28
CE MSE F 134 -31.22 -31.96 41.74
N LYS F 135 -37.51 -28.98 39.66
CA LYS F 135 -38.55 -27.96 39.55
C LYS F 135 -39.83 -28.58 39.02
N THR F 136 -39.69 -29.45 37.99
CA THR F 136 -40.82 -30.16 37.38
C THR F 136 -41.52 -31.08 38.41
N TYR F 137 -40.73 -31.80 39.23
CA TYR F 137 -41.30 -32.76 40.19
C TYR F 137 -41.51 -32.20 41.62
N GLY F 138 -41.48 -30.87 41.75
CA GLY F 138 -41.71 -30.19 43.02
C GLY F 138 -40.68 -30.49 44.10
N ILE F 139 -39.44 -30.79 43.68
CA ILE F 139 -38.35 -31.14 44.58
C ILE F 139 -37.55 -29.90 44.97
N LYS F 140 -37.31 -29.70 46.27
CA LYS F 140 -36.46 -28.60 46.74
C LYS F 140 -34.99 -29.02 46.63
N PRO F 141 -34.15 -28.29 45.90
CA PRO F 141 -32.74 -28.69 45.79
C PRO F 141 -31.93 -28.36 47.04
N GLU F 142 -30.94 -29.18 47.35
CA GLU F 142 -29.93 -28.84 48.33
C GLU F 142 -28.66 -28.61 47.55
N VAL F 143 -28.25 -27.34 47.42
CA VAL F 143 -27.05 -27.02 46.67
C VAL F 143 -25.81 -27.53 47.40
N GLU F 144 -25.02 -28.36 46.71
CA GLU F 144 -23.77 -28.87 47.28
C GLU F 144 -22.63 -27.95 46.85
N ALA F 145 -22.17 -27.10 47.78
CA ALA F 145 -21.11 -26.15 47.48
C ALA F 145 -19.75 -26.70 47.90
N PHE F 146 -19.03 -27.29 46.93
CA PHE F 146 -17.70 -27.86 47.18
C PHE F 146 -16.60 -26.80 47.00
N ASP F 147 -16.98 -25.62 46.47
CA ASP F 147 -16.06 -24.50 46.24
C ASP F 147 -16.87 -23.19 46.23
N LEU F 148 -16.16 -22.04 46.37
CA LEU F 148 -16.79 -20.71 46.48
C LEU F 148 -17.72 -20.35 45.30
N SER F 149 -17.29 -20.59 44.04
CA SER F 149 -18.06 -20.22 42.84
C SER F 149 -19.45 -20.88 42.80
N MSE F 150 -19.59 -22.04 43.46
CA MSE F 150 -20.87 -22.78 43.50
C MSE F 150 -21.95 -22.02 44.29
O MSE F 150 -23.14 -22.19 44.01
CB MSE F 150 -20.66 -24.18 44.03
CG MSE F 150 -19.70 -25.00 43.18
SE MSE F 150 -19.76 -26.86 43.57
CE MSE F 150 -18.05 -27.35 42.86
N ILE F 151 -21.55 -21.16 45.24
CA ILE F 151 -22.50 -20.31 45.97
C ILE F 151 -23.02 -19.24 45.02
N PHE F 152 -22.12 -18.62 44.23
CA PHE F 152 -22.50 -17.62 43.23
C PHE F 152 -23.40 -18.22 42.16
N GLN F 153 -23.10 -19.46 41.73
CA GLN F 153 -23.91 -20.14 40.72
C GLN F 153 -25.32 -20.41 41.26
N ALA F 154 -25.42 -20.87 42.53
CA ALA F 154 -26.70 -21.15 43.17
C ALA F 154 -27.56 -19.89 43.25
N ALA F 155 -26.95 -18.75 43.65
CA ALA F 155 -27.64 -17.46 43.76
C ALA F 155 -28.09 -16.95 42.39
N ALA F 156 -27.25 -17.13 41.35
CA ALA F 156 -27.59 -16.71 39.97
C ALA F 156 -28.75 -17.56 39.42
N MSE F 157 -28.79 -18.86 39.78
CA MSE F 157 -29.86 -19.76 39.35
C MSE F 157 -31.18 -19.42 40.04
O MSE F 157 -32.23 -19.43 39.41
CB MSE F 157 -29.47 -21.21 39.60
CG MSE F 157 -28.38 -21.71 38.65
SE MSE F 157 -27.67 -23.43 39.18
CE MSE F 157 -29.18 -24.52 38.75
N GLN F 158 -31.12 -19.08 41.35
CA GLN F 158 -32.30 -18.67 42.11
C GLN F 158 -32.87 -17.37 41.54
N ALA F 159 -31.98 -16.41 41.19
CA ALA F 159 -32.38 -15.11 40.63
C ALA F 159 -33.08 -15.28 39.27
N ALA F 160 -32.61 -16.25 38.46
CA ALA F 160 -33.18 -16.52 37.13
C ALA F 160 -34.47 -17.36 37.20
N GLY F 161 -34.74 -17.93 38.36
CA GLY F 161 -35.92 -18.78 38.57
C GLY F 161 -35.66 -20.25 38.32
N ALA F 162 -34.38 -20.62 38.09
CA ALA F 162 -33.97 -22.02 37.89
C ALA F 162 -34.12 -22.82 39.21
N ILE F 163 -33.94 -22.14 40.36
CA ILE F 163 -34.19 -22.72 41.68
C ILE F 163 -35.31 -21.92 42.35
N VAL F 164 -36.37 -22.60 42.81
CA VAL F 164 -37.56 -21.97 43.38
C VAL F 164 -37.50 -21.91 44.92
N GLY F 165 -37.97 -20.80 45.49
CA GLY F 165 -38.04 -20.61 46.94
C GLY F 165 -36.71 -20.31 47.60
N PRO F 166 -36.69 -20.23 48.95
CA PRO F 166 -35.41 -19.96 49.65
C PRO F 166 -34.39 -21.07 49.40
N LEU F 167 -33.13 -20.67 49.17
CA LEU F 167 -32.04 -21.62 48.91
C LEU F 167 -31.66 -22.37 50.16
N HIS F 168 -31.32 -23.64 50.01
CA HIS F 168 -30.64 -24.39 51.05
C HIS F 168 -29.34 -24.89 50.50
N ILE F 169 -28.24 -24.45 51.08
CA ILE F 169 -26.92 -24.78 50.58
C ILE F 169 -26.09 -25.52 51.61
N GLN F 170 -25.34 -26.51 51.16
CA GLN F 170 -24.46 -27.27 52.03
C GLN F 170 -23.01 -26.97 51.72
N PHE F 171 -22.27 -26.44 52.70
CA PHE F 171 -20.86 -26.13 52.54
C PHE F 171 -20.03 -27.36 52.88
N VAL F 172 -19.40 -27.98 51.87
CA VAL F 172 -18.67 -29.24 52.04
C VAL F 172 -17.16 -29.00 52.19
N MSE F 173 -16.57 -29.50 53.30
CA MSE F 173 -15.15 -29.31 53.57
C MSE F 173 -14.48 -30.61 54.03
O MSE F 173 -15.14 -31.48 54.59
CB MSE F 173 -14.94 -28.20 54.62
CG MSE F 173 -15.16 -26.79 54.07
SE MSE F 173 -15.14 -25.41 55.46
CE MSE F 173 -14.47 -24.00 54.42
N GLY F 174 -13.17 -30.73 53.76
CA GLY F 174 -12.39 -31.88 54.20
C GLY F 174 -12.06 -32.89 53.12
N ILE F 175 -12.53 -32.65 51.89
CA ILE F 175 -12.25 -33.56 50.77
C ILE F 175 -10.91 -33.21 50.13
N LYS F 176 -10.00 -34.21 50.00
CA LYS F 176 -8.69 -34.03 49.39
C LYS F 176 -8.84 -33.48 47.96
N ASN F 177 -8.07 -32.41 47.62
CA ASN F 177 -8.08 -31.74 46.29
C ASN F 177 -9.25 -30.76 46.11
N ALA F 178 -10.22 -30.76 47.03
CA ALA F 178 -11.34 -29.83 46.99
C ALA F 178 -11.10 -28.71 48.03
N MSE F 179 -12.14 -28.31 48.79
CA MSE F 179 -11.97 -27.28 49.81
C MSE F 179 -11.58 -27.91 51.16
O MSE F 179 -12.34 -28.71 51.72
CB MSE F 179 -13.26 -26.45 49.96
CG MSE F 179 -13.12 -25.28 50.95
SE MSE F 179 -11.80 -23.95 50.38
CE MSE F 179 -12.71 -23.29 48.88
N PRO F 180 -10.41 -27.53 51.74
CA PRO F 180 -10.05 -28.06 53.06
C PRO F 180 -10.89 -27.42 54.17
N VAL F 181 -10.92 -28.03 55.35
CA VAL F 181 -11.63 -27.46 56.49
C VAL F 181 -10.92 -26.17 56.94
N ASP F 182 -11.64 -25.05 56.88
CA ASP F 182 -11.05 -23.74 57.22
C ASP F 182 -12.13 -22.84 57.81
N ARG F 183 -11.93 -22.34 59.04
CA ARG F 183 -12.90 -21.50 59.74
C ARG F 183 -13.17 -20.17 58.99
N GLU F 184 -12.10 -19.48 58.54
CA GLU F 184 -12.24 -18.18 57.85
C GLU F 184 -13.00 -18.31 56.53
N VAL F 185 -12.78 -19.41 55.78
CA VAL F 185 -13.52 -19.65 54.54
C VAL F 185 -15.00 -19.93 54.81
N LEU F 186 -15.30 -20.72 55.87
CA LEU F 186 -16.69 -20.99 56.25
C LEU F 186 -17.41 -19.71 56.63
N GLU F 187 -16.72 -18.84 57.40
CA GLU F 187 -17.27 -17.54 57.78
C GLU F 187 -17.53 -16.67 56.55
N PHE F 188 -16.59 -16.71 55.57
CA PHE F 188 -16.76 -15.97 54.32
C PHE F 188 -17.90 -16.57 53.48
N TYR F 189 -18.05 -17.92 53.50
CA TYR F 189 -19.15 -18.64 52.83
C TYR F 189 -20.50 -18.09 53.33
N VAL F 190 -20.66 -18.01 54.67
CA VAL F 190 -21.91 -17.55 55.32
C VAL F 190 -22.18 -16.07 55.00
N GLN F 191 -21.13 -15.22 55.08
CA GLN F 191 -21.24 -13.78 54.76
C GLN F 191 -21.62 -13.59 53.29
N THR F 192 -21.04 -14.41 52.38
CA THR F 192 -21.33 -14.34 50.94
C THR F 192 -22.76 -14.79 50.67
N LEU F 193 -23.20 -15.89 51.29
CA LEU F 193 -24.57 -16.40 51.14
C LEU F 193 -25.58 -15.35 51.61
N LYS F 194 -25.29 -14.69 52.76
CA LYS F 194 -26.15 -13.64 53.33
CA LYS F 194 -26.16 -13.64 53.32
C LYS F 194 -26.26 -12.45 52.37
N ARG F 195 -25.16 -12.09 51.71
CA ARG F 195 -25.12 -10.96 50.76
C ARG F 195 -25.93 -11.28 49.49
N LEU F 196 -25.77 -12.50 48.94
CA LEU F 196 -26.43 -12.90 47.69
C LEU F 196 -27.88 -13.37 47.89
N SER F 197 -28.13 -14.14 48.96
CA SER F 197 -29.45 -14.74 49.23
C SER F 197 -29.79 -14.61 50.73
N PRO F 198 -30.36 -13.45 51.15
CA PRO F 198 -30.52 -13.19 52.61
C PRO F 198 -31.42 -14.17 53.37
N ASP F 199 -32.41 -14.78 52.69
CA ASP F 199 -33.35 -15.70 53.35
C ASP F 199 -32.92 -17.18 53.23
N ALA F 200 -31.70 -17.43 52.72
CA ALA F 200 -31.21 -18.79 52.54
C ALA F 200 -30.87 -19.47 53.85
N THR F 201 -31.01 -20.80 53.90
CA THR F 201 -30.59 -21.62 55.04
C THR F 201 -29.37 -22.42 54.62
N TRP F 202 -28.54 -22.87 55.59
CA TRP F 202 -27.33 -23.60 55.22
C TRP F 202 -26.96 -24.70 56.20
N THR F 203 -26.20 -25.69 55.70
CA THR F 203 -25.68 -26.80 56.48
C THR F 203 -24.16 -26.91 56.24
N GLY F 204 -23.40 -27.07 57.32
CA GLY F 204 -21.97 -27.32 57.22
C GLY F 204 -21.69 -28.81 57.27
N ALA F 205 -20.90 -29.31 56.31
CA ALA F 205 -20.59 -30.74 56.25
C ALA F 205 -19.10 -31.00 56.21
N GLY F 206 -18.64 -31.88 57.08
CA GLY F 206 -17.23 -32.27 57.15
C GLY F 206 -17.00 -33.73 56.83
N ILE F 207 -15.92 -34.01 56.11
CA ILE F 207 -15.56 -35.38 55.74
C ILE F 207 -14.40 -35.89 56.61
N GLY F 208 -14.52 -37.12 57.10
CA GLY F 208 -13.50 -37.77 57.92
C GLY F 208 -13.46 -37.28 59.35
N ARG F 209 -12.24 -36.97 59.84
CA ARG F 209 -12.02 -36.51 61.22
C ARG F 209 -12.57 -35.09 61.49
N HIS F 210 -12.96 -34.37 60.42
CA HIS F 210 -13.47 -33.02 60.56
C HIS F 210 -15.01 -32.97 60.56
N GLN F 211 -15.66 -34.16 60.60
CA GLN F 211 -17.12 -34.28 60.64
C GLN F 211 -17.72 -33.51 61.84
N LEU F 212 -17.21 -33.77 63.06
CA LEU F 212 -17.69 -33.08 64.27
C LEU F 212 -17.25 -31.62 64.33
N THR F 213 -16.07 -31.31 63.75
CA THR F 213 -15.56 -29.93 63.69
C THR F 213 -16.55 -29.03 62.92
N MSE F 214 -17.03 -29.50 61.75
CA MSE F 214 -17.99 -28.74 60.93
C MSE F 214 -19.35 -28.65 61.59
O MSE F 214 -20.04 -27.66 61.42
CB MSE F 214 -18.09 -29.32 59.52
CG MSE F 214 -16.83 -29.10 58.69
SE MSE F 214 -16.51 -27.24 58.24
CE MSE F 214 -18.07 -26.94 57.08
N ALA F 215 -19.73 -29.68 62.39
CA ALA F 215 -20.99 -29.65 63.14
C ALA F 215 -20.92 -28.56 64.24
N ARG F 216 -19.75 -28.46 64.95
CA ARG F 216 -19.54 -27.44 66.00
CA ARG F 216 -19.55 -27.45 65.99
C ARG F 216 -19.61 -26.04 65.40
N TRP F 217 -18.92 -25.82 64.25
CA TRP F 217 -18.88 -24.51 63.59
C TRP F 217 -20.25 -24.11 63.05
N SER F 218 -21.03 -25.08 62.51
CA SER F 218 -22.38 -24.84 62.01
C SER F 218 -23.30 -24.37 63.14
N LEU F 219 -23.22 -25.03 64.30
CA LEU F 219 -24.03 -24.67 65.47
C LEU F 219 -23.69 -23.26 65.96
N GLU F 220 -22.39 -22.90 65.97
CA GLU F 220 -21.92 -21.57 66.39
C GLU F 220 -22.35 -20.46 65.44
N LEU F 221 -22.28 -20.73 64.12
CA LEU F 221 -22.55 -19.71 63.09
C LEU F 221 -24.03 -19.61 62.66
N GLY F 222 -24.89 -20.39 63.30
CA GLY F 222 -26.33 -20.35 63.04
C GLY F 222 -26.78 -21.21 61.87
N GLY F 223 -25.99 -22.23 61.56
CA GLY F 223 -26.31 -23.17 60.48
C GLY F 223 -26.85 -24.48 61.00
N HIS F 224 -26.99 -25.46 60.10
CA HIS F 224 -27.50 -26.78 60.44
C HIS F 224 -26.43 -27.86 60.24
N CYS F 225 -26.66 -29.05 60.79
CA CYS F 225 -25.62 -30.08 60.82
C CYS F 225 -25.87 -31.26 59.90
N ARG F 226 -24.77 -31.93 59.49
CA ARG F 226 -24.82 -33.16 58.73
C ARG F 226 -23.82 -34.17 59.28
N THR F 227 -24.24 -35.43 59.41
CA THR F 227 -23.37 -36.53 59.83
C THR F 227 -23.75 -37.80 59.05
N GLY F 228 -23.09 -38.91 59.35
CA GLY F 228 -23.40 -40.19 58.70
C GLY F 228 -22.20 -40.94 58.16
N LEU F 229 -22.36 -42.26 57.97
CA LEU F 229 -21.30 -43.16 57.49
C LEU F 229 -20.77 -42.80 56.09
N GLU F 230 -21.56 -42.05 55.29
CA GLU F 230 -21.16 -41.58 53.96
C GLU F 230 -19.92 -40.68 54.04
N ASP F 231 -19.86 -39.81 55.07
CA ASP F 231 -18.76 -38.86 55.24
C ASP F 231 -17.68 -39.38 56.19
N ASN F 232 -18.06 -40.22 57.18
CA ASN F 232 -17.14 -40.70 58.20
C ASN F 232 -17.65 -41.99 58.84
N VAL F 233 -16.79 -43.04 58.87
CA VAL F 233 -17.16 -44.34 59.44
C VAL F 233 -16.69 -44.49 60.91
N ARG F 234 -15.99 -43.47 61.43
CA ARG F 234 -15.42 -43.55 62.79
C ARG F 234 -16.16 -42.69 63.80
N LEU F 235 -16.34 -43.22 65.02
CA LEU F 235 -16.93 -42.49 66.14
C LEU F 235 -15.85 -41.55 66.70
N ASP F 236 -14.60 -42.03 66.73
CA ASP F 236 -13.41 -41.27 67.12
C ASP F 236 -12.19 -41.83 66.37
N LYS F 237 -10.98 -41.30 66.65
CA LYS F 237 -9.75 -41.73 65.96
C LYS F 237 -9.47 -43.25 66.12
N ASN F 238 -9.91 -43.87 67.24
CA ASN F 238 -9.62 -45.28 67.53
C ASN F 238 -10.82 -46.23 67.32
N THR F 239 -12.06 -45.67 67.26
CA THR F 239 -13.26 -46.50 67.25
C THR F 239 -14.14 -46.29 66.01
N LEU F 240 -14.68 -47.40 65.45
CA LEU F 240 -15.62 -47.36 64.32
C LEU F 240 -17.03 -47.07 64.85
N ALA F 241 -17.84 -46.36 64.05
CA ALA F 241 -19.22 -46.07 64.44
C ALA F 241 -20.08 -47.33 64.33
N PRO F 242 -20.80 -47.72 65.41
CA PRO F 242 -21.61 -48.96 65.33
C PRO F 242 -22.87 -48.80 64.48
N SER F 243 -23.28 -47.55 64.18
CA SER F 243 -24.46 -47.24 63.38
C SER F 243 -24.48 -45.78 62.98
N ASN F 244 -25.41 -45.40 62.07
CA ASN F 244 -25.62 -44.00 61.70
C ASN F 244 -26.25 -43.25 62.88
N ALA F 245 -27.11 -43.94 63.67
CA ALA F 245 -27.76 -43.37 64.85
C ALA F 245 -26.75 -42.91 65.89
N ALA F 246 -25.62 -43.66 66.04
CA ALA F 246 -24.54 -43.31 66.99
C ALA F 246 -23.88 -41.99 66.59
N LEU F 247 -23.72 -41.75 65.27
CA LEU F 247 -23.14 -40.50 64.76
C LEU F 247 -24.13 -39.34 64.94
N VAL F 248 -25.44 -39.61 64.75
CA VAL F 248 -26.50 -38.60 64.96
C VAL F 248 -26.55 -38.18 66.44
N ARG F 249 -26.40 -39.15 67.35
CA ARG F 249 -26.37 -38.88 68.79
C ARG F 249 -25.21 -37.93 69.17
N GLN F 250 -24.04 -38.09 68.50
CA GLN F 250 -22.88 -37.21 68.71
C GLN F 250 -23.25 -35.76 68.42
N VAL F 251 -23.94 -35.53 67.28
CA VAL F 251 -24.37 -34.19 66.85
C VAL F 251 -25.50 -33.68 67.77
N ALA F 252 -26.43 -34.57 68.18
CA ALA F 252 -27.53 -34.22 69.08
C ALA F 252 -27.01 -33.71 70.41
N GLU F 253 -25.92 -34.33 70.92
CA GLU F 253 -25.32 -33.90 72.18
C GLU F 253 -24.57 -32.57 72.03
N LEU F 254 -24.02 -32.31 70.82
CA LEU F 254 -23.39 -31.00 70.52
C LEU F 254 -24.46 -29.91 70.52
N CYS F 255 -25.67 -30.23 69.99
CA CYS F 255 -26.81 -29.30 69.97
C CYS F 255 -27.13 -28.81 71.39
N GLU F 256 -27.19 -29.75 72.36
CA GLU F 256 -27.41 -29.43 73.78
C GLU F 256 -26.31 -28.53 74.33
N GLU F 257 -25.03 -28.85 73.99
CA GLU F 257 -23.86 -28.08 74.44
CA GLU F 257 -23.85 -28.09 74.44
C GLU F 257 -23.91 -26.63 73.97
N TYR F 258 -24.39 -26.40 72.73
CA TYR F 258 -24.47 -25.05 72.18
C TYR F 258 -25.84 -24.37 72.44
N GLY F 259 -26.68 -25.02 73.25
CA GLY F 259 -27.98 -24.50 73.64
C GLY F 259 -29.00 -24.43 72.52
N ARG F 260 -28.80 -25.24 71.46
CA ARG F 260 -29.73 -25.27 70.33
C ARG F 260 -30.51 -26.58 70.32
N PRO F 261 -31.86 -26.52 70.39
CA PRO F 261 -32.63 -27.78 70.44
C PRO F 261 -32.59 -28.53 69.12
N VAL F 262 -32.66 -29.88 69.18
CA VAL F 262 -32.70 -30.69 67.97
C VAL F 262 -34.07 -30.52 67.32
N ALA F 263 -34.10 -30.02 66.07
CA ALA F 263 -35.35 -29.75 65.37
C ALA F 263 -36.17 -31.02 65.14
N THR F 264 -37.50 -30.92 65.32
CA THR F 264 -38.41 -32.04 65.03
C THR F 264 -38.64 -32.10 63.51
N ALA F 265 -39.35 -33.14 63.03
CA ALA F 265 -39.65 -33.28 61.60
C ALA F 265 -40.47 -32.09 61.10
N ALA F 266 -41.48 -31.66 61.89
CA ALA F 266 -42.34 -30.52 61.55
C ALA F 266 -41.54 -29.21 61.51
N GLN F 267 -40.64 -28.99 62.51
CA GLN F 267 -39.81 -27.80 62.57
C GLN F 267 -38.83 -27.75 61.40
N ALA F 268 -38.20 -28.91 61.07
CA ALA F 268 -37.25 -29.00 59.96
C ALA F 268 -37.92 -28.63 58.63
N ARG F 269 -39.16 -29.09 58.42
CA ARG F 269 -39.92 -28.78 57.19
C ARG F 269 -40.26 -27.29 57.11
N GLU F 270 -40.61 -26.67 58.26
CA GLU F 270 -40.91 -25.24 58.34
C GLU F 270 -39.65 -24.38 58.05
N ILE F 271 -38.48 -24.77 58.63
CA ILE F 271 -37.22 -24.06 58.43
C ILE F 271 -36.78 -24.14 56.96
N MSE F 272 -36.98 -25.31 56.33
CA MSE F 272 -36.56 -25.49 54.95
CA MSE F 272 -36.63 -25.60 54.93
C MSE F 272 -37.64 -25.04 53.95
O MSE F 272 -37.43 -25.10 52.75
CB MSE F 272 -36.11 -26.95 54.71
CB MSE F 272 -36.52 -27.12 54.72
CG MSE F 272 -35.25 -27.49 55.88
CG MSE F 272 -35.33 -27.75 55.38
SE MSE F 272 -34.16 -29.03 55.50
SE MSE F 272 -33.69 -27.09 54.66
CE MSE F 272 -32.87 -28.22 54.52
CE MSE F 272 -32.53 -28.49 55.32
N SER F 273 -38.78 -24.50 54.48
CA SER F 273 -39.91 -23.97 53.66
C SER F 273 -40.53 -25.08 52.78
N LEU F 274 -40.64 -26.31 53.33
CA LEU F 274 -41.24 -27.46 52.65
C LEU F 274 -42.71 -27.61 53.04
N GLY F 275 -43.49 -28.29 52.19
CA GLY F 275 -44.89 -28.59 52.47
C GLY F 275 -45.07 -29.63 53.56
ZN ZN G . 27.13 28.73 -33.84
C1 EDO H . 11.12 12.41 -44.70
O1 EDO H . 10.68 12.35 -43.34
C2 EDO H . 10.93 13.83 -45.24
O2 EDO H . 11.72 14.76 -44.49
C1 EDO I . 19.89 51.82 -39.53
O1 EDO I . 19.70 50.40 -39.49
C2 EDO I . 19.28 52.45 -38.29
O2 EDO I . 17.88 52.21 -38.26
ZN ZN J . 32.94 -4.41 -29.67
ZN ZN K . 1.70 6.34 -0.39
C1 EDO L . -1.23 8.05 -0.15
O1 EDO L . -1.00 6.88 0.63
C2 EDO L . -2.56 7.96 -0.86
O2 EDO L . -3.63 8.18 0.07
C1 EDO M . 14.06 12.60 -15.00
O1 EDO M . 14.86 12.20 -13.89
C2 EDO M . 13.14 13.73 -14.57
O2 EDO M . 12.29 13.26 -13.51
C1 EDO N . 2.49 2.25 -4.84
O1 EDO N . 3.80 2.68 -4.44
C2 EDO N . 1.45 3.21 -4.30
O2 EDO N . 1.55 3.26 -2.87
C1 EDO O . 14.39 0.20 -18.44
O1 EDO O . 14.52 -1.18 -18.04
C2 EDO O . 13.52 0.29 -19.67
O2 EDO O . 13.52 1.64 -20.15
C ACT P . 1.17 8.59 -2.80
O ACT P . 1.04 7.74 -3.67
OXT ACT P . 1.58 8.29 -1.67
CH3 ACT P . 0.85 10.02 -3.12
C ACT Q . -13.04 31.86 -3.44
O ACT Q . -12.84 32.14 -4.60
OXT ACT Q . -13.82 30.96 -3.16
CH3 ACT Q . -12.35 32.63 -2.33
ZN ZN R . -27.13 11.28 -17.08
C1 EDO S . -23.32 10.76 -16.97
O1 EDO S . -23.55 10.82 -15.56
C2 EDO S . -24.10 9.59 -17.55
O2 EDO S . -25.50 9.89 -17.56
C1 EDO T . -29.56 30.02 -11.16
O1 EDO T . -29.04 28.78 -11.62
C2 EDO T . -30.87 29.76 -10.43
O2 EDO T . -31.89 29.39 -11.38
C1 EDO U . -25.42 8.16 -14.07
O1 EDO U . -24.51 9.17 -13.65
C2 EDO U . -25.98 7.43 -12.86
O2 EDO U . -24.90 6.88 -12.10
C ACT V . -24.68 13.95 -15.88
O ACT V . -23.90 14.77 -16.41
OXT ACT V . -25.44 13.24 -16.58
CH3 ACT V . -24.71 13.83 -14.38
ZN ZN W . -4.49 -18.76 28.56
C1 EDO X . -2.86 -32.53 44.05
O1 EDO X . -3.02 -33.88 43.60
C2 EDO X . -3.05 -31.57 42.87
O2 EDO X . -4.32 -31.80 42.26
ZN ZN Y . -23.91 -37.76 48.85
#